data_6DFH
#
_entry.id   6DFH
#
_cell.length_a   1.0
_cell.length_b   1.0
_cell.length_c   1.0
_cell.angle_alpha   90.00
_cell.angle_beta   90.00
_cell.angle_gamma   90.00
#
_symmetry.space_group_name_H-M   'P 1'
#
loop_
_entity.id
_entity.type
_entity.pdbx_description
1 polymer 'Envelope glycoprotein gp160'
2 polymer 'Envelope glycoprotein gp160'
3 polymer 'germline-reverted BG18 fragment antigen binding heavy chain'
4 polymer 'germline-reverted BG18 fragment antigen binding light chain'
5 branched 2-acetamido-2-deoxy-beta-D-glucopyranose-(1-4)-2-acetamido-2-deoxy-beta-D-glucopyranose
6 branched alpha-D-mannopyranose-(1-2)-alpha-D-mannopyranose-(1-3)-beta-D-mannopyranose-(1-4)-2-acetamido-2-deoxy-beta-D-glucopyranose-(1-4)-2-acetamido-2-deoxy-beta-D-glucopyranose
7 branched alpha-D-mannopyranose-(1-2)-alpha-D-mannopyranose-(1-2)-alpha-D-mannopyranose-(1-3)-[alpha-D-mannopyranose-(1-6)]beta-D-mannopyranose-(1-4)-2-acetamido-2-deoxy-beta-D-glucopyranose-(1-4)-2-acetamido-2-deoxy-beta-D-glucopyranose
8 non-polymer 2-acetamido-2-deoxy-beta-D-glucopyranose
#
loop_
_entity_poly.entity_id
_entity_poly.type
_entity_poly.pdbx_seq_one_letter_code
_entity_poly.pdbx_strand_id
1 'polypeptide(L)'
;AENLWVTVYYGVPVWKDAETTLFCASDAKAYETEKHNVWATHECVPTDPNPQEIHLENVTEEFNMWKNNMVEQMHTDIIE
LWDQSLKPCVKLTPLCVTLQCTNYAPKLRSMMRGEIKNCSFNMTTELRDKKQKVYSLFYRLDVVQINENQGNRSNNSNKE
YRLINCNTSAITQACPKVSFEPIPIHYCAPAGFAILKCKDKKFNGTGPCPSVSTVQCTHGIKPVVSTQLLLNGSLAEEEV
IIRSENITNNAKNILVQLNTPVQINCTRPNNNTVKSIRIGPGQAFYYFGDVLGDVRMAHCNISKATWNETLGKVVKQLRK
HFGNNTIIRFAQSSGGDLEVTTHSFNCGGEFFYCNTSGLFNSTWISNTSVQGSNSTGSNDSLILPCRIKQIINMWQRIGQ
AMYAPPIQGVIRCVSNITGLILTRDGGSTNSTTETFRPGGGDMRDNWRSELYKYKVVKIEPLGVAPTRCKRRVVGR
;
A,C,D
2 'polypeptide(L)'
;AVGIGAVSLGFLGAAGSTMGAASMTLTVQARNLLSGIVQQQSNLLRAPEPQQHLLKLTVWGIKQLQARVLAVEHYLRDQQ
LLGIWGCSGKLICCTNVPWNSSWSNRNLSEIWDNMTWLQWDKEISNYTQIIYGLLEESQNQQEKNEQDLLALDGTKHHHH
HH
;
B,E,F
3 'polypeptide(L)'
;QVQLQESGPGLVKPSGTLSLTCAVSGGSISSSNWWSWVRQPPGKGLEWIGEIYHSGSTNYNPSLKSRVTISVDKSKNQFS
LKLSSVTAADTAVYYCARNAITIFGVVIIGEYYYYGMDVWGQGTTVTVSSASTKGPSVFPLAPSSKSTSGGTAALGCLVK
DYFPEPVTVSWNSGALTSGVHTFPAVLQSSGLYSLSSVVTVPSSSLGTQTYICNVNHKPSNTKVDKKVEPKSC
;
H,G,I
4 'polypeptide(L)'
;SYELTQPPSVSVSPGQTARITCSGDALPKQYAYWYQQKPGQAPVLVIYKDSERPSGIPERFSGSSSGTTVTLTISGVQAE
DEADYYCQSADSSGTYWVFGGGTKLTVLGQPKAAPSVTLFPPSSEELQANKATLVCLISDFYPGAVTVAWKADSSPVKAG
VETTTPSKQSNNKYAASSYLSLTPEQWKSHRSYSCQVTHEGSTVEKTVAPTECS
;
L,J,K
#
# COMPACT_ATOMS: atom_id res chain seq x y z
N ASN A 3 36.94 16.37 -56.70
CA ASN A 3 37.19 15.06 -57.29
C ASN A 3 36.41 13.99 -56.56
N LEU A 4 36.22 14.16 -55.26
CA LEU A 4 35.48 13.21 -54.45
C LEU A 4 34.37 13.91 -53.72
N TRP A 5 33.24 13.23 -53.61
CA TRP A 5 32.08 13.77 -52.92
C TRP A 5 31.66 12.81 -51.84
N VAL A 6 30.96 13.33 -50.85
CA VAL A 6 30.57 12.55 -49.68
C VAL A 6 29.43 11.63 -50.06
N THR A 7 29.61 10.34 -49.81
CA THR A 7 28.63 9.32 -50.14
C THR A 7 28.12 8.68 -48.85
N VAL A 8 26.82 8.69 -48.67
CA VAL A 8 26.23 8.22 -47.43
C VAL A 8 26.02 6.72 -47.53
N TYR A 9 25.99 6.06 -46.37
CA TYR A 9 25.81 4.62 -46.28
C TYR A 9 24.86 4.30 -45.15
N TYR A 10 23.90 3.43 -45.41
CA TYR A 10 22.93 3.01 -44.43
C TYR A 10 23.05 1.52 -44.20
N GLY A 11 23.03 1.11 -42.93
CA GLY A 11 23.19 -0.28 -42.61
C GLY A 11 24.62 -0.73 -42.43
N VAL A 12 25.51 0.19 -42.07
CA VAL A 12 26.92 -0.15 -41.87
C VAL A 12 27.06 -1.00 -40.61
N PRO A 13 27.72 -2.14 -40.68
CA PRO A 13 27.99 -2.92 -39.47
C PRO A 13 29.02 -2.27 -38.55
N VAL A 14 28.60 -1.32 -37.71
CA VAL A 14 29.49 -0.68 -36.75
C VAL A 14 28.67 -0.32 -35.51
N TRP A 15 29.33 -0.35 -34.35
CA TRP A 15 28.64 -0.12 -33.10
C TRP A 15 29.45 0.80 -32.21
N LYS A 16 28.84 1.15 -31.08
CA LYS A 16 29.55 1.67 -29.92
C LYS A 16 29.17 0.85 -28.70
N ASP A 17 29.60 1.26 -27.53
CA ASP A 17 29.24 0.60 -26.28
C ASP A 17 28.32 1.50 -25.49
N ALA A 18 27.23 0.94 -24.97
CA ALA A 18 26.25 1.78 -24.29
C ALA A 18 25.46 0.95 -23.30
N GLU A 19 24.79 1.66 -22.41
CA GLU A 19 23.85 1.08 -21.48
C GLU A 19 22.46 1.10 -22.11
N THR A 20 21.67 0.06 -21.84
CA THR A 20 20.30 0.04 -22.29
C THR A 20 19.48 -0.86 -21.38
N THR A 21 18.17 -0.71 -21.48
CA THR A 21 17.27 -1.58 -20.77
C THR A 21 17.23 -2.92 -21.47
N LEU A 22 16.97 -3.97 -20.71
CA LEU A 22 17.11 -5.33 -21.19
C LEU A 22 16.16 -6.23 -20.42
N PHE A 23 15.62 -7.25 -21.08
CA PHE A 23 14.43 -7.90 -20.59
C PHE A 23 14.53 -9.42 -20.64
N CYS A 24 13.54 -10.06 -20.03
CA CYS A 24 13.51 -11.50 -19.79
C CYS A 24 13.34 -12.28 -21.08
N ALA A 25 13.60 -13.58 -20.97
CA ALA A 25 13.28 -14.54 -22.02
C ALA A 25 13.22 -15.91 -21.36
N SER A 26 12.06 -16.53 -21.37
CA SER A 26 11.88 -17.82 -20.72
C SER A 26 11.79 -18.94 -21.74
N ASP A 27 12.18 -20.13 -21.31
CA ASP A 27 11.94 -21.33 -22.08
C ASP A 27 10.56 -21.85 -21.71
N ALA A 28 9.66 -21.86 -22.69
CA ALA A 28 8.23 -22.01 -22.42
C ALA A 28 7.92 -23.44 -21.97
N LYS A 29 7.42 -23.57 -20.75
CA LYS A 29 7.06 -24.84 -20.15
C LYS A 29 5.60 -24.77 -19.70
N ALA A 30 5.11 -25.87 -19.15
CA ALA A 30 3.75 -25.94 -18.64
C ALA A 30 3.84 -26.12 -17.13
N TYR A 31 3.85 -25.00 -16.40
CA TYR A 31 4.10 -25.07 -14.96
C TYR A 31 2.84 -25.41 -14.20
N GLU A 32 1.94 -24.42 -14.09
CA GLU A 32 0.55 -24.56 -13.60
C GLU A 32 0.42 -25.26 -12.24
N THR A 33 1.45 -25.21 -11.40
CA THR A 33 1.40 -25.90 -10.12
C THR A 33 1.51 -24.94 -8.94
N GLU A 34 2.58 -24.14 -8.88
CA GLU A 34 2.75 -23.16 -7.83
C GLU A 34 2.27 -21.79 -8.25
N LYS A 35 1.57 -21.75 -9.38
CA LYS A 35 0.83 -20.68 -10.04
C LYS A 35 1.73 -19.61 -10.64
N HIS A 36 2.84 -19.34 -9.94
CA HIS A 36 3.82 -18.29 -10.18
C HIS A 36 4.90 -18.56 -9.16
N ASN A 37 6.16 -18.53 -9.55
CA ASN A 37 7.19 -18.62 -8.54
C ASN A 37 7.71 -17.22 -8.26
N VAL A 38 8.76 -17.15 -7.44
CA VAL A 38 9.37 -15.86 -7.13
C VAL A 38 9.88 -15.20 -8.39
N TRP A 39 10.53 -15.97 -9.23
CA TRP A 39 10.96 -15.43 -10.51
C TRP A 39 9.76 -15.47 -11.43
N ALA A 40 9.38 -14.32 -11.96
CA ALA A 40 8.17 -14.24 -12.78
C ALA A 40 8.46 -14.83 -14.16
N THR A 41 8.46 -16.16 -14.20
CA THR A 41 8.55 -16.84 -15.49
C THR A 41 7.29 -16.64 -16.30
N HIS A 42 6.14 -16.66 -15.63
CA HIS A 42 4.94 -16.14 -16.23
C HIS A 42 5.09 -14.64 -16.42
N GLU A 43 4.38 -14.10 -17.40
CA GLU A 43 4.56 -12.74 -17.90
C GLU A 43 6.01 -12.49 -18.32
N CYS A 44 6.61 -13.49 -18.95
CA CYS A 44 7.87 -13.34 -19.64
C CYS A 44 7.72 -13.92 -21.03
N VAL A 45 8.44 -13.34 -21.98
CA VAL A 45 8.31 -13.75 -23.38
C VAL A 45 8.94 -15.12 -23.57
N PRO A 46 8.33 -16.02 -24.32
CA PRO A 46 8.99 -17.31 -24.60
C PRO A 46 10.18 -17.13 -25.52
N THR A 47 11.24 -17.88 -25.21
CA THR A 47 12.46 -17.83 -26.00
C THR A 47 12.21 -18.44 -27.37
N ASP A 48 12.72 -17.79 -28.40
CA ASP A 48 12.88 -18.41 -29.70
C ASP A 48 13.76 -19.64 -29.55
N PRO A 49 13.30 -20.83 -29.93
CA PRO A 49 14.15 -22.02 -29.82
C PRO A 49 15.19 -22.16 -30.92
N ASN A 50 15.46 -21.06 -31.64
CA ASN A 50 16.48 -20.98 -32.68
C ASN A 50 17.67 -20.23 -32.11
N PRO A 51 18.69 -20.90 -31.59
CA PRO A 51 19.86 -20.18 -31.08
C PRO A 51 20.71 -19.62 -32.20
N GLN A 52 20.28 -18.48 -32.74
CA GLN A 52 21.01 -17.82 -33.82
C GLN A 52 22.28 -17.23 -33.22
N GLU A 53 23.41 -17.88 -33.44
CA GLU A 53 24.68 -17.46 -32.87
C GLU A 53 25.64 -17.22 -34.02
N ILE A 54 25.80 -15.96 -34.41
CA ILE A 54 26.52 -15.60 -35.62
C ILE A 54 27.97 -15.31 -35.27
N HIS A 55 28.89 -16.05 -35.87
CA HIS A 55 30.30 -15.88 -35.56
C HIS A 55 30.83 -14.63 -36.23
N LEU A 56 31.82 -14.02 -35.59
CA LEU A 56 32.49 -12.83 -36.10
C LEU A 56 33.91 -13.22 -36.50
N GLU A 57 34.25 -12.98 -37.74
CA GLU A 57 35.57 -13.34 -38.24
C GLU A 57 36.56 -12.22 -37.98
N ASN A 58 37.80 -12.64 -37.70
CA ASN A 58 39.06 -11.87 -37.66
C ASN A 58 38.92 -10.46 -37.09
N VAL A 59 38.22 -10.36 -35.98
CA VAL A 59 37.99 -9.07 -35.32
C VAL A 59 38.13 -9.29 -33.82
N THR A 60 38.71 -8.32 -33.14
CA THR A 60 38.97 -8.40 -31.70
C THR A 60 38.30 -7.23 -30.99
N GLU A 61 38.10 -7.41 -29.70
CA GLU A 61 37.50 -6.37 -28.86
C GLU A 61 37.85 -6.62 -27.41
N GLU A 62 38.43 -5.63 -26.76
CA GLU A 62 38.77 -5.75 -25.35
C GLU A 62 37.53 -5.53 -24.49
N PHE A 63 37.29 -6.47 -23.59
CA PHE A 63 36.13 -6.42 -22.71
C PHE A 63 36.56 -5.89 -21.35
N ASN A 64 35.62 -5.90 -20.41
CA ASN A 64 35.93 -5.71 -19.00
C ASN A 64 34.81 -6.36 -18.22
N MET A 65 35.13 -7.43 -17.50
CA MET A 65 34.15 -8.04 -16.60
C MET A 65 33.95 -7.25 -15.33
N TRP A 66 34.64 -6.14 -15.15
CA TRP A 66 34.52 -5.38 -13.91
C TRP A 66 33.73 -4.10 -14.10
N LYS A 67 33.23 -3.84 -15.30
CA LYS A 67 32.40 -2.66 -15.54
C LYS A 67 31.13 -3.01 -16.29
N ASN A 68 30.67 -4.25 -16.19
CA ASN A 68 29.41 -4.62 -16.83
C ASN A 68 28.25 -4.01 -16.07
N ASN A 69 27.59 -3.06 -16.71
CA ASN A 69 26.34 -2.52 -16.19
C ASN A 69 25.21 -3.54 -16.20
N MET A 70 25.36 -4.63 -16.96
CA MET A 70 24.41 -5.73 -16.88
C MET A 70 24.35 -6.33 -15.50
N VAL A 71 25.46 -6.30 -14.76
CA VAL A 71 25.43 -6.69 -13.36
C VAL A 71 24.49 -5.78 -12.58
N GLU A 72 24.66 -4.47 -12.76
CA GLU A 72 23.90 -3.54 -11.95
C GLU A 72 22.43 -3.49 -12.36
N GLN A 73 22.13 -3.81 -13.61
CA GLN A 73 20.73 -3.92 -13.98
C GLN A 73 20.10 -5.15 -13.34
N MET A 74 20.80 -6.28 -13.38
CA MET A 74 20.19 -7.50 -12.90
C MET A 74 20.13 -7.52 -11.38
N HIS A 75 21.18 -7.02 -10.72
CA HIS A 75 21.18 -6.97 -9.26
C HIS A 75 20.12 -6.02 -8.75
N THR A 76 19.76 -5.01 -9.53
CA THR A 76 18.57 -4.24 -9.21
C THR A 76 17.32 -5.09 -9.30
N ASP A 77 17.23 -5.92 -10.33
CA ASP A 77 15.99 -6.62 -10.62
C ASP A 77 15.75 -7.76 -9.65
N ILE A 78 16.81 -8.44 -9.24
CA ILE A 78 16.66 -9.58 -8.35
C ILE A 78 16.18 -9.13 -6.99
N ILE A 79 16.66 -7.98 -6.53
CA ILE A 79 16.14 -7.39 -5.32
C ILE A 79 14.69 -7.00 -5.52
N GLU A 80 14.38 -6.49 -6.70
CA GLU A 80 13.07 -5.89 -6.89
C GLU A 80 12.01 -6.96 -7.12
N LEU A 81 12.33 -8.02 -7.86
CA LEU A 81 11.39 -9.12 -8.02
C LEU A 81 11.12 -9.80 -6.71
N TRP A 82 12.16 -9.97 -5.90
CA TRP A 82 12.02 -10.51 -4.56
C TRP A 82 11.10 -9.66 -3.74
N ASP A 83 11.24 -8.35 -3.84
CA ASP A 83 10.39 -7.45 -3.09
C ASP A 83 8.98 -7.45 -3.65
N GLN A 84 8.84 -7.67 -4.95
CA GLN A 84 7.53 -7.55 -5.57
C GLN A 84 6.65 -8.73 -5.21
N SER A 85 7.19 -9.94 -5.23
CA SER A 85 6.38 -11.09 -4.88
C SER A 85 6.14 -11.19 -3.38
N LEU A 86 7.04 -10.63 -2.58
CA LEU A 86 6.92 -10.74 -1.14
C LEU A 86 5.83 -9.83 -0.58
N LYS A 87 5.40 -8.84 -1.37
CA LYS A 87 4.50 -7.81 -0.85
C LYS A 87 3.12 -8.33 -0.43
N PRO A 88 2.32 -9.04 -1.28
CA PRO A 88 0.91 -9.22 -0.89
C PRO A 88 0.62 -10.28 0.16
N CYS A 89 1.60 -10.75 0.91
CA CYS A 89 1.32 -11.80 1.88
C CYS A 89 1.24 -11.24 3.30
N VAL A 90 1.16 -12.16 4.27
CA VAL A 90 0.76 -11.83 5.62
C VAL A 90 1.90 -11.15 6.36
N LYS A 91 1.60 -10.01 6.98
CA LYS A 91 2.56 -9.33 7.84
C LYS A 91 2.42 -9.87 9.25
N LEU A 92 3.50 -10.38 9.81
CA LEU A 92 3.47 -10.91 11.17
C LEU A 92 3.87 -9.84 12.18
N THR A 93 3.12 -8.75 12.13
CA THR A 93 3.26 -7.70 13.14
C THR A 93 3.01 -8.18 14.57
N PRO A 94 1.90 -8.85 14.93
CA PRO A 94 1.71 -9.18 16.34
C PRO A 94 2.54 -10.35 16.83
N LEU A 95 3.44 -10.88 16.02
CA LEU A 95 4.27 -11.98 16.45
C LEU A 95 5.30 -11.55 17.49
N CYS A 96 5.75 -10.30 17.43
CA CYS A 96 6.85 -9.82 18.25
C CYS A 96 6.37 -9.64 19.69
N VAL A 97 6.34 -10.76 20.43
CA VAL A 97 5.85 -10.77 21.79
C VAL A 97 6.92 -11.29 22.73
N THR A 98 6.58 -11.46 24.00
CA THR A 98 7.47 -12.07 24.97
C THR A 98 7.30 -13.57 24.94
N LEU A 99 8.41 -14.29 24.78
CA LEU A 99 8.36 -15.74 24.57
C LEU A 99 8.81 -16.46 25.83
N GLN A 100 7.94 -17.32 26.36
CA GLN A 100 8.33 -18.30 27.35
C GLN A 100 8.82 -19.53 26.63
N CYS A 101 10.08 -19.90 26.85
CA CYS A 101 10.66 -20.98 26.07
C CYS A 101 11.51 -21.88 26.96
N THR A 102 11.77 -23.07 26.42
CA THR A 102 12.72 -24.01 26.99
C THR A 102 13.24 -24.91 25.88
N ASN A 103 14.21 -25.75 26.23
CA ASN A 103 14.83 -26.61 25.24
C ASN A 103 13.90 -27.76 24.89
N TYR A 104 14.08 -28.31 23.69
CA TYR A 104 13.16 -29.31 23.21
C TYR A 104 13.58 -30.74 23.52
N ALA A 105 14.83 -31.07 23.30
CA ALA A 105 15.34 -32.37 23.71
C ALA A 105 16.37 -32.15 24.80
N PRO A 106 15.93 -32.03 26.06
CA PRO A 106 16.85 -31.58 27.11
C PRO A 106 17.88 -32.61 27.48
N LYS A 107 17.64 -33.87 27.18
CA LYS A 107 18.57 -34.94 27.46
C LYS A 107 19.12 -35.38 26.12
N LEU A 108 20.22 -34.77 25.71
CA LEU A 108 20.81 -35.07 24.42
C LEU A 108 22.30 -34.75 24.47
N ARG A 109 23.10 -35.64 23.91
CA ARG A 109 24.55 -35.49 23.96
C ARG A 109 25.15 -34.97 22.67
N SER A 110 24.40 -34.97 21.57
CA SER A 110 24.98 -34.74 20.26
C SER A 110 25.25 -33.26 20.03
N MET A 111 25.53 -32.91 18.78
CA MET A 111 25.70 -31.51 18.43
C MET A 111 24.38 -30.74 18.48
N MET A 112 23.26 -31.43 18.31
CA MET A 112 21.96 -30.79 18.32
C MET A 112 21.45 -30.49 19.72
N ARG A 113 22.28 -30.59 20.76
CA ARG A 113 21.78 -30.31 22.09
C ARG A 113 21.59 -28.82 22.28
N GLY A 114 20.50 -28.47 22.94
CA GLY A 114 20.14 -27.08 23.16
C GLY A 114 19.92 -26.30 21.88
N GLU A 115 19.41 -26.93 20.85
CA GLU A 115 19.29 -26.28 19.55
C GLU A 115 17.86 -25.89 19.20
N ILE A 116 16.96 -26.82 19.23
CA ILE A 116 15.56 -26.54 18.98
C ILE A 116 14.91 -26.17 20.30
N LYS A 117 14.10 -25.13 20.30
CA LYS A 117 13.50 -24.64 21.53
C LYS A 117 11.99 -24.62 21.44
N ASN A 118 11.36 -25.40 22.30
CA ASN A 118 9.92 -25.29 22.55
C ASN A 118 9.61 -23.92 23.15
N CYS A 119 8.50 -23.34 22.75
CA CYS A 119 8.17 -21.97 23.13
C CYS A 119 6.67 -21.80 23.35
N SER A 120 6.30 -20.63 23.90
CA SER A 120 4.93 -20.35 24.27
C SER A 120 4.56 -18.90 23.98
N PHE A 121 3.28 -18.67 23.68
CA PHE A 121 2.79 -17.39 23.17
C PHE A 121 1.58 -16.90 23.97
N ASN A 122 1.15 -15.70 23.59
CA ASN A 122 -0.23 -15.24 23.68
C ASN A 122 -0.52 -14.58 22.34
N MET A 123 -0.99 -15.35 21.38
CA MET A 123 -1.21 -14.85 20.04
C MET A 123 -2.62 -14.32 19.86
N THR A 124 -2.74 -13.16 19.25
CA THR A 124 -4.03 -12.57 18.95
C THR A 124 -4.74 -13.39 17.87
N THR A 125 -5.97 -13.79 18.16
CA THR A 125 -6.76 -14.56 17.21
C THR A 125 -7.42 -13.61 16.21
N GLU A 126 -8.36 -14.15 15.43
CA GLU A 126 -9.07 -13.34 14.47
C GLU A 126 -10.07 -12.40 15.13
N LEU A 127 -10.49 -12.71 16.34
CA LEU A 127 -11.32 -11.76 17.06
C LEU A 127 -10.44 -10.73 17.75
N ARG A 128 -11.05 -9.59 18.06
CA ARG A 128 -10.29 -8.50 18.65
C ARG A 128 -9.95 -8.76 20.10
N ASP A 129 -10.83 -9.42 20.84
CA ASP A 129 -10.67 -9.59 22.28
C ASP A 129 -10.44 -11.04 22.67
N LYS A 130 -9.87 -11.83 21.79
CA LYS A 130 -9.57 -13.22 22.09
C LYS A 130 -8.11 -13.50 21.80
N LYS A 131 -7.41 -14.04 22.77
CA LYS A 131 -6.02 -14.41 22.62
C LYS A 131 -5.91 -15.92 22.78
N GLN A 132 -4.69 -16.42 22.69
CA GLN A 132 -4.52 -17.85 22.47
C GLN A 132 -3.10 -18.25 22.86
N LYS A 133 -2.97 -19.27 23.70
CA LYS A 133 -1.67 -19.77 24.09
C LYS A 133 -1.22 -20.83 23.08
N VAL A 134 -0.04 -20.62 22.51
CA VAL A 134 0.43 -21.36 21.35
C VAL A 134 1.77 -21.96 21.67
N TYR A 135 1.91 -23.27 21.46
CA TYR A 135 3.19 -23.94 21.63
C TYR A 135 3.82 -24.14 20.27
N SER A 136 5.10 -23.79 20.15
CA SER A 136 5.80 -23.87 18.88
C SER A 136 7.25 -24.20 19.10
N LEU A 137 7.98 -24.32 18.00
CA LEU A 137 9.38 -24.70 18.03
C LEU A 137 10.19 -23.67 17.27
N PHE A 138 11.40 -23.38 17.76
CA PHE A 138 12.26 -22.41 17.10
C PHE A 138 13.70 -22.85 17.24
N TYR A 139 14.59 -22.08 16.63
CA TYR A 139 16.00 -22.39 16.58
C TYR A 139 16.80 -21.40 17.40
N ARG A 140 18.06 -21.77 17.64
CA ARG A 140 18.97 -20.89 18.36
C ARG A 140 19.23 -19.61 17.61
N LEU A 141 19.28 -19.69 16.28
CA LEU A 141 19.63 -18.54 15.47
C LEU A 141 18.43 -17.70 15.11
N ASP A 142 17.38 -17.73 15.94
CA ASP A 142 16.20 -16.94 15.68
C ASP A 142 15.78 -16.16 16.92
N VAL A 143 16.13 -16.66 18.08
CA VAL A 143 15.69 -16.04 19.32
C VAL A 143 16.88 -15.44 20.04
N VAL A 144 16.59 -14.47 20.89
CA VAL A 144 17.60 -13.79 21.70
C VAL A 144 17.08 -13.73 23.12
N GLN A 145 17.97 -13.99 24.09
CA GLN A 145 17.61 -13.85 25.49
C GLN A 145 17.31 -12.40 25.84
N ILE A 146 16.62 -12.21 26.96
CA ILE A 146 16.27 -10.87 27.41
C ILE A 146 16.93 -10.62 28.77
N ASN A 147 17.11 -11.70 29.54
CA ASN A 147 17.56 -11.69 30.94
C ASN A 147 16.66 -10.81 31.80
N ASN A 158 12.72 -20.90 32.48
CA ASN A 158 12.02 -20.40 31.31
C ASN A 158 12.28 -18.91 31.12
N LYS A 159 13.52 -18.58 30.81
CA LYS A 159 13.90 -17.19 30.63
C LYS A 159 13.29 -16.64 29.35
N GLU A 160 12.99 -15.35 29.38
CA GLU A 160 12.22 -14.72 28.32
C GLU A 160 13.06 -14.56 27.07
N TYR A 161 12.54 -15.03 25.95
CA TYR A 161 13.25 -14.90 24.69
C TYR A 161 12.50 -13.96 23.77
N ARG A 162 13.19 -13.54 22.73
CA ARG A 162 12.68 -12.53 21.82
C ARG A 162 13.37 -12.73 20.49
N LEU A 163 12.64 -12.43 19.41
CA LEU A 163 13.14 -12.74 18.09
C LEU A 163 14.20 -11.72 17.67
N ILE A 164 14.84 -11.95 16.53
CA ILE A 164 15.97 -11.10 16.16
C ILE A 164 15.48 -9.79 15.56
N ASN A 165 14.61 -9.90 14.57
CA ASN A 165 13.94 -8.85 13.80
C ASN A 165 13.51 -7.58 14.54
N CYS A 166 12.99 -7.76 15.76
CA CYS A 166 12.37 -6.69 16.52
C CYS A 166 13.37 -5.62 16.94
N ASN A 167 14.64 -5.96 16.93
CA ASN A 167 15.69 -4.97 16.96
C ASN A 167 15.53 -4.01 15.78
N THR A 168 15.40 -4.56 14.57
CA THR A 168 15.53 -3.78 13.36
C THR A 168 14.30 -3.78 12.47
N SER A 169 13.79 -4.94 12.09
CA SER A 169 12.96 -5.02 10.89
C SER A 169 11.57 -5.52 11.22
N ALA A 170 10.75 -5.67 10.18
CA ALA A 170 9.43 -6.25 10.26
C ALA A 170 9.41 -7.57 9.50
N ILE A 171 8.29 -8.29 9.62
CA ILE A 171 8.22 -9.69 9.22
C ILE A 171 7.09 -9.88 8.22
N THR A 172 7.41 -10.56 7.12
CA THR A 172 6.42 -10.95 6.13
C THR A 172 6.40 -12.46 6.02
N GLN A 173 5.21 -13.04 6.09
CA GLN A 173 5.03 -14.44 5.75
C GLN A 173 5.38 -14.67 4.28
N ALA A 174 6.04 -15.78 3.99
CA ALA A 174 6.67 -15.98 2.69
C ALA A 174 5.80 -16.74 1.72
N CYS A 175 4.48 -16.55 1.77
CA CYS A 175 3.53 -16.92 0.71
C CYS A 175 3.53 -18.42 0.41
N PRO A 176 3.01 -19.26 1.28
CA PRO A 176 3.32 -20.69 1.22
C PRO A 176 2.64 -21.46 0.10
N LYS A 177 2.69 -20.93 -1.10
CA LYS A 177 2.39 -21.68 -2.31
C LYS A 177 3.42 -21.49 -3.39
N VAL A 178 4.23 -20.44 -3.31
CA VAL A 178 5.24 -20.17 -4.32
C VAL A 178 6.44 -21.05 -4.07
N SER A 179 7.36 -21.10 -5.01
CA SER A 179 8.58 -21.86 -4.83
C SER A 179 9.78 -20.92 -4.87
N PHE A 180 10.97 -21.52 -4.88
CA PHE A 180 12.20 -20.75 -4.95
C PHE A 180 13.20 -21.37 -5.92
N GLU A 181 12.76 -22.29 -6.75
CA GLU A 181 13.70 -22.99 -7.62
C GLU A 181 14.21 -22.05 -8.69
N PRO A 182 15.51 -21.90 -8.84
CA PRO A 182 16.04 -20.94 -9.79
C PRO A 182 15.84 -21.37 -11.23
N ILE A 183 14.87 -20.74 -11.88
CA ILE A 183 14.60 -21.03 -13.29
C ILE A 183 15.70 -20.45 -14.14
N PRO A 184 16.17 -21.16 -15.16
CA PRO A 184 17.11 -20.54 -16.11
C PRO A 184 16.48 -19.37 -16.82
N ILE A 185 17.17 -18.24 -16.81
CA ILE A 185 16.68 -17.00 -17.38
C ILE A 185 17.56 -16.63 -18.54
N HIS A 186 16.95 -16.32 -19.67
CA HIS A 186 17.66 -15.72 -20.79
C HIS A 186 17.37 -14.23 -20.81
N TYR A 187 18.29 -13.48 -21.40
CA TYR A 187 18.23 -12.03 -21.49
C TYR A 187 18.27 -11.59 -22.94
N CYS A 188 17.12 -11.27 -23.51
CA CYS A 188 17.07 -10.74 -24.86
C CYS A 188 17.25 -9.23 -24.82
N ALA A 189 18.15 -8.74 -25.64
CA ALA A 189 18.36 -7.32 -25.83
C ALA A 189 17.31 -6.77 -26.79
N PRO A 190 16.96 -5.49 -26.68
CA PRO A 190 15.99 -4.92 -27.62
C PRO A 190 16.60 -4.71 -28.99
N ALA A 191 15.74 -4.34 -29.92
CA ALA A 191 16.15 -4.10 -31.30
C ALA A 191 17.06 -2.88 -31.37
N GLY A 192 17.90 -2.86 -32.41
CA GLY A 192 18.91 -1.83 -32.48
C GLY A 192 20.03 -2.02 -31.50
N PHE A 193 20.20 -3.23 -30.97
CA PHE A 193 21.27 -3.53 -30.05
C PHE A 193 21.74 -4.95 -30.30
N ALA A 194 22.87 -5.27 -29.70
CA ALA A 194 23.38 -6.63 -29.79
C ALA A 194 24.18 -6.93 -28.54
N ILE A 195 24.43 -8.21 -28.32
CA ILE A 195 25.18 -8.67 -27.17
C ILE A 195 26.40 -9.40 -27.69
N LEU A 196 27.57 -8.94 -27.33
CA LEU A 196 28.77 -9.61 -27.78
C LEU A 196 29.06 -10.82 -26.92
N LYS A 197 29.89 -11.71 -27.46
CA LYS A 197 30.27 -12.92 -26.76
C LYS A 197 31.75 -13.13 -26.94
N CYS A 198 32.45 -13.47 -25.86
CA CYS A 198 33.91 -13.60 -25.94
C CYS A 198 34.31 -14.87 -26.67
N LYS A 199 33.92 -16.02 -26.13
CA LYS A 199 34.13 -17.39 -26.62
C LYS A 199 35.61 -17.80 -26.56
N ASP A 200 36.51 -16.91 -26.17
CA ASP A 200 37.91 -17.27 -26.04
C ASP A 200 38.11 -18.05 -24.75
N LYS A 201 38.71 -19.21 -24.88
CA LYS A 201 39.11 -19.98 -23.72
C LYS A 201 40.24 -19.26 -23.00
N LYS A 202 40.31 -19.49 -21.68
CA LYS A 202 41.30 -18.88 -20.78
C LYS A 202 41.24 -17.36 -20.83
N PHE A 203 40.04 -16.81 -20.86
CA PHE A 203 39.93 -15.37 -20.94
C PHE A 203 40.28 -14.72 -19.61
N ASN A 204 41.04 -13.64 -19.70
CA ASN A 204 41.68 -13.04 -18.54
C ASN A 204 40.70 -12.34 -17.62
N GLY A 205 39.63 -11.76 -18.18
CA GLY A 205 38.79 -10.82 -17.48
C GLY A 205 38.78 -9.45 -18.11
N THR A 206 39.89 -9.07 -18.73
CA THR A 206 40.01 -7.79 -19.43
C THR A 206 41.04 -7.99 -20.54
N GLY A 207 40.56 -8.17 -21.76
CA GLY A 207 41.44 -8.42 -22.87
C GLY A 207 40.70 -8.56 -24.19
N PRO A 208 41.40 -8.38 -25.29
CA PRO A 208 40.75 -8.57 -26.60
C PRO A 208 40.49 -10.03 -26.92
N CYS A 209 39.23 -10.42 -26.86
CA CYS A 209 38.82 -11.75 -27.29
C CYS A 209 38.93 -11.80 -28.81
N PRO A 210 39.69 -12.72 -29.37
CA PRO A 210 39.75 -12.82 -30.83
C PRO A 210 38.56 -13.57 -31.42
N SER A 211 38.06 -14.57 -30.69
CA SER A 211 37.05 -15.47 -31.23
C SER A 211 35.64 -14.99 -30.92
N VAL A 212 35.34 -13.73 -31.23
CA VAL A 212 34.08 -13.15 -30.80
C VAL A 212 32.94 -13.61 -31.72
N SER A 213 31.74 -13.51 -31.18
CA SER A 213 30.51 -13.75 -31.90
C SER A 213 29.44 -12.95 -31.19
N THR A 214 28.23 -12.94 -31.73
CA THR A 214 27.18 -12.18 -31.06
C THR A 214 25.85 -12.88 -31.23
N VAL A 215 24.95 -12.60 -30.28
CA VAL A 215 23.60 -13.11 -30.28
C VAL A 215 22.64 -11.99 -29.92
N GLN A 216 21.36 -12.28 -30.04
CA GLN A 216 20.33 -11.40 -29.52
C GLN A 216 20.02 -11.66 -28.06
N CYS A 217 20.33 -12.84 -27.56
CA CYS A 217 19.69 -13.28 -26.32
C CYS A 217 20.56 -14.35 -25.71
N THR A 218 20.95 -14.16 -24.45
CA THR A 218 21.98 -15.00 -23.87
C THR A 218 21.44 -16.38 -23.50
N HIS A 219 22.35 -17.22 -23.04
CA HIS A 219 22.02 -18.58 -22.64
C HIS A 219 21.41 -18.56 -21.25
N GLY A 220 21.17 -19.74 -20.68
CA GLY A 220 20.45 -19.83 -19.44
C GLY A 220 21.27 -19.32 -18.27
N ILE A 221 20.61 -18.61 -17.37
CA ILE A 221 21.23 -18.14 -16.15
C ILE A 221 20.32 -18.53 -14.99
N LYS A 222 20.87 -19.27 -14.04
CA LYS A 222 20.11 -19.66 -12.87
C LYS A 222 20.46 -18.72 -11.73
N PRO A 223 19.60 -17.82 -11.33
CA PRO A 223 19.94 -16.82 -10.31
C PRO A 223 19.92 -17.42 -8.91
N VAL A 224 20.90 -18.21 -8.62
CA VAL A 224 20.98 -18.86 -7.32
C VAL A 224 21.69 -17.92 -6.37
N VAL A 225 21.28 -17.95 -5.11
CA VAL A 225 21.95 -17.18 -4.06
C VAL A 225 22.85 -18.14 -3.30
N SER A 226 24.13 -17.78 -3.20
CA SER A 226 25.07 -18.64 -2.50
C SER A 226 26.23 -17.81 -1.97
N THR A 227 26.76 -18.24 -0.83
CA THR A 227 27.95 -17.67 -0.25
C THR A 227 29.07 -18.69 -0.30
N GLN A 228 30.31 -18.19 -0.38
CA GLN A 228 31.56 -18.93 -0.22
C GLN A 228 31.87 -19.89 -1.37
N LEU A 229 30.90 -20.18 -2.21
CA LEU A 229 31.02 -21.16 -3.27
C LEU A 229 30.00 -20.79 -4.34
N LEU A 230 29.98 -21.54 -5.44
CA LEU A 230 29.07 -21.28 -6.53
C LEU A 230 28.36 -22.57 -6.93
N LEU A 231 27.21 -22.81 -6.32
CA LEU A 231 26.44 -24.01 -6.60
C LEU A 231 25.81 -23.92 -7.97
N ASN A 232 25.56 -25.09 -8.57
CA ASN A 232 24.65 -25.31 -9.70
C ASN A 232 25.03 -24.55 -10.97
N GLY A 233 26.17 -23.89 -11.02
CA GLY A 233 26.46 -22.91 -12.03
C GLY A 233 26.88 -23.50 -13.35
N SER A 234 27.64 -22.72 -14.10
CA SER A 234 28.15 -23.14 -15.40
C SER A 234 29.58 -23.63 -15.25
N LEU A 235 29.93 -24.66 -16.00
CA LEU A 235 31.25 -25.25 -15.92
C LEU A 235 32.25 -24.39 -16.66
N ALA A 236 33.53 -24.70 -16.45
CA ALA A 236 34.56 -24.23 -17.34
C ALA A 236 34.71 -25.26 -18.47
N GLU A 237 35.71 -25.07 -19.33
CA GLU A 237 35.85 -25.93 -20.49
C GLU A 237 37.25 -26.49 -20.69
N GLU A 238 38.28 -25.86 -20.12
CA GLU A 238 39.65 -26.27 -20.33
C GLU A 238 40.34 -26.68 -19.04
N GLU A 239 40.34 -25.80 -18.04
CA GLU A 239 41.08 -26.07 -16.82
C GLU A 239 40.52 -25.17 -15.71
N VAL A 240 41.22 -25.14 -14.58
CA VAL A 240 40.98 -24.15 -13.56
C VAL A 240 41.37 -22.77 -14.08
N ILE A 241 40.44 -21.83 -14.01
CA ILE A 241 40.65 -20.49 -14.49
C ILE A 241 40.55 -19.53 -13.32
N ILE A 242 41.56 -18.71 -13.15
CA ILE A 242 41.59 -17.69 -12.12
C ILE A 242 41.22 -16.35 -12.73
N ARG A 243 40.35 -15.61 -12.06
CA ARG A 243 40.08 -14.23 -12.43
C ARG A 243 40.02 -13.38 -11.18
N SER A 244 40.51 -12.16 -11.30
CA SER A 244 40.27 -11.11 -10.32
C SER A 244 40.52 -9.79 -11.03
N GLU A 245 40.45 -8.70 -10.28
CA GLU A 245 40.68 -7.40 -10.87
C GLU A 245 42.09 -6.90 -10.57
N ASN A 246 42.44 -6.74 -9.30
CA ASN A 246 43.78 -6.33 -8.90
C ASN A 246 44.32 -7.44 -8.02
N ILE A 247 45.11 -8.33 -8.61
CA ILE A 247 45.67 -9.45 -7.87
C ILE A 247 46.67 -9.01 -6.83
N THR A 248 47.23 -7.82 -6.97
CA THR A 248 48.15 -7.30 -5.99
C THR A 248 47.45 -6.55 -4.88
N ASN A 249 46.15 -6.33 -4.98
CA ASN A 249 45.41 -5.68 -3.91
C ASN A 249 44.80 -6.73 -3.00
N ASN A 250 44.65 -6.35 -1.73
CA ASN A 250 43.92 -7.17 -0.77
C ASN A 250 42.45 -6.84 -0.70
N ALA A 251 42.01 -5.77 -1.35
CA ALA A 251 40.60 -5.41 -1.34
C ALA A 251 39.80 -6.14 -2.41
N LYS A 252 40.41 -6.42 -3.56
CA LYS A 252 39.71 -7.16 -4.59
C LYS A 252 39.59 -8.62 -4.20
N ASN A 253 38.45 -9.21 -4.50
CA ASN A 253 38.23 -10.61 -4.20
C ASN A 253 38.78 -11.46 -5.32
N ILE A 254 38.51 -12.76 -5.25
CA ILE A 254 39.14 -13.75 -6.10
C ILE A 254 38.04 -14.60 -6.71
N LEU A 255 38.00 -14.66 -8.03
CA LEU A 255 37.03 -15.48 -8.74
C LEU A 255 37.73 -16.71 -9.29
N VAL A 256 37.20 -17.88 -8.93
CA VAL A 256 37.77 -19.15 -9.35
C VAL A 256 36.69 -19.90 -10.13
N GLN A 257 37.04 -20.41 -11.29
CA GLN A 257 36.13 -21.27 -12.05
C GLN A 257 36.79 -22.62 -12.26
N LEU A 258 36.02 -23.69 -12.08
CA LEU A 258 36.53 -25.04 -12.12
C LEU A 258 36.07 -25.75 -13.37
N ASN A 259 36.95 -26.58 -13.91
CA ASN A 259 36.65 -27.37 -15.10
C ASN A 259 35.83 -28.61 -14.81
N THR A 260 35.54 -28.89 -13.54
CA THR A 260 34.80 -30.09 -13.19
C THR A 260 34.00 -29.82 -11.93
N PRO A 261 32.81 -30.41 -11.80
CA PRO A 261 32.00 -30.17 -10.60
C PRO A 261 32.31 -31.19 -9.51
N VAL A 262 31.77 -30.92 -8.33
CA VAL A 262 31.81 -31.86 -7.21
C VAL A 262 30.38 -32.09 -6.78
N GLN A 263 29.96 -33.35 -6.79
CA GLN A 263 28.59 -33.68 -6.42
C GLN A 263 28.43 -33.59 -4.92
N ILE A 264 27.71 -32.58 -4.46
CA ILE A 264 27.45 -32.36 -3.05
C ILE A 264 26.06 -32.90 -2.74
N ASN A 265 25.97 -33.72 -1.71
CA ASN A 265 24.68 -34.11 -1.15
C ASN A 265 24.44 -33.30 0.11
N CYS A 266 23.20 -32.88 0.32
CA CYS A 266 22.81 -32.14 1.51
C CYS A 266 21.41 -32.56 1.92
N THR A 267 21.18 -32.62 3.23
CA THR A 267 19.90 -33.12 3.70
C THR A 267 19.52 -32.51 5.04
N ARG A 268 18.22 -32.42 5.27
CA ARG A 268 17.64 -32.04 6.56
C ARG A 268 16.81 -33.24 7.00
N PRO A 269 17.41 -34.18 7.66
CA PRO A 269 16.76 -35.48 7.86
C PRO A 269 15.84 -35.49 9.08
N ASN A 270 14.71 -34.80 8.98
CA ASN A 270 13.76 -34.75 10.07
C ASN A 270 12.34 -34.83 9.51
N ASN A 271 11.54 -35.71 10.07
CA ASN A 271 10.14 -35.85 9.68
C ASN A 271 9.35 -34.88 10.54
N ASN A 272 8.77 -33.86 9.92
CA ASN A 272 8.27 -32.72 10.67
C ASN A 272 6.76 -32.62 10.57
N THR A 273 6.23 -31.57 11.22
CA THR A 273 4.79 -31.33 11.23
C THR A 273 4.57 -29.83 11.23
N VAL A 274 3.69 -29.38 10.34
CA VAL A 274 3.37 -27.96 10.20
C VAL A 274 1.94 -27.76 10.67
N LYS A 275 1.75 -26.83 11.59
CA LYS A 275 0.42 -26.46 12.04
C LYS A 275 0.05 -25.10 11.49
N SER A 276 -1.18 -24.71 11.73
CA SER A 276 -1.70 -23.46 11.18
C SER A 276 -2.65 -22.82 12.17
N ILE A 277 -2.54 -21.51 12.33
CA ILE A 277 -3.39 -20.77 13.25
C ILE A 277 -3.82 -19.48 12.57
N ARG A 278 -5.13 -19.27 12.45
CA ARG A 278 -5.67 -17.98 12.04
C ARG A 278 -5.35 -16.94 13.11
N ILE A 279 -4.60 -15.91 12.74
CA ILE A 279 -4.28 -14.85 13.69
C ILE A 279 -4.99 -13.55 13.36
N GLY A 280 -5.60 -13.45 12.20
CA GLY A 280 -6.40 -12.30 11.86
C GLY A 280 -7.54 -12.73 10.98
N PRO A 281 -8.35 -11.80 10.53
CA PRO A 281 -9.44 -12.15 9.62
C PRO A 281 -8.93 -12.52 8.23
N GLY A 282 -8.33 -13.70 8.12
CA GLY A 282 -7.65 -14.13 6.91
C GLY A 282 -6.18 -14.40 7.11
N GLN A 283 -5.59 -13.82 8.14
CA GLN A 283 -4.18 -14.02 8.41
C GLN A 283 -4.02 -15.33 9.18
N ALA A 284 -3.55 -16.36 8.48
CA ALA A 284 -3.29 -17.65 9.07
C ALA A 284 -1.88 -18.09 8.68
N PHE A 285 -1.01 -18.24 9.66
CA PHE A 285 0.38 -18.50 9.34
C PHE A 285 0.74 -19.92 9.75
N TYR A 286 1.88 -20.37 9.26
CA TYR A 286 2.31 -21.75 9.41
C TYR A 286 3.54 -21.77 10.29
N TYR A 287 3.63 -22.76 11.16
CA TYR A 287 4.76 -22.80 12.08
C TYR A 287 5.19 -24.24 12.31
N PHE A 288 6.42 -24.37 12.77
CA PHE A 288 7.12 -25.65 12.89
C PHE A 288 6.56 -26.36 14.11
N GLY A 289 5.56 -27.20 13.87
CA GLY A 289 4.80 -27.77 14.96
C GLY A 289 5.48 -28.87 15.73
N ASP A 290 5.89 -29.93 15.05
CA ASP A 290 6.39 -31.11 15.77
C ASP A 290 7.32 -31.89 14.85
N VAL A 291 8.16 -32.71 15.48
CA VAL A 291 9.11 -33.56 14.78
C VAL A 291 8.78 -35.01 15.08
N LEU A 292 8.52 -35.79 14.03
CA LEU A 292 8.36 -37.21 14.17
C LEU A 292 9.72 -37.90 14.08
N GLY A 293 9.79 -39.10 14.63
CA GLY A 293 11.10 -39.69 14.81
C GLY A 293 11.82 -38.94 15.92
N ASP A 294 13.14 -38.88 15.81
CA ASP A 294 13.92 -38.12 16.79
C ASP A 294 14.97 -37.29 16.08
N VAL A 295 15.51 -36.33 16.84
CA VAL A 295 16.13 -35.13 16.30
C VAL A 295 17.48 -35.48 15.66
N ARG A 296 17.65 -35.08 14.42
CA ARG A 296 18.87 -35.40 13.71
C ARG A 296 19.47 -34.14 13.10
N MET A 297 20.79 -34.04 13.19
CA MET A 297 21.54 -32.94 12.64
C MET A 297 21.42 -32.90 11.12
N ALA A 298 21.45 -31.70 10.55
CA ALA A 298 21.49 -31.53 9.11
C ALA A 298 22.92 -31.31 8.67
N HIS A 299 23.31 -31.96 7.58
CA HIS A 299 24.71 -32.01 7.20
C HIS A 299 24.84 -32.06 5.69
N CYS A 300 26.08 -32.05 5.21
CA CYS A 300 26.38 -32.19 3.81
C CYS A 300 27.62 -33.05 3.60
N ASN A 301 27.61 -33.87 2.56
CA ASN A 301 28.72 -34.75 2.22
C ASN A 301 29.47 -34.26 1.00
N ILE A 302 30.69 -34.76 0.85
CA ILE A 302 31.58 -34.40 -0.25
C ILE A 302 32.65 -35.48 -0.37
N SER A 303 32.96 -35.87 -1.61
CA SER A 303 34.04 -36.82 -1.86
C SER A 303 35.37 -36.15 -1.57
N LYS A 304 36.06 -36.66 -0.55
CA LYS A 304 37.28 -36.01 -0.08
C LYS A 304 38.41 -36.13 -1.08
N ALA A 305 38.63 -37.32 -1.62
CA ALA A 305 39.74 -37.54 -2.54
C ALA A 305 39.52 -36.81 -3.85
N THR A 306 38.26 -36.68 -4.27
CA THR A 306 37.93 -35.88 -5.44
C THR A 306 38.27 -34.43 -5.18
N TRP A 307 37.98 -33.95 -3.98
CA TRP A 307 38.14 -32.54 -3.68
C TRP A 307 39.60 -32.16 -3.51
N ASN A 308 40.42 -33.06 -2.94
CA ASN A 308 41.85 -32.80 -2.88
C ASN A 308 42.44 -32.78 -4.28
N GLU A 309 42.03 -33.72 -5.12
CA GLU A 309 42.42 -33.71 -6.53
C GLU A 309 41.93 -32.46 -7.21
N THR A 310 40.75 -31.99 -6.83
CA THR A 310 40.24 -30.72 -7.35
C THR A 310 41.07 -29.56 -6.84
N LEU A 311 41.41 -29.58 -5.56
CA LEU A 311 42.16 -28.47 -5.00
C LEU A 311 43.61 -28.50 -5.45
N GLY A 312 44.13 -29.68 -5.80
CA GLY A 312 45.47 -29.76 -6.36
C GLY A 312 45.59 -29.08 -7.70
N LYS A 313 44.49 -29.05 -8.46
CA LYS A 313 44.50 -28.31 -9.71
C LYS A 313 44.54 -26.81 -9.47
N VAL A 314 44.05 -26.37 -8.32
CA VAL A 314 43.89 -24.95 -8.06
C VAL A 314 45.24 -24.30 -7.80
N VAL A 315 46.05 -24.95 -6.97
CA VAL A 315 47.28 -24.34 -6.50
C VAL A 315 48.30 -24.25 -7.63
N LYS A 316 48.23 -25.20 -8.58
CA LYS A 316 49.01 -25.11 -9.81
C LYS A 316 48.65 -23.87 -10.60
N GLN A 317 47.36 -23.54 -10.66
CA GLN A 317 46.96 -22.31 -11.33
C GLN A 317 47.35 -21.09 -10.51
N LEU A 318 47.43 -21.24 -9.19
CA LEU A 318 47.84 -20.13 -8.34
C LEU A 318 49.31 -19.80 -8.52
N ARG A 319 50.15 -20.82 -8.52
CA ARG A 319 51.60 -20.64 -8.55
C ARG A 319 52.13 -20.24 -9.92
N LYS A 320 51.27 -20.09 -10.93
CA LYS A 320 51.71 -19.64 -12.23
C LYS A 320 52.23 -18.21 -12.16
N HIS A 321 51.37 -17.28 -11.75
CA HIS A 321 51.74 -15.87 -11.72
C HIS A 321 51.83 -15.32 -10.31
N PHE A 322 51.79 -16.17 -9.29
CA PHE A 322 51.81 -15.65 -7.93
C PHE A 322 52.34 -16.72 -7.00
N GLY A 323 53.43 -16.41 -6.30
CA GLY A 323 53.93 -17.27 -5.23
C GLY A 323 54.52 -18.59 -5.69
N ASN A 324 55.52 -18.51 -6.58
CA ASN A 324 56.16 -19.72 -7.08
C ASN A 324 57.01 -20.38 -6.00
N ASN A 325 57.94 -19.64 -5.43
CA ASN A 325 58.76 -20.11 -4.33
C ASN A 325 58.20 -19.59 -3.00
N THR A 326 56.97 -20.01 -2.72
CA THR A 326 56.21 -19.47 -1.59
C THR A 326 55.14 -20.47 -1.24
N ILE A 327 55.00 -20.78 0.06
CA ILE A 327 53.99 -21.69 0.52
C ILE A 327 52.60 -21.10 0.33
N ILE A 328 51.61 -21.97 0.19
CA ILE A 328 50.24 -21.56 -0.06
C ILE A 328 49.41 -22.11 1.10
N ARG A 329 48.96 -21.23 1.98
CA ARG A 329 48.29 -21.63 3.19
C ARG A 329 46.83 -21.23 3.12
N PHE A 330 45.94 -22.20 3.27
CA PHE A 330 44.52 -21.96 3.40
C PHE A 330 44.14 -21.90 4.87
N ALA A 331 43.32 -20.91 5.21
CA ALA A 331 42.83 -20.75 6.56
C ALA A 331 41.32 -20.69 6.53
N GLN A 332 40.70 -20.94 7.68
CA GLN A 332 39.27 -20.73 7.80
C GLN A 332 38.97 -19.24 7.71
N SER A 333 37.72 -18.93 7.38
CA SER A 333 37.35 -17.53 7.22
C SER A 333 37.31 -16.82 8.57
N SER A 334 37.38 -15.50 8.51
CA SER A 334 37.69 -14.71 9.70
C SER A 334 36.51 -14.62 10.66
N GLY A 335 35.46 -13.96 10.23
CA GLY A 335 34.34 -13.70 11.11
C GLY A 335 33.53 -12.52 10.63
N GLY A 336 32.44 -12.27 11.36
CA GLY A 336 31.47 -11.28 10.97
C GLY A 336 30.08 -11.88 10.97
N ASP A 337 29.27 -11.55 9.97
CA ASP A 337 27.97 -12.19 9.84
C ASP A 337 28.14 -13.62 9.34
N LEU A 338 27.07 -14.40 9.48
CA LEU A 338 27.11 -15.77 9.00
C LEU A 338 27.15 -15.83 7.50
N GLU A 339 26.55 -14.84 6.84
CA GLU A 339 26.52 -14.81 5.39
C GLU A 339 27.91 -14.58 4.81
N VAL A 340 28.72 -13.75 5.48
CA VAL A 340 30.08 -13.55 5.02
C VAL A 340 31.04 -14.56 5.62
N THR A 341 30.62 -15.33 6.62
CA THR A 341 31.52 -16.32 7.19
C THR A 341 31.32 -17.68 6.54
N THR A 342 30.15 -18.25 6.68
CA THR A 342 29.96 -19.64 6.33
C THR A 342 29.25 -19.77 5.00
N HIS A 343 29.25 -21.00 4.48
CA HIS A 343 28.46 -21.33 3.31
C HIS A 343 26.99 -21.18 3.63
N SER A 344 26.29 -20.45 2.77
CA SER A 344 24.86 -20.24 2.96
C SER A 344 24.16 -20.36 1.62
N PHE A 345 23.04 -21.08 1.62
CA PHE A 345 22.29 -21.29 0.40
C PHE A 345 20.87 -21.70 0.74
N ASN A 346 19.94 -21.29 -0.09
CA ASN A 346 18.61 -21.85 -0.08
C ASN A 346 18.61 -23.11 -0.92
N CYS A 347 17.78 -24.07 -0.53
CA CYS A 347 17.60 -25.25 -1.34
C CYS A 347 16.13 -25.64 -1.38
N GLY A 348 15.29 -24.68 -1.70
CA GLY A 348 13.89 -25.00 -1.89
C GLY A 348 13.13 -25.00 -0.59
N GLY A 349 13.14 -23.87 0.10
CA GLY A 349 12.36 -23.70 1.30
C GLY A 349 13.17 -23.68 2.57
N GLU A 350 14.44 -24.04 2.54
CA GLU A 350 15.25 -24.02 3.74
C GLU A 350 16.58 -23.33 3.48
N PHE A 351 17.06 -22.61 4.48
CA PHE A 351 18.22 -21.77 4.34
C PHE A 351 19.34 -22.35 5.18
N PHE A 352 20.27 -23.01 4.52
CA PHE A 352 21.32 -23.75 5.20
C PHE A 352 22.48 -22.84 5.56
N TYR A 353 23.21 -23.25 6.58
CA TYR A 353 24.43 -22.57 7.02
C TYR A 353 25.40 -23.68 7.42
N CYS A 354 26.22 -24.09 6.47
CA CYS A 354 27.12 -25.21 6.65
C CYS A 354 28.50 -24.68 6.97
N ASN A 355 29.05 -25.11 8.11
CA ASN A 355 30.38 -24.69 8.51
C ASN A 355 31.42 -25.32 7.60
N THR A 356 32.35 -24.52 7.11
CA THR A 356 33.32 -24.95 6.12
C THR A 356 34.76 -24.86 6.62
N SER A 357 34.94 -25.01 7.93
CA SER A 357 36.30 -25.01 8.46
C SER A 357 37.07 -26.27 8.06
N GLY A 358 36.37 -27.33 7.67
CA GLY A 358 37.02 -28.54 7.26
C GLY A 358 37.33 -28.60 5.78
N LEU A 359 37.49 -27.45 5.15
CA LEU A 359 37.95 -27.39 3.77
C LEU A 359 39.07 -26.39 3.56
N PHE A 360 39.57 -25.76 4.61
CA PHE A 360 40.55 -24.71 4.44
C PHE A 360 41.62 -24.85 5.52
N ASN A 361 42.08 -26.07 5.69
CA ASN A 361 43.07 -26.46 6.70
C ASN A 361 44.15 -27.20 5.93
N SER A 362 45.09 -26.45 5.34
CA SER A 362 45.96 -27.05 4.34
C SER A 362 47.08 -26.09 3.96
N THR A 363 48.27 -26.64 3.74
CA THR A 363 49.41 -25.93 3.16
C THR A 363 50.03 -26.79 2.07
N TRP A 364 50.94 -26.19 1.31
CA TRP A 364 51.63 -26.91 0.24
C TRP A 364 53.07 -26.45 0.12
N ILE A 365 53.92 -27.37 -0.33
CA ILE A 365 55.35 -27.18 -0.45
C ILE A 365 55.77 -27.49 -1.88
N SER A 366 56.36 -26.50 -2.55
CA SER A 366 56.96 -26.62 -3.89
C SER A 366 56.00 -27.16 -4.95
N ASP A 380 34.99 -42.76 3.39
CA ASP A 380 36.18 -41.94 3.21
C ASP A 380 35.84 -40.52 2.76
N SER A 381 34.58 -40.16 2.90
CA SER A 381 34.08 -38.86 2.49
C SER A 381 34.28 -37.85 3.61
N LEU A 382 33.65 -36.69 3.49
CA LEU A 382 33.81 -35.61 4.46
C LEU A 382 32.47 -34.96 4.75
N ILE A 383 32.23 -34.66 6.01
CA ILE A 383 30.92 -34.23 6.49
C ILE A 383 31.02 -32.81 7.02
N LEU A 384 30.12 -31.95 6.55
CA LEU A 384 30.04 -30.59 7.04
C LEU A 384 28.80 -30.43 7.89
N PRO A 385 28.92 -29.96 9.13
CA PRO A 385 27.73 -29.68 9.92
C PRO A 385 27.04 -28.42 9.41
N CYS A 386 25.72 -28.43 9.45
CA CYS A 386 24.93 -27.39 8.80
C CYS A 386 23.84 -26.90 9.74
N ARG A 387 23.74 -25.59 9.89
CA ARG A 387 22.66 -24.96 10.64
C ARG A 387 21.64 -24.37 9.69
N ILE A 388 20.44 -24.16 10.20
CA ILE A 388 19.38 -23.51 9.44
C ILE A 388 18.67 -22.50 10.31
N LYS A 389 18.11 -21.49 9.66
CA LYS A 389 17.39 -20.40 10.30
C LYS A 389 15.95 -20.38 9.84
N GLN A 390 15.24 -19.38 10.26
CA GLN A 390 13.91 -19.10 9.74
C GLN A 390 13.78 -17.68 9.24
N ILE A 391 14.40 -16.72 9.90
CA ILE A 391 14.21 -15.31 9.61
C ILE A 391 15.43 -14.82 8.85
N ILE A 392 15.20 -14.35 7.63
CA ILE A 392 16.27 -14.12 6.69
C ILE A 392 16.37 -12.64 6.39
N ASN A 393 17.59 -12.11 6.38
CA ASN A 393 17.84 -10.73 5.97
C ASN A 393 18.57 -10.78 4.64
N MET A 394 17.79 -10.80 3.58
CA MET A 394 18.34 -10.97 2.25
C MET A 394 18.97 -9.68 1.74
N TRP A 395 20.17 -9.79 1.20
CA TRP A 395 20.95 -8.72 0.58
C TRP A 395 21.23 -7.56 1.53
N GLN A 396 21.43 -7.90 2.81
CA GLN A 396 21.96 -6.99 3.83
C GLN A 396 21.07 -5.76 4.05
N ARG A 397 19.79 -5.88 3.74
CA ARG A 397 18.86 -4.77 3.80
C ARG A 397 18.26 -4.73 5.20
N ILE A 398 18.85 -3.90 6.07
CA ILE A 398 18.32 -3.76 7.41
C ILE A 398 17.02 -2.98 7.33
N GLY A 399 15.90 -3.65 7.57
CA GLY A 399 14.60 -3.04 7.38
C GLY A 399 13.61 -4.06 6.84
N GLN A 400 14.14 -5.13 6.25
CA GLN A 400 13.32 -6.18 5.68
C GLN A 400 13.76 -7.52 6.22
N ALA A 401 12.80 -8.37 6.54
CA ALA A 401 13.12 -9.66 7.11
C ALA A 401 12.00 -10.64 6.78
N MET A 402 12.34 -11.67 6.02
CA MET A 402 11.34 -12.63 5.56
C MET A 402 11.32 -13.83 6.48
N TYR A 403 10.13 -14.25 6.87
CA TYR A 403 9.93 -15.48 7.60
C TYR A 403 9.55 -16.58 6.63
N ALA A 404 10.47 -17.50 6.40
CA ALA A 404 10.13 -18.66 5.61
C ALA A 404 9.22 -19.59 6.41
N PRO A 405 8.31 -20.30 5.76
CA PRO A 405 7.51 -21.28 6.45
C PRO A 405 8.28 -22.58 6.56
N PRO A 406 7.96 -23.42 7.53
CA PRO A 406 8.58 -24.74 7.60
C PRO A 406 8.03 -25.66 6.53
N ILE A 407 8.76 -26.74 6.27
CA ILE A 407 8.43 -27.69 5.23
C ILE A 407 8.21 -29.05 5.87
N GLN A 408 7.12 -29.71 5.53
CA GLN A 408 6.93 -31.07 5.99
C GLN A 408 7.87 -32.01 5.26
N GLY A 409 8.10 -33.17 5.85
CA GLY A 409 8.95 -34.16 5.24
C GLY A 409 10.41 -33.83 5.38
N VAL A 410 11.22 -34.53 4.60
CA VAL A 410 12.66 -34.40 4.65
C VAL A 410 13.16 -33.79 3.35
N ILE A 411 14.41 -33.33 3.37
CA ILE A 411 15.01 -32.60 2.28
C ILE A 411 16.18 -33.42 1.76
N ARG A 412 16.31 -33.51 0.44
CA ARG A 412 17.32 -34.37 -0.17
C ARG A 412 18.03 -33.65 -1.31
N CYS A 413 18.57 -32.48 -1.01
CA CYS A 413 19.23 -31.66 -2.01
C CYS A 413 20.53 -32.30 -2.51
N VAL A 414 20.65 -32.39 -3.84
CA VAL A 414 21.86 -32.84 -4.51
C VAL A 414 22.28 -31.73 -5.45
N SER A 415 23.55 -31.37 -5.44
CA SER A 415 23.98 -30.26 -6.27
C SER A 415 25.42 -30.46 -6.70
N ASN A 416 25.79 -29.75 -7.78
CA ASN A 416 27.16 -29.68 -8.21
C ASN A 416 27.87 -28.55 -7.48
N ILE A 417 29.09 -28.25 -7.90
CA ILE A 417 29.76 -27.03 -7.52
C ILE A 417 30.48 -26.53 -8.76
N THR A 418 30.65 -25.24 -8.85
CA THR A 418 31.39 -24.72 -9.99
C THR A 418 32.49 -23.76 -9.61
N GLY A 419 32.27 -22.94 -8.60
CA GLY A 419 33.20 -21.86 -8.38
C GLY A 419 33.69 -21.72 -6.97
N LEU A 420 34.45 -20.66 -6.72
CA LEU A 420 35.03 -20.45 -5.41
C LEU A 420 35.41 -18.98 -5.28
N ILE A 421 35.08 -18.39 -4.13
CA ILE A 421 35.35 -16.99 -3.86
C ILE A 421 36.35 -16.90 -2.73
N LEU A 422 37.49 -16.29 -3.01
CA LEU A 422 38.58 -16.23 -2.05
C LEU A 422 39.01 -14.79 -1.85
N THR A 423 39.91 -14.60 -0.88
CA THR A 423 40.56 -13.33 -0.68
C THR A 423 41.94 -13.60 -0.09
N ARG A 424 42.86 -12.66 -0.31
CA ARG A 424 44.22 -12.78 0.16
C ARG A 424 44.41 -11.87 1.36
N ASP A 425 45.06 -12.39 2.39
CA ASP A 425 45.32 -11.59 3.56
C ASP A 425 46.57 -10.73 3.33
N SER A 431 57.02 -11.10 2.24
CA SER A 431 57.34 -12.39 2.84
C SER A 431 57.07 -13.54 1.89
N THR A 432 57.29 -14.77 2.37
CA THR A 432 57.11 -15.96 1.56
C THR A 432 56.02 -16.86 2.13
N THR A 433 55.02 -16.27 2.77
CA THR A 433 53.85 -16.98 3.24
C THR A 433 52.62 -16.33 2.64
N GLU A 434 51.62 -17.13 2.27
CA GLU A 434 50.40 -16.60 1.68
C GLU A 434 49.17 -17.23 2.33
N THR A 435 48.28 -16.37 2.80
CA THR A 435 47.03 -16.79 3.42
C THR A 435 45.88 -16.48 2.47
N PHE A 436 45.11 -17.50 2.12
CA PHE A 436 43.89 -17.33 1.35
C PHE A 436 42.72 -17.73 2.22
N ARG A 437 41.94 -16.78 2.61
CA ARG A 437 40.73 -17.04 3.35
C ARG A 437 39.52 -17.00 2.42
N PRO A 438 38.49 -17.77 2.70
CA PRO A 438 37.32 -17.80 1.82
C PRO A 438 36.42 -16.61 2.11
N GLY A 439 36.07 -15.86 1.07
CA GLY A 439 35.26 -14.68 1.26
C GLY A 439 33.92 -14.77 0.55
N GLY A 440 33.22 -13.64 0.48
CA GLY A 440 31.93 -13.57 -0.18
C GLY A 440 31.24 -12.25 0.08
N GLY A 441 29.97 -12.31 0.50
CA GLY A 441 29.26 -11.10 0.89
C GLY A 441 28.44 -10.45 -0.20
N ASP A 442 29.11 -9.85 -1.19
CA ASP A 442 28.39 -9.21 -2.28
C ASP A 442 27.78 -10.27 -3.17
N MET A 443 26.47 -10.17 -3.37
CA MET A 443 25.82 -11.09 -4.29
C MET A 443 26.15 -10.78 -5.74
N ARG A 444 26.63 -9.57 -6.02
CA ARG A 444 26.94 -9.20 -7.39
C ARG A 444 28.12 -9.99 -7.95
N ASP A 445 28.99 -10.48 -7.07
CA ASP A 445 30.09 -11.30 -7.52
C ASP A 445 29.63 -12.66 -8.01
N ASN A 446 28.45 -13.09 -7.60
CA ASN A 446 27.90 -14.33 -8.14
C ASN A 446 27.60 -14.19 -9.62
N TRP A 447 27.20 -13.00 -10.06
CA TRP A 447 26.76 -12.87 -11.43
C TRP A 447 27.86 -12.43 -12.38
N ARG A 448 28.95 -11.86 -11.86
CA ARG A 448 30.10 -11.60 -12.71
C ARG A 448 30.71 -12.89 -13.20
N SER A 449 30.54 -13.97 -12.44
CA SER A 449 30.85 -15.31 -12.90
C SER A 449 29.95 -15.79 -14.03
N GLU A 450 28.87 -15.07 -14.32
CA GLU A 450 28.01 -15.42 -15.43
C GLU A 450 27.91 -14.36 -16.50
N LEU A 451 28.45 -13.17 -16.27
CA LEU A 451 28.31 -12.09 -17.24
C LEU A 451 29.64 -11.63 -17.79
N TYR A 452 30.73 -12.34 -17.50
CA TYR A 452 32.02 -11.97 -18.06
C TYR A 452 32.08 -12.27 -19.55
N LYS A 453 31.23 -13.14 -20.04
CA LYS A 453 31.21 -13.52 -21.44
C LYS A 453 30.45 -12.55 -22.32
N TYR A 454 29.99 -11.42 -21.81
CA TYR A 454 29.04 -10.64 -22.57
C TYR A 454 29.28 -9.15 -22.38
N LYS A 455 28.88 -8.36 -23.38
CA LYS A 455 28.74 -6.92 -23.22
C LYS A 455 27.69 -6.44 -24.20
N VAL A 456 27.29 -5.18 -24.03
CA VAL A 456 26.13 -4.61 -24.70
C VAL A 456 26.60 -3.54 -25.67
N VAL A 457 26.21 -3.66 -26.93
CA VAL A 457 26.60 -2.70 -27.94
C VAL A 457 25.38 -2.06 -28.57
N LYS A 458 25.54 -0.82 -28.99
CA LYS A 458 24.51 -0.05 -29.67
C LYS A 458 24.86 0.02 -31.15
N ILE A 459 23.98 -0.53 -31.99
CA ILE A 459 24.26 -0.63 -33.41
C ILE A 459 24.13 0.73 -34.06
N GLU A 460 25.08 1.08 -34.93
CA GLU A 460 25.04 2.33 -35.67
C GLU A 460 24.96 2.05 -37.17
N PRO A 461 23.81 2.19 -37.79
CA PRO A 461 23.67 1.92 -39.22
C PRO A 461 23.92 3.14 -40.10
N LEU A 462 24.98 3.88 -39.82
CA LEU A 462 25.33 5.03 -40.64
C LEU A 462 26.77 4.94 -41.08
N GLY A 463 27.07 5.67 -42.15
CA GLY A 463 28.41 5.72 -42.69
C GLY A 463 28.54 6.72 -43.81
N VAL A 464 29.64 7.46 -43.84
CA VAL A 464 29.86 8.48 -44.86
C VAL A 464 31.28 8.38 -45.37
N ALA A 465 31.44 8.04 -46.64
CA ALA A 465 32.72 7.88 -47.31
C ALA A 465 32.79 8.76 -48.54
N PRO A 466 33.98 9.12 -48.98
CA PRO A 466 34.09 9.77 -50.30
C PRO A 466 34.17 8.73 -51.40
N THR A 467 33.40 8.95 -52.47
CA THR A 467 33.48 8.12 -53.67
C THR A 467 33.47 9.02 -54.91
N ARG A 468 33.46 8.37 -56.07
CA ARG A 468 33.49 9.06 -57.35
C ARG A 468 32.09 9.13 -57.94
N CYS A 469 31.27 10.02 -57.37
CA CYS A 469 29.99 10.38 -57.97
C CYS A 469 29.53 11.69 -57.38
N LYS A 470 28.83 12.47 -58.19
CA LYS A 470 28.26 13.72 -57.73
C LYS A 470 26.79 13.77 -58.11
N LEU B 9 26.42 -14.81 -45.19
CA LEU B 9 27.02 -14.78 -43.85
C LEU B 9 25.93 -14.74 -42.77
N GLY B 10 25.35 -13.58 -42.59
CA GLY B 10 24.30 -13.41 -41.61
C GLY B 10 24.29 -11.98 -41.11
N PHE B 11 23.44 -11.76 -40.10
CA PHE B 11 23.34 -10.45 -39.46
C PHE B 11 24.66 -10.12 -38.76
N LEU B 12 25.21 -8.95 -39.09
CA LEU B 12 26.58 -8.55 -38.74
C LEU B 12 27.60 -9.58 -39.21
N GLY B 13 27.32 -10.24 -40.33
CA GLY B 13 28.19 -11.31 -40.78
C GLY B 13 29.49 -10.81 -41.38
N ALA B 14 29.46 -9.65 -42.00
CA ALA B 14 30.62 -9.08 -42.68
C ALA B 14 31.25 -7.97 -41.87
N ALA B 15 31.34 -8.18 -40.55
CA ALA B 15 31.71 -7.10 -39.64
C ALA B 15 33.17 -6.69 -39.82
N GLY B 16 34.07 -7.66 -39.89
CA GLY B 16 35.48 -7.34 -40.05
C GLY B 16 35.95 -7.49 -41.47
N SER B 17 35.13 -7.08 -42.42
CA SER B 17 35.36 -7.38 -43.83
C SER B 17 35.73 -6.12 -44.61
N THR B 18 35.89 -6.30 -45.91
CA THR B 18 36.14 -5.18 -46.81
C THR B 18 34.85 -4.39 -46.99
N MET B 19 34.99 -3.05 -47.03
CA MET B 19 33.86 -2.16 -47.17
C MET B 19 33.09 -2.42 -48.47
N GLY B 20 33.80 -2.75 -49.54
CA GLY B 20 33.13 -3.16 -50.76
C GLY B 20 32.49 -4.53 -50.62
N ALA B 21 33.14 -5.44 -49.88
CA ALA B 21 32.54 -6.74 -49.62
C ALA B 21 31.34 -6.60 -48.69
N ALA B 22 31.47 -5.74 -47.68
CA ALA B 22 30.36 -5.47 -46.78
C ALA B 22 29.40 -4.45 -47.34
N SER B 23 29.61 -3.97 -48.56
CA SER B 23 28.60 -3.14 -49.19
C SER B 23 27.37 -3.96 -49.53
N MET B 24 27.55 -5.21 -49.95
CA MET B 24 26.43 -6.04 -50.37
C MET B 24 25.89 -6.90 -49.23
N THR B 25 25.61 -6.29 -48.09
CA THR B 25 24.96 -7.03 -47.02
C THR B 25 23.96 -6.18 -46.25
N LEU B 26 23.57 -5.02 -46.80
CA LEU B 26 22.81 -4.03 -46.05
C LEU B 26 21.39 -4.48 -45.75
N THR B 27 20.84 -5.39 -46.54
CA THR B 27 19.46 -5.80 -46.34
C THR B 27 19.30 -6.64 -45.08
N VAL B 28 20.26 -7.53 -44.81
CA VAL B 28 20.21 -8.35 -43.61
C VAL B 28 20.47 -7.48 -42.39
N GLN B 29 21.24 -6.40 -42.54
CA GLN B 29 21.46 -5.46 -41.46
C GLN B 29 20.17 -4.72 -41.07
N ALA B 30 19.27 -4.53 -42.03
CA ALA B 30 18.07 -3.74 -41.80
C ALA B 30 16.82 -4.58 -41.53
N ARG B 31 16.81 -5.85 -41.90
CA ARG B 31 15.63 -6.68 -41.65
C ARG B 31 15.53 -7.05 -40.18
N ASN B 32 16.67 -7.26 -39.51
CA ASN B 32 16.71 -7.79 -38.15
C ASN B 32 16.51 -6.73 -37.08
N LEU B 33 15.89 -5.62 -37.44
CA LEU B 33 15.31 -4.68 -36.50
C LEU B 33 13.94 -5.18 -36.06
N LEU B 34 13.14 -4.28 -35.49
CA LEU B 34 11.77 -4.52 -35.03
C LEU B 34 10.86 -5.36 -35.92
N GLN B 51 6.75 -10.39 -29.54
CA GLN B 51 5.91 -9.39 -28.89
C GLN B 51 4.79 -10.05 -28.12
N GLN B 52 4.12 -9.27 -27.26
CA GLN B 52 3.00 -9.80 -26.50
C GLN B 52 1.98 -8.72 -26.23
N HIS B 53 0.80 -8.87 -26.79
CA HIS B 53 -0.30 -7.96 -26.51
C HIS B 53 -0.83 -8.20 -25.10
N LEU B 54 -1.63 -7.25 -24.62
CA LEU B 54 -2.29 -7.28 -23.32
C LEU B 54 -1.25 -7.41 -22.19
N LEU B 55 -0.49 -6.33 -22.01
CA LEU B 55 0.49 -6.33 -20.95
C LEU B 55 -0.13 -6.06 -19.60
N LYS B 56 0.49 -6.62 -18.58
CA LYS B 56 0.30 -6.17 -17.21
C LYS B 56 1.35 -5.12 -16.91
N LEU B 57 1.53 -4.80 -15.65
CA LEU B 57 2.32 -3.65 -15.27
C LEU B 57 3.53 -4.00 -14.41
N THR B 58 3.63 -5.23 -13.91
CA THR B 58 4.37 -5.51 -12.69
C THR B 58 5.87 -5.23 -12.72
N VAL B 59 6.65 -6.09 -13.34
CA VAL B 59 8.09 -5.86 -13.37
C VAL B 59 8.59 -5.99 -14.79
N TRP B 60 8.37 -7.18 -15.35
CA TRP B 60 8.86 -7.44 -16.69
C TRP B 60 8.03 -6.71 -17.72
N GLY B 61 6.78 -6.43 -17.38
CA GLY B 61 5.94 -5.65 -18.27
C GLY B 61 6.44 -4.24 -18.45
N ILE B 62 7.14 -3.70 -17.45
CA ILE B 62 7.77 -2.40 -17.59
C ILE B 62 8.87 -2.48 -18.63
N LYS B 63 9.70 -3.49 -18.55
CA LYS B 63 10.84 -3.59 -19.45
C LYS B 63 10.40 -3.90 -20.87
N GLN B 64 9.39 -4.74 -21.03
CA GLN B 64 8.87 -5.01 -22.36
C GLN B 64 8.21 -3.78 -22.95
N LEU B 65 7.58 -2.96 -22.11
CA LEU B 65 7.12 -1.67 -22.57
C LEU B 65 8.30 -0.80 -22.95
N GLN B 66 9.37 -0.88 -22.18
CA GLN B 66 10.55 -0.11 -22.52
C GLN B 66 11.25 -0.69 -23.74
N ALA B 67 11.11 -1.99 -23.94
CA ALA B 67 11.69 -2.60 -25.13
C ALA B 67 10.94 -2.16 -26.38
N ARG B 68 9.62 -1.97 -26.28
CA ARG B 68 8.88 -1.53 -27.45
C ARG B 68 9.23 -0.11 -27.82
N VAL B 69 9.49 0.75 -26.82
CA VAL B 69 9.70 2.16 -27.11
C VAL B 69 11.05 2.38 -27.76
N LEU B 70 12.11 1.86 -27.14
CA LEU B 70 13.47 2.14 -27.58
C LEU B 70 13.74 1.62 -28.99
N ALA B 71 13.02 0.60 -29.41
CA ALA B 71 13.14 0.16 -30.79
C ALA B 71 12.55 1.17 -31.76
N VAL B 72 11.63 2.02 -31.33
CA VAL B 72 10.99 2.91 -32.26
C VAL B 72 11.92 4.06 -32.63
N GLU B 73 12.30 4.88 -31.65
CA GLU B 73 13.02 6.11 -31.98
C GLU B 73 14.42 5.81 -32.46
N HIS B 74 15.06 4.75 -31.97
CA HIS B 74 16.35 4.38 -32.50
C HIS B 74 16.24 3.85 -33.91
N TYR B 75 15.08 3.34 -34.30
CA TYR B 75 14.83 3.15 -35.72
C TYR B 75 14.54 4.47 -36.40
N LEU B 76 13.97 5.43 -35.68
CA LEU B 76 13.32 6.51 -36.40
C LEU B 76 14.15 7.77 -36.50
N ARG B 77 15.09 8.00 -35.57
CA ARG B 77 15.78 9.28 -35.54
C ARG B 77 16.69 9.44 -36.75
N ASP B 78 17.32 8.36 -37.18
CA ASP B 78 18.08 8.38 -38.42
C ASP B 78 17.17 8.30 -39.63
N GLN B 79 16.01 7.68 -39.47
CA GLN B 79 15.05 7.66 -40.56
C GLN B 79 14.53 9.06 -40.85
N GLN B 80 14.49 9.91 -39.82
CA GLN B 80 14.32 11.34 -40.04
C GLN B 80 15.49 11.91 -40.82
N LEU B 81 16.72 11.46 -40.52
CA LEU B 81 17.91 12.09 -41.07
C LEU B 81 18.06 11.86 -42.56
N LEU B 82 17.56 10.74 -43.08
CA LEU B 82 17.66 10.53 -44.51
C LEU B 82 16.69 11.41 -45.27
N GLY B 83 15.53 11.69 -44.68
CA GLY B 83 14.68 12.72 -45.23
C GLY B 83 15.28 14.10 -45.06
N ILE B 84 16.01 14.31 -43.97
CA ILE B 84 16.79 15.54 -43.82
C ILE B 84 17.87 15.60 -44.88
N TRP B 85 18.54 14.48 -45.11
CA TRP B 85 19.62 14.48 -46.08
C TRP B 85 19.13 14.21 -47.48
N GLY B 86 17.83 14.19 -47.70
CA GLY B 86 17.28 14.00 -49.02
C GLY B 86 17.42 12.62 -49.60
N CYS B 87 18.07 11.70 -48.89
CA CYS B 87 18.31 10.35 -49.40
C CYS B 87 17.21 9.43 -48.90
N SER B 88 15.98 9.83 -49.21
CA SER B 88 14.81 9.11 -48.75
C SER B 88 14.71 7.76 -49.44
N GLY B 89 14.23 6.77 -48.70
CA GLY B 89 14.27 5.39 -49.15
C GLY B 89 15.65 4.79 -49.04
N LYS B 90 15.70 3.46 -49.05
CA LYS B 90 16.99 2.78 -48.98
C LYS B 90 17.71 2.99 -50.30
N LEU B 91 18.71 3.85 -50.26
CA LEU B 91 19.60 4.08 -51.38
C LEU B 91 20.98 4.30 -50.82
N ILE B 92 21.97 3.65 -51.40
CA ILE B 92 23.33 4.09 -51.16
C ILE B 92 23.50 5.26 -52.11
N CYS B 93 23.11 6.44 -51.69
CA CYS B 93 23.12 7.58 -52.59
C CYS B 93 24.31 8.45 -52.25
N CYS B 94 24.69 9.30 -53.18
CA CYS B 94 25.76 10.24 -52.92
C CYS B 94 25.28 11.66 -53.14
N THR B 95 25.96 12.55 -52.46
CA THR B 95 25.57 13.95 -52.34
C THR B 95 26.21 14.76 -53.47
N ASN B 96 26.21 16.06 -53.32
CA ASN B 96 26.89 16.93 -54.25
C ASN B 96 27.93 17.80 -53.55
N VAL B 97 28.02 17.69 -52.23
CA VAL B 97 29.09 18.37 -51.49
C VAL B 97 30.42 17.66 -51.73
N PRO B 98 31.49 18.38 -52.02
CA PRO B 98 32.77 17.70 -52.23
C PRO B 98 33.36 17.21 -50.94
N TRP B 99 34.17 16.16 -51.07
CA TRP B 99 34.93 15.67 -49.93
C TRP B 99 36.05 16.65 -49.61
N ASN B 100 36.08 17.15 -48.39
CA ASN B 100 37.22 17.92 -47.93
C ASN B 100 38.36 16.95 -47.63
N SER B 101 39.49 17.19 -48.28
CA SER B 101 40.65 16.31 -48.13
C SER B 101 41.49 16.64 -46.91
N SER B 102 41.07 17.60 -46.08
CA SER B 102 41.74 17.77 -44.80
C SER B 102 41.41 16.63 -43.84
N TRP B 103 40.35 15.88 -44.13
CA TRP B 103 39.86 14.81 -43.26
C TRP B 103 40.57 13.51 -43.62
N SER B 104 41.87 13.48 -43.28
CA SER B 104 42.73 12.30 -43.39
C SER B 104 42.80 11.79 -44.82
N ASN B 105 43.42 12.61 -45.68
CA ASN B 105 43.55 12.24 -47.09
C ASN B 105 44.52 11.09 -47.21
N ARG B 106 43.98 9.87 -47.20
CA ARG B 106 44.77 8.65 -47.21
C ARG B 106 44.23 7.73 -48.30
N ASN B 107 44.74 7.91 -49.52
CA ASN B 107 44.67 6.95 -50.63
C ASN B 107 43.26 6.42 -50.86
N LEU B 108 42.37 7.35 -51.21
CA LEU B 108 40.94 7.10 -51.09
C LEU B 108 40.42 6.15 -52.17
N SER B 109 41.22 5.84 -53.17
CA SER B 109 40.94 4.67 -53.99
C SER B 109 41.38 3.39 -53.28
N GLU B 110 42.55 3.44 -52.65
CA GLU B 110 43.16 2.24 -52.09
C GLU B 110 42.50 1.83 -50.79
N ILE B 111 42.44 2.77 -49.84
CA ILE B 111 42.02 2.49 -48.47
C ILE B 111 40.51 2.23 -48.40
N TRP B 112 39.76 2.65 -49.42
CA TRP B 112 38.31 2.48 -49.43
C TRP B 112 37.89 1.02 -49.48
N ASP B 113 38.74 0.14 -50.01
CA ASP B 113 38.47 -1.29 -49.99
C ASP B 113 39.63 -2.05 -49.37
N ASN B 114 40.25 -1.50 -48.33
CA ASN B 114 41.34 -2.18 -47.67
C ASN B 114 41.01 -2.59 -46.24
N MET B 115 40.68 -1.63 -45.37
CA MET B 115 40.82 -1.90 -43.94
C MET B 115 39.62 -2.66 -43.39
N THR B 116 38.51 -1.95 -43.21
CA THR B 116 37.25 -2.33 -42.57
C THR B 116 36.36 -1.11 -42.68
N TRP B 117 35.11 -1.28 -42.28
CA TRP B 117 34.37 -0.13 -41.81
C TRP B 117 34.95 0.37 -40.51
N LEU B 118 35.12 -0.55 -39.56
CA LEU B 118 35.16 -0.26 -38.13
C LEU B 118 36.30 0.69 -37.76
N GLN B 119 37.53 0.29 -38.05
CA GLN B 119 38.69 1.09 -37.70
C GLN B 119 38.76 2.38 -38.49
N TRP B 120 38.18 2.38 -39.68
CA TRP B 120 38.11 3.59 -40.45
C TRP B 120 37.12 4.58 -39.85
N ASP B 121 36.12 4.09 -39.13
CA ASP B 121 35.02 4.95 -38.71
C ASP B 121 35.44 5.92 -37.61
N LYS B 122 36.22 5.44 -36.64
CA LYS B 122 36.67 6.33 -35.58
C LYS B 122 37.69 7.34 -36.07
N GLU B 123 38.35 7.05 -37.19
CA GLU B 123 39.19 8.04 -37.84
C GLU B 123 38.36 9.21 -38.35
N ILE B 124 37.18 8.92 -38.89
CA ILE B 124 36.29 9.96 -39.39
C ILE B 124 35.63 10.71 -38.25
N SER B 125 35.57 10.08 -37.07
CA SER B 125 34.65 10.45 -36.00
C SER B 125 34.86 11.86 -35.45
N ASN B 126 36.04 12.44 -35.62
CA ASN B 126 36.27 13.77 -35.09
C ASN B 126 35.61 14.87 -35.90
N TYR B 127 35.08 14.57 -37.09
CA TYR B 127 34.57 15.61 -37.98
C TYR B 127 33.16 15.33 -38.49
N THR B 128 32.52 14.26 -38.00
CA THR B 128 31.23 13.85 -38.53
C THR B 128 30.13 14.86 -38.25
N GLN B 129 30.25 15.59 -37.14
CA GLN B 129 29.27 16.64 -36.84
C GLN B 129 29.37 17.77 -37.85
N ILE B 130 30.59 18.08 -38.28
CA ILE B 130 30.80 19.14 -39.27
C ILE B 130 30.22 18.74 -40.61
N ILE B 131 30.29 17.45 -40.94
CA ILE B 131 29.79 16.96 -42.21
C ILE B 131 28.27 17.14 -42.30
N TYR B 132 27.57 16.75 -41.23
CA TYR B 132 26.14 16.49 -41.31
C TYR B 132 25.35 17.78 -41.52
N GLY B 133 25.78 18.85 -40.86
CA GLY B 133 25.14 20.14 -41.08
C GLY B 133 25.41 20.70 -42.46
N LEU B 134 26.54 20.33 -43.05
CA LEU B 134 26.76 20.71 -44.43
C LEU B 134 25.95 19.84 -45.38
N LEU B 135 25.61 18.61 -44.96
CA LEU B 135 24.82 17.73 -45.80
C LEU B 135 23.41 18.25 -45.96
N GLU B 136 22.82 18.74 -44.87
CA GLU B 136 21.48 19.28 -44.91
C GLU B 136 21.42 20.67 -45.51
N GLU B 137 22.56 21.24 -45.86
CA GLU B 137 22.63 22.55 -46.47
C GLU B 137 23.02 22.50 -47.93
N SER B 138 23.74 21.45 -48.35
CA SER B 138 24.38 21.48 -49.66
C SER B 138 23.38 21.29 -50.79
N GLN B 139 22.80 20.10 -50.87
CA GLN B 139 21.73 19.85 -51.83
C GLN B 139 20.36 19.93 -51.18
N ASN B 140 20.33 19.86 -49.86
CA ASN B 140 19.05 19.82 -49.18
C ASN B 140 18.49 21.21 -48.99
N GLN B 141 19.35 22.19 -48.76
CA GLN B 141 18.84 23.56 -48.79
C GLN B 141 18.76 24.06 -50.22
N GLN B 142 19.89 24.05 -50.93
CA GLN B 142 19.98 24.73 -52.21
C GLN B 142 19.23 24.00 -53.31
N GLU B 143 19.58 22.72 -53.54
CA GLU B 143 19.01 22.02 -54.68
C GLU B 143 17.57 21.60 -54.47
N LYS B 144 17.00 21.84 -53.29
CA LYS B 144 15.59 21.63 -53.09
C LYS B 144 14.79 22.91 -53.27
N ASN B 145 15.44 24.06 -53.50
CA ASN B 145 14.70 25.22 -53.93
C ASN B 145 14.47 25.21 -55.42
N GLU B 146 15.47 24.82 -56.19
CA GLU B 146 15.60 25.29 -57.55
C GLU B 146 14.67 24.57 -58.52
N GLN B 147 14.10 23.45 -58.12
CA GLN B 147 13.07 22.83 -58.94
C GLN B 147 11.77 23.64 -58.88
N ASP B 148 11.55 24.35 -57.77
CA ASP B 148 10.49 25.34 -57.74
C ASP B 148 10.85 26.54 -58.59
N LEU B 149 12.15 26.84 -58.70
CA LEU B 149 12.57 27.95 -59.54
C LEU B 149 12.39 27.65 -61.02
N LEU B 150 12.34 26.38 -61.40
CA LEU B 150 12.00 26.00 -62.77
C LEU B 150 10.58 25.45 -62.88
N ALA B 151 9.79 25.54 -61.82
CA ALA B 151 8.44 24.99 -61.83
C ALA B 151 7.47 25.84 -62.65
N LEU B 152 7.88 26.99 -63.15
CA LEU B 152 7.07 27.79 -64.04
C LEU B 152 6.93 27.12 -65.41
N GLN C 1 29.43 -65.95 24.60
CA GLN C 1 29.30 -64.50 24.46
C GLN C 1 30.60 -63.79 24.74
N VAL C 2 30.54 -62.47 24.72
CA VAL C 2 31.67 -61.68 25.20
C VAL C 2 31.70 -61.82 26.73
N GLN C 3 32.73 -62.45 27.24
CA GLN C 3 32.86 -62.75 28.66
C GLN C 3 33.98 -61.92 29.24
N LEU C 4 33.76 -61.36 30.42
CA LEU C 4 34.74 -60.50 31.06
C LEU C 4 35.45 -61.28 32.16
N GLN C 5 36.74 -61.55 31.94
CA GLN C 5 37.58 -62.15 32.97
C GLN C 5 38.51 -61.08 33.53
N GLU C 6 38.59 -61.03 34.85
CA GLU C 6 39.35 -60.00 35.54
C GLU C 6 40.71 -60.54 35.94
N SER C 7 41.70 -59.64 36.00
CA SER C 7 43.04 -60.05 36.37
C SER C 7 43.79 -58.88 37.01
N GLY C 8 44.69 -59.22 37.90
CA GLY C 8 45.50 -58.25 38.61
C GLY C 8 46.22 -58.92 39.77
N PRO C 9 46.68 -58.12 40.73
CA PRO C 9 47.39 -58.68 41.89
C PRO C 9 46.48 -59.35 42.89
N GLY C 10 47.04 -59.76 44.03
CA GLY C 10 46.26 -60.35 45.10
C GLY C 10 46.28 -59.52 46.36
N LEU C 11 46.98 -60.01 47.39
CA LEU C 11 47.14 -59.24 48.61
C LEU C 11 48.12 -58.10 48.36
N VAL C 12 47.76 -56.89 48.77
CA VAL C 12 48.44 -55.68 48.33
C VAL C 12 49.14 -55.04 49.51
N LYS C 13 50.41 -54.69 49.32
CA LYS C 13 51.11 -53.86 50.28
C LYS C 13 50.57 -52.44 50.22
N PRO C 14 50.36 -51.79 51.38
CA PRO C 14 49.74 -50.45 51.38
C PRO C 14 50.56 -49.38 50.67
N SER C 15 49.84 -48.42 50.09
CA SER C 15 50.36 -47.30 49.31
C SER C 15 51.20 -47.80 48.12
N GLY C 16 50.53 -48.50 47.21
CA GLY C 16 51.18 -49.03 46.03
C GLY C 16 50.30 -48.86 44.81
N THR C 17 50.95 -48.87 43.65
CA THR C 17 50.24 -48.76 42.38
C THR C 17 49.70 -50.13 41.97
N LEU C 18 48.46 -50.13 41.50
CA LEU C 18 47.78 -51.39 41.16
C LEU C 18 47.31 -51.33 39.72
N SER C 19 48.10 -51.91 38.83
CA SER C 19 47.72 -52.06 37.44
C SER C 19 46.91 -53.35 37.29
N LEU C 20 45.73 -53.25 36.70
CA LEU C 20 44.87 -54.41 36.53
C LEU C 20 44.38 -54.49 35.10
N THR C 21 43.95 -55.68 34.73
CA THR C 21 43.70 -56.03 33.34
C THR C 21 42.46 -56.90 33.24
N CYS C 22 41.54 -56.52 32.37
CA CYS C 22 40.35 -57.31 32.11
C CYS C 22 40.59 -58.16 30.88
N ALA C 23 40.78 -59.45 31.08
CA ALA C 23 40.88 -60.39 29.98
C ALA C 23 39.49 -60.53 29.36
N VAL C 24 39.28 -59.91 28.21
CA VAL C 24 37.97 -59.93 27.58
C VAL C 24 37.89 -61.22 26.77
N SER C 25 37.21 -62.23 27.32
CA SER C 25 36.90 -63.42 26.55
C SER C 25 35.81 -63.12 25.55
N GLY C 26 35.91 -63.73 24.38
CA GLY C 26 35.13 -63.26 23.26
C GLY C 26 35.54 -61.87 22.84
N GLY C 27 36.84 -61.54 22.98
CA GLY C 27 37.33 -60.20 22.79
C GLY C 27 37.27 -59.70 21.37
N SER C 28 36.33 -58.80 21.11
CA SER C 28 36.10 -58.21 19.81
C SER C 28 35.96 -56.71 19.94
N ILE C 29 36.90 -56.09 20.65
CA ILE C 29 36.81 -54.67 20.91
C ILE C 29 37.22 -53.93 19.65
N SER C 30 36.25 -53.69 18.77
CA SER C 30 36.60 -53.08 17.50
C SER C 30 36.63 -51.57 17.61
N SER C 31 35.45 -50.96 17.66
CA SER C 31 35.28 -49.60 18.16
C SER C 31 33.89 -49.44 18.74
N SER C 32 33.25 -50.55 19.12
CA SER C 32 31.79 -50.59 19.19
C SER C 32 31.22 -49.94 20.43
N ASN C 33 31.94 -49.96 21.55
CA ASN C 33 31.33 -49.55 22.79
C ASN C 33 32.29 -48.68 23.58
N TRP C 34 31.88 -48.37 24.80
CA TRP C 34 32.76 -47.83 25.81
C TRP C 34 33.09 -48.94 26.79
N TRP C 35 34.27 -48.87 27.35
CA TRP C 35 34.63 -49.80 28.41
C TRP C 35 35.16 -49.02 29.58
N SER C 36 35.04 -49.62 30.75
CA SER C 36 35.03 -48.83 31.97
C SER C 36 35.30 -49.76 33.16
N TRP C 37 35.33 -49.16 34.33
CA TRP C 37 35.58 -49.87 35.57
C TRP C 37 34.76 -49.22 36.67
N VAL C 38 34.23 -50.05 37.55
CA VAL C 38 33.56 -49.59 38.76
C VAL C 38 34.05 -50.43 39.91
N ARG C 39 33.65 -50.03 41.11
CA ARG C 39 34.11 -50.75 42.28
C ARG C 39 33.07 -50.70 43.38
N GLN C 40 33.15 -51.67 44.27
CA GLN C 40 32.26 -51.75 45.42
C GLN C 40 33.07 -52.02 46.67
N PRO C 41 33.10 -51.08 47.61
CA PRO C 41 33.59 -51.39 48.93
C PRO C 41 32.72 -52.46 49.57
N PRO C 42 33.31 -53.34 50.39
CA PRO C 42 32.69 -54.65 50.67
C PRO C 42 31.38 -54.62 51.42
N GLY C 43 30.99 -53.47 51.99
CA GLY C 43 29.71 -53.38 52.63
C GLY C 43 28.93 -52.17 52.16
N LYS C 44 29.37 -51.56 51.08
CA LYS C 44 28.80 -50.32 50.59
C LYS C 44 28.22 -50.53 49.19
N GLY C 45 27.79 -49.44 48.59
CA GLY C 45 27.28 -49.45 47.23
C GLY C 45 28.42 -49.39 46.22
N LEU C 46 28.05 -49.05 44.99
CA LEU C 46 29.03 -49.03 43.91
C LEU C 46 29.70 -47.67 43.80
N GLU C 47 30.82 -47.65 43.09
CA GLU C 47 31.56 -46.43 42.81
C GLU C 47 32.02 -46.48 41.37
N TRP C 48 31.57 -45.52 40.57
CA TRP C 48 32.07 -45.38 39.22
C TRP C 48 33.50 -44.89 39.25
N ILE C 49 34.32 -45.39 38.33
CA ILE C 49 35.73 -45.01 38.38
C ILE C 49 36.12 -44.25 37.12
N GLY C 50 36.08 -44.93 35.98
CA GLY C 50 36.60 -44.35 34.78
C GLY C 50 35.90 -44.95 33.59
N GLU C 51 36.34 -44.62 32.39
CA GLU C 51 35.67 -45.03 31.16
C GLU C 51 36.64 -44.81 30.01
N ILE C 52 36.65 -45.75 29.05
CA ILE C 52 37.54 -45.63 27.92
C ILE C 52 36.78 -45.98 26.66
N TYR C 53 37.18 -45.36 25.56
CA TYR C 53 36.77 -45.75 24.22
C TYR C 53 37.95 -46.44 23.55
N HIS C 54 37.66 -47.16 22.47
CA HIS C 54 38.69 -47.91 21.76
C HIS C 54 39.75 -47.01 21.14
N SER C 55 39.38 -45.81 20.70
CA SER C 55 40.36 -44.92 20.09
C SER C 55 41.36 -44.39 21.09
N GLY C 56 41.03 -44.41 22.38
CA GLY C 56 41.90 -43.87 23.41
C GLY C 56 41.27 -42.74 24.20
N SER C 57 40.04 -42.34 23.88
CA SER C 57 39.37 -41.31 24.64
C SER C 57 38.98 -41.86 26.00
N THR C 58 39.41 -41.19 27.05
CA THR C 58 39.21 -41.66 28.40
C THR C 58 38.37 -40.68 29.21
N ASN C 59 37.63 -41.20 30.16
CA ASN C 59 36.96 -40.39 31.15
C ASN C 59 37.33 -40.90 32.53
N TYR C 60 37.19 -40.04 33.53
CA TYR C 60 37.64 -40.38 34.86
C TYR C 60 36.72 -39.78 35.90
N ASN C 61 36.73 -40.38 37.07
CA ASN C 61 36.19 -39.73 38.25
C ASN C 61 36.98 -38.47 38.52
N PRO C 62 36.34 -37.32 38.69
CA PRO C 62 37.07 -36.14 39.16
C PRO C 62 37.55 -36.30 40.58
N SER C 63 36.86 -37.08 41.40
CA SER C 63 37.35 -37.41 42.73
C SER C 63 38.60 -38.26 42.67
N LEU C 64 38.81 -38.99 41.58
CA LEU C 64 39.99 -39.83 41.42
C LEU C 64 40.67 -39.54 40.10
N LYS C 65 40.73 -38.26 39.72
CA LYS C 65 41.39 -37.92 38.46
C LYS C 65 42.90 -38.06 38.58
N SER C 66 43.44 -37.86 39.78
CA SER C 66 44.88 -37.93 39.98
C SER C 66 45.38 -39.37 39.89
N ARG C 67 44.93 -40.21 40.82
CA ARG C 67 45.57 -41.50 41.04
C ARG C 67 45.13 -42.57 40.05
N VAL C 68 44.29 -42.25 39.08
CA VAL C 68 43.72 -43.25 38.19
C VAL C 68 44.11 -42.92 36.77
N THR C 69 44.72 -43.89 36.11
CA THR C 69 44.90 -43.85 34.66
C THR C 69 44.54 -45.21 34.10
N ILE C 70 44.03 -45.21 32.87
CA ILE C 70 43.56 -46.43 32.23
C ILE C 70 44.08 -46.47 30.81
N SER C 71 44.15 -47.69 30.28
CA SER C 71 44.48 -47.89 28.88
C SER C 71 43.81 -49.17 28.40
N VAL C 72 44.24 -49.64 27.25
CA VAL C 72 43.66 -50.83 26.63
C VAL C 72 44.74 -51.55 25.84
N ASP C 73 44.73 -52.88 25.94
CA ASP C 73 45.58 -53.73 25.11
C ASP C 73 44.65 -54.38 24.09
N LYS C 74 44.45 -53.70 22.96
CA LYS C 74 43.65 -54.26 21.89
C LYS C 74 44.38 -55.35 21.11
N SER C 75 45.71 -55.45 21.28
CA SER C 75 46.44 -56.54 20.65
C SER C 75 46.09 -57.88 21.26
N LYS C 76 45.66 -57.90 22.51
CA LYS C 76 45.25 -59.12 23.19
C LYS C 76 43.80 -59.07 23.64
N ASN C 77 43.07 -58.02 23.26
CA ASN C 77 41.73 -57.70 23.76
C ASN C 77 41.71 -57.64 25.27
N GLN C 78 42.61 -56.82 25.81
CA GLN C 78 42.79 -56.69 27.24
C GLN C 78 42.66 -55.22 27.63
N PHE C 79 42.41 -54.98 28.90
CA PHE C 79 42.25 -53.62 29.38
C PHE C 79 43.38 -53.27 30.32
N SER C 80 43.41 -52.02 30.72
CA SER C 80 44.40 -51.55 31.68
C SER C 80 43.69 -50.71 32.73
N LEU C 81 43.71 -51.18 33.97
CA LEU C 81 43.19 -50.42 35.09
C LEU C 81 44.39 -50.14 36.00
N LYS C 82 45.04 -49.01 35.78
CA LYS C 82 46.22 -48.65 36.54
C LYS C 82 45.87 -47.66 37.64
N LEU C 83 46.68 -47.67 38.68
CA LEU C 83 46.47 -46.81 39.83
C LEU C 83 47.77 -46.13 40.21
N SER C 84 47.67 -45.11 41.05
CA SER C 84 48.83 -44.60 41.76
C SER C 84 48.93 -45.33 43.09
N SER C 85 49.75 -44.81 44.00
CA SER C 85 49.95 -45.42 45.31
C SER C 85 48.69 -45.20 46.13
N VAL C 86 47.73 -46.09 45.94
CA VAL C 86 46.45 -46.04 46.62
C VAL C 86 46.57 -46.81 47.92
N THR C 87 46.07 -46.23 49.00
CA THR C 87 46.21 -46.80 50.33
C THR C 87 45.21 -47.93 50.53
N ALA C 88 45.07 -48.37 51.78
CA ALA C 88 44.09 -49.39 52.14
C ALA C 88 42.70 -48.83 52.35
N ALA C 89 42.46 -47.58 51.95
CA ALA C 89 41.13 -47.02 51.97
C ALA C 89 40.26 -47.48 50.82
N ASP C 90 40.82 -48.23 49.87
CA ASP C 90 40.10 -48.65 48.68
C ASP C 90 40.21 -50.15 48.49
N THR C 91 40.10 -50.89 49.59
CA THR C 91 40.01 -52.35 49.53
C THR C 91 38.59 -52.71 49.07
N ALA C 92 38.39 -52.67 47.77
CA ALA C 92 37.04 -52.79 47.22
C ALA C 92 37.00 -53.90 46.18
N VAL C 93 35.81 -54.48 46.02
CA VAL C 93 35.60 -55.47 44.97
C VAL C 93 35.56 -54.77 43.63
N TYR C 94 36.34 -55.24 42.68
CA TYR C 94 36.51 -54.54 41.42
C TYR C 94 35.78 -55.27 40.30
N TYR C 95 35.18 -54.50 39.40
CA TYR C 95 34.31 -55.01 38.35
C TYR C 95 34.76 -54.53 36.99
N CYS C 96 34.99 -55.46 36.09
CA CYS C 96 35.17 -55.12 34.68
C CYS C 96 33.81 -54.82 34.06
N ALA C 97 33.79 -53.87 33.12
CA ALA C 97 32.54 -53.25 32.75
C ALA C 97 32.45 -52.94 31.26
N ARG C 98 31.22 -52.97 30.74
CA ARG C 98 30.92 -52.72 29.34
C ARG C 98 29.78 -51.72 29.17
N ASN C 99 30.10 -50.46 28.91
CA ASN C 99 29.08 -49.50 28.49
C ASN C 99 28.77 -49.75 27.03
N ALA C 100 27.76 -50.57 26.78
CA ALA C 100 27.25 -50.71 25.43
C ALA C 100 26.45 -49.47 25.06
N ILE C 101 26.57 -49.05 23.80
CA ILE C 101 25.80 -47.91 23.33
C ILE C 101 24.94 -48.34 22.15
N THR C 102 24.18 -47.40 21.60
CA THR C 102 23.37 -47.65 20.42
C THR C 102 23.56 -46.49 19.46
N ILE C 103 24.07 -46.79 18.28
CA ILE C 103 24.34 -45.76 17.28
C ILE C 103 23.01 -45.24 16.76
N PHE C 104 22.72 -43.97 17.06
CA PHE C 104 21.48 -43.37 16.63
C PHE C 104 21.59 -42.83 15.21
N GLY C 105 22.47 -41.87 15.00
CA GLY C 105 22.66 -41.28 13.70
C GLY C 105 24.10 -41.27 13.25
N VAL C 106 24.65 -40.08 12.98
CA VAL C 106 26.04 -39.95 12.59
C VAL C 106 26.93 -40.13 13.80
N VAL C 107 27.86 -41.07 13.72
CA VAL C 107 28.69 -41.37 14.87
C VAL C 107 29.75 -40.30 15.11
N ILE C 108 30.09 -39.52 14.08
CA ILE C 108 31.19 -38.57 14.20
C ILE C 108 30.79 -37.39 15.07
N ILE C 109 29.57 -36.88 14.88
CA ILE C 109 29.06 -35.84 15.77
C ILE C 109 28.63 -36.38 17.12
N GLY C 110 28.74 -37.69 17.33
CA GLY C 110 28.39 -38.27 18.61
C GLY C 110 26.90 -38.32 18.78
N GLU C 111 26.22 -38.91 17.81
CA GLU C 111 24.78 -38.97 17.82
C GLU C 111 24.38 -40.41 18.08
N TYR C 112 24.28 -40.74 19.35
CA TYR C 112 24.07 -42.11 19.76
C TYR C 112 23.38 -42.11 21.11
N TYR C 113 22.86 -43.25 21.49
CA TYR C 113 22.26 -43.41 22.80
C TYR C 113 23.16 -44.28 23.63
N TYR C 114 23.46 -43.84 24.84
CA TYR C 114 24.05 -44.75 25.81
C TYR C 114 23.00 -45.77 26.16
N TYR C 115 23.15 -46.96 25.61
CA TYR C 115 22.43 -48.09 26.14
C TYR C 115 22.97 -48.39 27.55
N GLY C 116 22.20 -49.14 28.31
CA GLY C 116 22.64 -49.49 29.65
C GLY C 116 23.91 -50.32 29.62
N MET C 117 24.69 -50.17 30.69
CA MET C 117 25.92 -50.92 30.81
C MET C 117 25.61 -52.40 30.89
N ASP C 118 26.07 -53.15 29.89
CA ASP C 118 25.46 -54.43 29.56
C ASP C 118 26.01 -55.56 30.42
N VAL C 119 27.28 -55.89 30.27
CA VAL C 119 27.83 -57.14 30.75
C VAL C 119 28.89 -56.85 31.77
N TRP C 120 28.78 -57.50 32.93
CA TRP C 120 29.65 -57.25 34.06
C TRP C 120 30.86 -58.17 34.04
N GLY C 121 31.82 -57.84 34.91
CA GLY C 121 32.98 -58.66 35.10
C GLY C 121 32.71 -59.82 36.05
N GLN C 122 33.60 -60.00 37.00
CA GLN C 122 33.52 -61.14 37.89
C GLN C 122 33.54 -60.77 39.36
N GLY C 123 34.37 -59.82 39.76
CA GLY C 123 34.55 -59.51 41.16
C GLY C 123 35.96 -59.73 41.63
N THR C 124 36.67 -58.64 41.90
CA THR C 124 38.08 -58.71 42.27
C THR C 124 38.23 -58.16 43.67
N THR C 125 38.25 -59.06 44.65
CA THR C 125 38.40 -58.69 46.04
C THR C 125 39.84 -58.29 46.29
N VAL C 126 40.14 -57.01 46.12
CA VAL C 126 41.49 -56.50 46.33
C VAL C 126 41.65 -56.17 47.81
N THR C 127 42.59 -56.83 48.46
CA THR C 127 42.90 -56.63 49.86
C THR C 127 44.21 -55.88 49.97
N VAL C 128 44.18 -54.70 50.57
CA VAL C 128 45.39 -53.90 50.68
C VAL C 128 45.91 -53.94 52.12
N GLU D 3 27.42 -36.85 44.57
CA GLU D 3 26.91 -36.18 43.37
C GLU D 3 25.44 -36.48 43.14
N LEU D 4 24.97 -37.61 43.68
CA LEU D 4 23.59 -38.03 43.51
C LEU D 4 23.01 -38.45 44.84
N THR D 5 21.78 -38.04 45.09
CA THR D 5 21.08 -38.35 46.33
C THR D 5 20.14 -39.52 46.08
N GLN D 6 20.10 -40.46 47.03
CA GLN D 6 19.28 -41.63 46.86
C GLN D 6 18.81 -42.08 48.23
N PRO D 7 17.53 -42.39 48.39
CA PRO D 7 17.03 -42.90 49.67
C PRO D 7 17.59 -44.28 49.96
N PRO D 8 18.16 -44.47 51.15
CA PRO D 8 18.95 -45.69 51.39
C PRO D 8 18.11 -46.93 51.59
N SER D 9 16.93 -46.82 52.18
CA SER D 9 16.14 -48.00 52.47
C SER D 9 14.66 -47.65 52.40
N VAL D 10 13.93 -48.43 51.62
CA VAL D 10 12.47 -48.33 51.53
C VAL D 10 11.91 -49.73 51.66
N SER D 11 11.08 -49.95 52.67
CA SER D 11 10.44 -51.23 52.88
C SER D 11 8.95 -51.13 52.57
N VAL D 12 8.39 -52.21 52.03
CA VAL D 12 6.98 -52.30 51.70
C VAL D 12 6.42 -53.62 52.19
N SER D 13 5.16 -53.84 51.90
CA SER D 13 4.44 -55.09 52.00
C SER D 13 4.19 -55.62 50.58
N PRO D 14 3.81 -56.88 50.42
CA PRO D 14 3.47 -57.38 49.09
C PRO D 14 2.24 -56.72 48.50
N GLY D 15 2.15 -56.79 47.18
CA GLY D 15 1.03 -56.25 46.44
C GLY D 15 1.00 -54.74 46.32
N GLN D 16 2.08 -54.06 46.67
CA GLN D 16 2.10 -52.61 46.67
C GLN D 16 2.72 -52.09 45.38
N THR D 17 2.98 -50.79 45.35
CA THR D 17 3.67 -50.14 44.24
C THR D 17 4.80 -49.31 44.80
N ALA D 18 6.03 -49.72 44.53
CA ALA D 18 7.20 -49.04 45.06
C ALA D 18 7.58 -47.84 44.20
N ARG D 19 8.01 -46.77 44.85
CA ARG D 19 8.44 -45.56 44.17
C ARG D 19 9.78 -45.13 44.76
N ILE D 20 10.83 -45.22 43.96
CA ILE D 20 12.18 -44.92 44.38
C ILE D 20 12.68 -43.77 43.52
N THR D 21 13.25 -42.75 44.16
CA THR D 21 13.69 -41.56 43.47
C THR D 21 15.20 -41.43 43.55
N CYS D 22 15.72 -40.53 42.72
CA CYS D 22 17.06 -40.00 42.89
C CYS D 22 16.99 -38.51 42.61
N SER D 23 17.92 -37.77 43.18
CA SER D 23 17.98 -36.34 42.97
C SER D 23 19.35 -35.95 42.42
N GLY D 24 19.36 -34.87 41.65
CA GLY D 24 20.58 -34.42 41.00
C GLY D 24 20.37 -33.25 40.07
N ASP D 25 21.37 -32.37 40.01
CA ASP D 25 21.23 -31.15 39.23
C ASP D 25 21.41 -31.41 37.73
N ALA D 26 22.15 -32.44 37.37
CA ALA D 26 22.30 -32.76 35.95
C ALA D 26 21.08 -33.51 35.41
N LEU D 27 20.15 -33.91 36.27
CA LEU D 27 18.98 -34.65 35.82
C LEU D 27 18.01 -33.89 34.92
N PRO D 28 17.88 -32.55 34.96
CA PRO D 28 17.20 -31.88 33.84
C PRO D 28 17.97 -31.90 32.54
N LYS D 29 19.22 -32.33 32.51
CA LYS D 29 19.96 -32.38 31.27
C LYS D 29 20.50 -33.76 30.93
N GLN D 30 20.41 -34.73 31.83
CA GLN D 30 20.99 -36.06 31.58
C GLN D 30 19.94 -37.13 31.78
N TYR D 31 20.11 -38.24 31.08
CA TYR D 31 19.30 -39.41 31.36
C TYR D 31 19.75 -40.06 32.67
N ALA D 32 18.96 -41.03 33.12
CA ALA D 32 19.27 -41.76 34.32
C ALA D 32 18.99 -43.24 34.07
N TYR D 33 19.91 -44.10 34.49
CA TYR D 33 19.82 -45.51 34.18
C TYR D 33 19.69 -46.31 35.46
N TRP D 34 18.90 -47.37 35.43
CA TRP D 34 18.52 -48.10 36.63
C TRP D 34 19.04 -49.53 36.61
N TYR D 35 19.56 -49.97 37.75
CA TYR D 35 20.19 -51.26 37.87
C TYR D 35 19.53 -52.06 39.00
N GLN D 36 19.90 -53.34 39.10
CA GLN D 36 19.37 -54.21 40.15
C GLN D 36 20.45 -55.17 40.61
N GLN D 37 21.13 -54.83 41.70
CA GLN D 37 22.04 -55.76 42.35
C GLN D 37 21.23 -56.76 43.16
N LYS D 38 20.99 -57.92 42.58
CA LYS D 38 20.59 -59.06 43.38
C LYS D 38 21.81 -59.56 44.15
N PRO D 39 21.61 -60.20 45.31
CA PRO D 39 22.75 -60.55 46.17
C PRO D 39 23.66 -61.59 45.54
N GLY D 40 24.96 -61.29 45.54
CA GLY D 40 25.94 -62.15 44.92
C GLY D 40 25.83 -62.25 43.41
N GLN D 41 25.31 -61.21 42.77
CA GLN D 41 25.00 -61.26 41.36
C GLN D 41 25.61 -60.08 40.65
N ALA D 42 25.75 -60.22 39.34
CA ALA D 42 26.02 -59.08 38.51
C ALA D 42 24.76 -58.23 38.42
N PRO D 43 24.85 -56.92 38.68
CA PRO D 43 23.62 -56.11 38.75
C PRO D 43 23.07 -55.81 37.37
N VAL D 44 21.79 -56.08 37.20
CA VAL D 44 21.16 -56.16 35.89
C VAL D 44 20.58 -54.80 35.54
N LEU D 45 20.83 -54.37 34.29
CA LEU D 45 20.15 -53.21 33.71
C LEU D 45 18.64 -53.33 33.81
N VAL D 46 18.00 -52.26 34.28
CA VAL D 46 16.56 -52.29 34.49
C VAL D 46 15.86 -51.30 33.59
N ILE D 47 16.17 -50.01 33.74
CA ILE D 47 15.54 -48.96 32.96
C ILE D 47 16.63 -48.11 32.32
N TYR D 48 16.59 -48.00 31.00
CA TYR D 48 17.43 -47.05 30.30
C TYR D 48 16.56 -45.95 29.72
N LYS D 49 17.20 -44.81 29.44
CA LYS D 49 16.60 -43.63 28.82
C LYS D 49 15.40 -43.10 29.60
N ASP D 50 15.40 -43.33 30.91
CA ASP D 50 14.48 -42.81 31.93
C ASP D 50 13.07 -43.39 31.84
N SER D 51 12.77 -44.12 30.79
CA SER D 51 11.45 -44.71 30.66
C SER D 51 11.43 -46.06 29.97
N GLU D 52 12.58 -46.61 29.58
CA GLU D 52 12.59 -47.77 28.71
C GLU D 52 13.22 -48.95 29.42
N ARG D 53 12.55 -49.98 29.47
CA ARG D 53 13.18 -51.21 29.88
C ARG D 53 13.66 -51.97 28.65
N PRO D 54 14.69 -52.77 28.77
CA PRO D 54 15.09 -53.64 27.67
C PRO D 54 14.18 -54.86 27.60
N SER D 55 14.47 -55.71 26.63
CA SER D 55 13.73 -56.95 26.49
C SER D 55 14.07 -57.90 27.62
N GLY D 56 13.18 -58.87 27.84
CA GLY D 56 13.36 -59.78 28.94
C GLY D 56 13.10 -59.17 30.30
N ILE D 57 12.36 -58.07 30.35
CA ILE D 57 12.08 -57.36 31.58
C ILE D 57 10.57 -57.26 31.72
N PRO D 58 10.00 -57.63 32.87
CA PRO D 58 8.55 -57.50 33.05
C PRO D 58 8.12 -56.04 33.12
N GLU D 59 6.85 -55.83 32.76
CA GLU D 59 6.24 -54.51 32.68
C GLU D 59 5.90 -53.92 34.04
N ARG D 60 6.19 -54.63 35.13
CA ARG D 60 5.99 -54.08 36.46
C ARG D 60 6.89 -52.88 36.71
N PHE D 61 8.02 -52.84 36.04
CA PHE D 61 9.00 -51.79 36.22
C PHE D 61 8.64 -50.61 35.33
N SER D 62 8.45 -49.45 35.93
CA SER D 62 8.18 -48.23 35.19
C SER D 62 9.13 -47.14 35.67
N GLY D 63 9.19 -46.05 34.90
CA GLY D 63 10.11 -44.99 35.22
C GLY D 63 9.74 -43.66 34.60
N SER D 64 9.94 -42.59 35.36
CA SER D 64 9.59 -41.25 34.89
C SER D 64 10.50 -40.25 35.56
N SER D 65 10.55 -39.05 34.99
CA SER D 65 11.42 -37.99 35.45
C SER D 65 10.60 -36.76 35.82
N SER D 66 11.14 -35.97 36.74
CA SER D 66 10.48 -34.72 37.15
C SER D 66 11.57 -33.74 37.58
N GLY D 67 12.03 -32.94 36.62
CA GLY D 67 13.00 -31.89 36.91
C GLY D 67 14.33 -32.45 37.37
N THR D 68 14.70 -32.09 38.60
CA THR D 68 15.90 -32.62 39.23
C THR D 68 15.63 -33.94 39.96
N THR D 69 14.42 -34.47 39.85
CA THR D 69 14.06 -35.72 40.50
C THR D 69 13.66 -36.74 39.45
N VAL D 70 13.99 -37.98 39.71
CA VAL D 70 13.54 -39.07 38.84
C VAL D 70 12.69 -40.00 39.69
N THR D 71 12.15 -41.05 39.08
CA THR D 71 11.30 -41.97 39.82
C THR D 71 11.42 -43.37 39.23
N LEU D 72 11.92 -44.29 40.02
CA LEU D 72 11.85 -45.71 39.68
C LEU D 72 10.53 -46.26 40.22
N THR D 73 9.75 -46.91 39.35
CA THR D 73 8.41 -47.33 39.69
C THR D 73 8.27 -48.83 39.46
N ILE D 74 7.90 -49.55 40.51
CA ILE D 74 7.64 -50.98 40.45
C ILE D 74 6.18 -51.17 40.80
N SER D 75 5.36 -51.49 39.80
CA SER D 75 3.93 -51.66 40.02
C SER D 75 3.61 -53.13 40.26
N GLY D 76 2.91 -53.39 41.36
CA GLY D 76 2.62 -54.77 41.72
C GLY D 76 3.85 -55.46 42.24
N VAL D 77 4.33 -55.03 43.40
CA VAL D 77 5.62 -55.46 43.91
C VAL D 77 5.56 -56.91 44.37
N GLN D 78 6.47 -57.73 43.87
CA GLN D 78 6.62 -59.09 44.33
C GLN D 78 7.68 -59.17 45.43
N ALA D 79 7.64 -60.27 46.18
CA ALA D 79 8.58 -60.45 47.27
C ALA D 79 9.97 -60.82 46.78
N GLU D 80 10.08 -61.38 45.57
CA GLU D 80 11.36 -61.80 45.04
C GLU D 80 12.13 -60.67 44.40
N ASP D 81 11.52 -59.49 44.29
CA ASP D 81 12.16 -58.33 43.73
C ASP D 81 13.02 -57.60 44.74
N GLU D 82 13.15 -58.15 45.96
CA GLU D 82 13.98 -57.56 47.00
C GLU D 82 15.44 -57.66 46.61
N ALA D 83 16.02 -56.53 46.21
CA ALA D 83 17.40 -56.46 45.78
C ALA D 83 17.84 -55.02 45.93
N ASP D 84 19.10 -54.76 45.61
CA ASP D 84 19.50 -53.37 45.54
C ASP D 84 19.06 -52.76 44.22
N TYR D 85 19.02 -51.42 44.20
CA TYR D 85 18.59 -50.68 43.02
C TYR D 85 19.41 -49.41 42.94
N TYR D 86 20.16 -49.26 41.87
CA TYR D 86 21.10 -48.16 41.73
C TYR D 86 20.71 -47.32 40.53
N CYS D 87 20.68 -46.01 40.71
CA CYS D 87 20.50 -45.09 39.60
C CYS D 87 21.86 -44.57 39.17
N GLN D 88 22.02 -44.37 37.86
CA GLN D 88 23.27 -43.88 37.29
C GLN D 88 22.99 -42.72 36.37
N SER D 89 23.75 -41.65 36.50
CA SER D 89 23.76 -40.58 35.52
C SER D 89 25.20 -40.17 35.30
N ALA D 90 25.38 -39.00 34.68
CA ALA D 90 26.72 -38.53 34.38
C ALA D 90 26.81 -37.06 34.74
N ASP D 91 27.89 -36.43 34.26
CA ASP D 91 28.19 -35.04 34.53
C ASP D 91 27.14 -34.12 33.90
N SER D 92 27.02 -32.93 34.47
CA SER D 92 26.32 -31.83 33.80
C SER D 92 26.96 -31.52 32.47
N SER D 93 28.30 -31.57 32.40
CA SER D 93 28.97 -31.41 31.13
C SER D 93 28.88 -32.65 30.26
N GLY D 94 28.50 -33.79 30.83
CA GLY D 94 28.42 -35.02 30.07
C GLY D 94 29.80 -35.57 29.80
N THR D 95 30.60 -35.66 30.86
CA THR D 95 31.98 -36.09 30.72
C THR D 95 32.26 -37.37 31.48
N TYR D 96 31.85 -37.46 32.73
CA TYR D 96 32.14 -38.61 33.56
C TYR D 96 30.84 -39.11 34.19
N TRP D 97 30.76 -40.40 34.40
CA TRP D 97 29.56 -40.99 34.96
C TRP D 97 29.62 -40.96 36.47
N VAL D 98 28.45 -40.98 37.09
CA VAL D 98 28.34 -41.05 38.55
C VAL D 98 27.29 -42.08 38.90
N PHE D 99 27.32 -42.50 40.15
CA PHE D 99 26.38 -43.47 40.65
C PHE D 99 25.51 -42.88 41.73
N GLY D 100 24.31 -43.42 41.87
CA GLY D 100 23.51 -43.17 43.04
C GLY D 100 24.12 -43.87 44.23
N GLY D 101 23.63 -43.50 45.41
CA GLY D 101 24.14 -44.08 46.63
C GLY D 101 23.75 -45.53 46.82
N GLY D 102 22.46 -45.77 47.03
CA GLY D 102 21.99 -47.11 47.26
C GLY D 102 20.53 -47.16 47.62
N THR D 103 19.89 -48.30 47.38
CA THR D 103 18.50 -48.49 47.76
C THR D 103 18.31 -49.92 48.18
N LYS D 104 17.78 -50.13 49.38
CA LYS D 104 17.53 -51.47 49.89
C LYS D 104 16.02 -51.66 50.05
N LEU D 105 15.50 -52.65 49.36
CA LEU D 105 14.08 -53.01 49.45
C LEU D 105 13.89 -54.03 50.56
N THR D 106 12.70 -54.04 51.15
CA THR D 106 12.30 -55.09 52.07
C THR D 106 10.79 -55.28 51.95
N VAL D 107 10.39 -56.35 51.31
CA VAL D 107 8.99 -56.68 51.15
C VAL D 107 8.59 -57.56 52.34
N LEU D 108 7.35 -57.40 52.79
CA LEU D 108 6.73 -58.17 53.90
C LEU D 108 7.47 -57.97 55.21
N ASN E 3 6.81 -14.42 -67.81
CA ASN E 3 5.63 -13.77 -68.37
C ASN E 3 4.91 -12.93 -67.33
N LEU E 4 4.95 -13.39 -66.08
CA LEU E 4 4.31 -12.68 -65.00
C LEU E 4 5.31 -12.42 -63.89
N TRP E 5 5.20 -11.26 -63.27
CA TRP E 5 6.09 -10.86 -62.19
C TRP E 5 5.25 -10.51 -60.98
N VAL E 6 5.88 -10.60 -59.83
CA VAL E 6 5.17 -10.39 -58.56
C VAL E 6 4.93 -8.91 -58.37
N THR E 7 3.66 -8.55 -58.15
CA THR E 7 3.25 -7.15 -57.97
C THR E 7 2.72 -6.98 -56.57
N VAL E 8 3.28 -6.01 -55.85
CA VAL E 8 2.94 -5.83 -54.46
C VAL E 8 1.72 -4.93 -54.37
N TYR E 9 0.97 -5.05 -53.27
CA TYR E 9 -0.23 -4.28 -53.04
C TYR E 9 -0.27 -3.83 -51.59
N TYR E 10 -0.56 -2.55 -51.38
CA TYR E 10 -0.66 -1.98 -50.05
C TYR E 10 -2.06 -1.47 -49.81
N GLY E 11 -2.61 -1.77 -48.65
CA GLY E 11 -3.96 -1.37 -48.33
C GLY E 11 -5.01 -2.37 -48.75
N VAL E 12 -4.66 -3.64 -48.85
CA VAL E 12 -5.62 -4.67 -49.25
C VAL E 12 -6.62 -4.89 -48.13
N PRO E 13 -7.90 -4.85 -48.41
CA PRO E 13 -8.90 -5.18 -47.38
C PRO E 13 -8.93 -6.66 -47.03
N VAL E 14 -8.03 -7.10 -46.14
CA VAL E 14 -8.01 -8.49 -45.67
C VAL E 14 -7.52 -8.50 -44.23
N TRP E 15 -8.01 -9.47 -43.45
CA TRP E 15 -7.69 -9.53 -42.04
C TRP E 15 -7.38 -10.96 -41.62
N LYS E 16 -6.98 -11.09 -40.36
CA LYS E 16 -7.00 -12.35 -39.65
C LYS E 16 -7.75 -12.14 -38.34
N ASP E 17 -7.77 -13.15 -37.48
CA ASP E 17 -8.37 -13.05 -36.17
C ASP E 17 -7.30 -13.06 -35.11
N ALA E 18 -7.38 -12.14 -34.16
CA ALA E 18 -6.32 -12.02 -33.18
C ALA E 18 -6.85 -11.41 -31.89
N GLU E 19 -6.06 -11.56 -30.85
CA GLU E 19 -6.29 -10.92 -29.57
C GLU E 19 -5.57 -9.58 -29.55
N THR E 20 -6.18 -8.59 -28.93
CA THR E 20 -5.51 -7.31 -28.75
C THR E 20 -6.07 -6.60 -27.53
N THR E 21 -5.35 -5.60 -27.08
CA THR E 21 -5.82 -4.76 -26.00
C THR E 21 -6.89 -3.83 -26.56
N LEU E 22 -7.82 -3.42 -25.70
CA LEU E 22 -9.00 -2.72 -26.13
C LEU E 22 -9.50 -1.87 -24.98
N PHE E 23 -10.05 -0.69 -25.29
CA PHE E 23 -10.18 0.37 -24.29
C PHE E 23 -11.56 1.00 -24.31
N CYS E 24 -11.78 1.85 -23.30
CA CYS E 24 -13.07 2.46 -22.99
C CYS E 24 -13.48 3.47 -24.04
N ALA E 25 -14.76 3.82 -23.98
CA ALA E 25 -15.31 4.94 -24.74
C ALA E 25 -16.59 5.36 -24.05
N SER E 26 -16.62 6.57 -23.52
CA SER E 26 -17.77 7.06 -22.80
C SER E 26 -18.57 8.06 -23.62
N ASP E 27 -19.86 8.13 -23.33
CA ASP E 27 -20.70 9.20 -23.86
C ASP E 27 -20.59 10.37 -22.92
N ALA E 28 -20.06 11.49 -23.41
CA ALA E 28 -19.60 12.57 -22.56
C ALA E 28 -20.78 13.31 -21.95
N LYS E 29 -20.86 13.27 -20.63
CA LYS E 29 -21.92 13.92 -19.86
C LYS E 29 -21.27 14.86 -18.83
N ALA E 30 -22.11 15.54 -18.07
CA ALA E 30 -21.66 16.45 -17.02
C ALA E 30 -22.08 15.86 -15.69
N TYR E 31 -21.21 15.04 -15.10
CA TYR E 31 -21.61 14.30 -13.91
C TYR E 31 -21.45 15.15 -12.66
N GLU E 32 -20.21 15.37 -12.23
CA GLU E 32 -19.79 16.33 -11.20
C GLU E 32 -20.56 16.22 -9.88
N THR E 33 -21.10 15.05 -9.56
CA THR E 33 -21.88 14.90 -8.33
C THR E 33 -21.27 13.89 -7.37
N GLU E 34 -21.04 12.66 -7.80
CA GLU E 34 -20.42 11.65 -6.97
C GLU E 34 -18.93 11.55 -7.24
N LYS E 35 -18.41 12.53 -7.97
CA LYS E 35 -17.03 12.89 -8.31
C LYS E 35 -16.39 11.91 -9.28
N HIS E 36 -16.74 10.63 -9.14
CA HIS E 36 -16.23 9.46 -9.83
C HIS E 36 -17.11 8.32 -9.35
N ASN E 37 -17.58 7.48 -10.23
CA ASN E 37 -18.27 6.30 -9.76
C ASN E 37 -17.32 5.13 -9.78
N VAL E 38 -17.84 3.94 -9.50
CA VAL E 38 -17.02 2.73 -9.55
C VAL E 38 -16.47 2.52 -10.93
N TRP E 39 -17.30 2.70 -11.93
CA TRP E 39 -16.83 2.61 -13.30
C TRP E 39 -16.18 3.95 -13.62
N ALA E 40 -14.92 3.93 -14.01
CA ALA E 40 -14.19 5.17 -14.24
C ALA E 40 -14.63 5.75 -15.58
N THR E 41 -15.80 6.41 -15.55
CA THR E 41 -16.24 7.15 -16.72
C THR E 41 -15.37 8.39 -16.92
N HIS E 42 -14.98 9.03 -15.83
CA HIS E 42 -13.90 9.98 -15.90
C HIS E 42 -12.62 9.23 -16.21
N GLU E 43 -11.68 9.94 -16.83
CA GLU E 43 -10.47 9.35 -17.44
C GLU E 43 -10.83 8.26 -18.44
N CYS E 44 -11.89 8.50 -19.20
CA CYS E 44 -12.20 7.71 -20.37
C CYS E 44 -12.44 8.66 -21.53
N VAL E 45 -12.10 8.19 -22.73
CA VAL E 45 -12.19 9.04 -23.91
C VAL E 45 -13.65 9.25 -24.28
N PRO E 46 -14.06 10.46 -24.66
CA PRO E 46 -15.44 10.65 -25.11
C PRO E 46 -15.68 9.99 -26.45
N THR E 47 -16.85 9.38 -26.58
CA THR E 47 -17.23 8.71 -27.82
C THR E 47 -17.46 9.73 -28.91
N ASP E 48 -16.96 9.42 -30.10
CA ASP E 48 -17.36 10.11 -31.31
C ASP E 48 -18.86 9.92 -31.48
N PRO E 49 -19.65 11.00 -31.56
CA PRO E 49 -21.10 10.85 -31.76
C PRO E 49 -21.50 10.51 -33.19
N ASN E 50 -20.56 10.08 -34.01
CA ASN E 50 -20.77 9.64 -35.38
C ASN E 50 -20.72 8.13 -35.41
N PRO E 51 -21.85 7.44 -35.34
CA PRO E 51 -21.81 5.97 -35.40
C PRO E 51 -21.52 5.48 -36.82
N GLN E 52 -20.25 5.50 -37.18
CA GLN E 52 -19.83 5.04 -38.49
C GLN E 52 -19.95 3.53 -38.53
N GLU E 53 -20.99 3.03 -39.17
CA GLU E 53 -21.28 1.60 -39.22
C GLU E 53 -21.31 1.19 -40.67
N ILE E 54 -20.22 0.63 -41.16
CA ILE E 54 -20.04 0.36 -42.58
C ILE E 54 -20.48 -1.05 -42.89
N HIS E 55 -21.45 -1.20 -43.78
CA HIS E 55 -21.98 -2.51 -44.11
C HIS E 55 -20.99 -3.25 -45.01
N LEU E 56 -20.99 -4.57 -44.87
CA LEU E 56 -20.17 -5.45 -45.69
C LEU E 56 -21.08 -6.23 -46.62
N GLU E 57 -20.83 -6.12 -47.92
CA GLU E 57 -21.65 -6.80 -48.89
C GLU E 57 -21.15 -8.20 -49.13
N ASN E 58 -22.11 -9.10 -49.39
CA ASN E 58 -22.00 -10.47 -49.92
C ASN E 58 -20.77 -11.25 -49.44
N VAL E 59 -20.54 -11.18 -48.13
CA VAL E 59 -19.42 -11.86 -47.50
C VAL E 59 -19.91 -12.47 -46.20
N THR E 60 -19.41 -13.65 -45.88
CA THR E 60 -19.81 -14.38 -44.69
C THR E 60 -18.59 -14.69 -43.83
N GLU E 61 -18.85 -14.95 -42.55
CA GLU E 61 -17.80 -15.30 -41.61
C GLU E 61 -18.40 -16.04 -40.42
N GLU E 62 -17.88 -17.22 -40.13
CA GLU E 62 -18.36 -17.98 -39.00
C GLU E 62 -17.75 -17.45 -37.72
N PHE E 63 -18.60 -17.18 -36.73
CA PHE E 63 -18.17 -16.64 -35.46
C PHE E 63 -18.11 -17.75 -34.43
N ASN E 64 -17.85 -17.39 -33.19
CA ASN E 64 -18.03 -18.29 -32.06
C ASN E 64 -18.23 -17.41 -30.84
N MET E 65 -19.43 -17.44 -30.27
CA MET E 65 -19.67 -16.75 -29.02
C MET E 65 -19.07 -17.46 -27.82
N TRP E 66 -18.43 -18.60 -28.01
CA TRP E 66 -17.90 -19.34 -26.88
C TRP E 66 -16.39 -19.24 -26.78
N LYS E 67 -15.75 -18.49 -27.67
CA LYS E 67 -14.31 -18.30 -27.60
C LYS E 67 -13.94 -16.82 -27.72
N ASN E 68 -14.84 -15.92 -27.37
CA ASN E 68 -14.51 -14.51 -27.40
C ASN E 68 -13.57 -14.17 -26.26
N ASN E 69 -12.34 -13.83 -26.61
CA ASN E 69 -11.39 -13.31 -25.65
C ASN E 69 -11.79 -11.93 -25.12
N MET E 70 -12.69 -11.25 -25.81
CA MET E 70 -13.27 -10.01 -25.29
C MET E 70 -13.98 -10.23 -23.96
N VAL E 71 -14.55 -11.41 -23.77
CA VAL E 71 -15.10 -11.77 -22.46
C VAL E 71 -14.00 -11.77 -21.42
N GLU E 72 -12.89 -12.43 -21.72
CA GLU E 72 -11.85 -12.59 -20.72
C GLU E 72 -11.10 -11.29 -20.47
N GLN E 73 -11.06 -10.40 -21.45
CA GLN E 73 -10.47 -9.09 -21.20
C GLN E 73 -11.37 -8.29 -20.29
N MET E 74 -12.66 -8.28 -20.56
CA MET E 74 -13.56 -7.43 -19.79
C MET E 74 -13.79 -7.98 -18.39
N HIS E 75 -13.92 -9.31 -18.27
CA HIS E 75 -14.09 -9.89 -16.95
C HIS E 75 -12.86 -9.71 -16.08
N THR E 76 -11.69 -9.58 -16.70
CA THR E 76 -10.52 -9.14 -15.95
C THR E 76 -10.71 -7.71 -15.46
N ASP E 77 -11.24 -6.85 -16.32
CA ASP E 77 -11.26 -5.43 -16.01
C ASP E 77 -12.31 -5.08 -14.97
N ILE E 78 -13.46 -5.77 -15.00
CA ILE E 78 -14.53 -5.48 -14.07
C ILE E 78 -14.13 -5.84 -12.66
N ILE E 79 -13.40 -6.96 -12.52
CA ILE E 79 -12.83 -7.29 -11.23
C ILE E 79 -11.80 -6.25 -10.83
N GLU E 80 -11.04 -5.77 -11.79
CA GLU E 80 -9.91 -4.94 -11.44
C GLU E 80 -10.33 -3.51 -11.13
N LEU E 81 -11.29 -2.98 -11.88
CA LEU E 81 -11.83 -1.66 -11.58
C LEU E 81 -12.51 -1.65 -10.23
N TRP E 82 -13.25 -2.71 -9.94
CA TRP E 82 -13.88 -2.87 -8.64
C TRP E 82 -12.84 -2.87 -7.54
N ASP E 83 -11.73 -3.56 -7.77
CA ASP E 83 -10.67 -3.60 -6.78
C ASP E 83 -9.96 -2.27 -6.69
N GLN E 84 -9.89 -1.53 -7.80
CA GLN E 84 -9.11 -0.32 -7.82
C GLN E 84 -9.81 0.79 -7.05
N SER E 85 -11.11 0.94 -7.23
CA SER E 85 -11.82 1.97 -6.51
C SER E 85 -12.04 1.61 -5.05
N LEU E 86 -12.07 0.32 -4.73
CA LEU E 86 -12.33 -0.10 -3.37
C LEU E 86 -11.14 0.11 -2.46
N LYS E 87 -9.95 0.31 -3.04
CA LYS E 87 -8.72 0.33 -2.25
C LYS E 87 -8.62 1.50 -1.26
N PRO E 88 -8.77 2.79 -1.65
CA PRO E 88 -8.36 3.84 -0.70
C PRO E 88 -9.32 4.15 0.44
N CYS E 89 -10.30 3.30 0.73
CA CYS E 89 -11.24 3.61 1.78
C CYS E 89 -10.94 2.86 3.06
N VAL E 90 -11.85 2.96 4.02
CA VAL E 90 -11.60 2.59 5.41
C VAL E 90 -11.60 1.08 5.56
N LYS E 91 -10.57 0.54 6.19
CA LYS E 91 -10.53 -0.88 6.52
C LYS E 91 -11.15 -1.08 7.88
N LEU E 92 -12.17 -1.92 7.95
CA LEU E 92 -12.85 -2.18 9.23
C LEU E 92 -12.23 -3.39 9.92
N THR E 93 -10.93 -3.30 10.13
CA THR E 93 -10.22 -4.30 10.93
C THR E 93 -10.75 -4.44 12.36
N PRO E 94 -10.90 -3.40 13.19
CA PRO E 94 -11.32 -3.65 14.56
C PRO E 94 -12.80 -3.95 14.72
N LEU E 95 -13.54 -4.10 13.63
CA LEU E 95 -14.96 -4.42 13.73
C LEU E 95 -15.18 -5.84 14.21
N CYS E 96 -14.27 -6.75 13.90
CA CYS E 96 -14.46 -8.18 14.15
C CYS E 96 -14.32 -8.46 15.65
N VAL E 97 -15.41 -8.20 16.38
CA VAL E 97 -15.40 -8.35 17.84
C VAL E 97 -16.48 -9.33 18.25
N THR E 98 -16.67 -9.48 19.55
CA THR E 98 -17.76 -10.28 20.10
C THR E 98 -19.00 -9.43 20.22
N LEU E 99 -20.10 -9.90 19.65
CA LEU E 99 -21.33 -9.11 19.56
C LEU E 99 -22.36 -9.63 20.54
N GLN E 100 -22.80 -8.76 21.43
CA GLN E 100 -24.00 -9.01 22.23
C GLN E 100 -25.19 -8.52 21.44
N CYS E 101 -26.11 -9.44 21.12
CA CYS E 101 -27.21 -9.09 20.23
C CYS E 101 -28.52 -9.69 20.71
N THR E 102 -29.60 -9.13 20.19
CA THR E 102 -30.95 -9.66 20.37
C THR E 102 -31.80 -9.21 19.19
N ASN E 103 -33.02 -9.73 19.14
CA ASN E 103 -33.90 -9.42 18.03
C ASN E 103 -34.45 -8.01 18.17
N TYR E 104 -34.84 -7.42 17.04
CA TYR E 104 -35.23 -6.03 17.05
C TYR E 104 -36.73 -5.82 17.23
N ALA E 105 -37.54 -6.58 16.52
CA ALA E 105 -38.98 -6.53 16.75
C ALA E 105 -39.41 -7.87 17.29
N PRO E 106 -39.30 -8.09 18.60
CA PRO E 106 -39.48 -9.44 19.14
C PRO E 106 -40.90 -9.92 19.10
N LYS E 107 -41.86 -9.01 18.99
CA LYS E 107 -43.25 -9.38 18.93
C LYS E 107 -43.68 -9.07 17.50
N LEU E 108 -43.57 -10.06 16.63
CA LEU E 108 -43.90 -9.87 15.23
C LEU E 108 -44.29 -11.22 14.64
N ARG E 109 -45.34 -11.23 13.84
CA ARG E 109 -45.86 -12.44 13.25
C ARG E 109 -45.47 -12.66 11.80
N SER E 110 -44.97 -11.63 11.13
CA SER E 110 -44.83 -11.67 9.69
C SER E 110 -43.60 -12.48 9.28
N MET E 111 -43.22 -12.38 8.01
CA MET E 111 -42.01 -13.01 7.56
C MET E 111 -40.76 -12.35 8.10
N MET E 112 -40.84 -11.08 8.47
CA MET E 112 -39.70 -10.36 8.99
C MET E 112 -39.41 -10.65 10.45
N ARG E 113 -40.03 -11.66 11.05
CA ARG E 113 -39.78 -11.94 12.45
C ARG E 113 -38.40 -12.56 12.62
N GLY E 114 -37.71 -12.12 13.66
CA GLY E 114 -36.35 -12.58 13.93
C GLY E 114 -35.38 -12.26 12.83
N GLU E 115 -35.54 -11.14 12.14
CA GLU E 115 -34.71 -10.84 10.99
C GLU E 115 -33.70 -9.76 11.24
N ILE E 116 -34.12 -8.62 11.70
CA ILE E 116 -33.21 -7.55 12.05
C ILE E 116 -32.80 -7.73 13.50
N LYS E 117 -31.51 -7.57 13.79
CA LYS E 117 -31.00 -7.82 15.12
C LYS E 117 -30.30 -6.59 15.68
N ASN E 118 -30.84 -6.07 16.78
CA ASN E 118 -30.15 -5.09 17.59
C ASN E 118 -28.90 -5.72 18.19
N CYS E 119 -27.82 -4.95 18.28
CA CYS E 119 -26.53 -5.49 18.67
C CYS E 119 -25.74 -4.48 19.51
N SER E 120 -24.63 -4.94 20.09
CA SER E 120 -23.83 -4.13 20.99
C SER E 120 -22.35 -4.40 20.80
N PHE E 121 -21.53 -3.38 21.06
CA PHE E 121 -20.10 -3.39 20.74
C PHE E 121 -19.25 -2.98 21.94
N ASN E 122 -17.95 -3.05 21.71
CA ASN E 122 -16.95 -2.20 22.35
C ASN E 122 -16.02 -1.76 21.22
N MET E 123 -16.35 -0.64 20.60
CA MET E 123 -15.60 -0.17 19.45
C MET E 123 -14.48 0.77 19.86
N THR E 124 -13.31 0.56 19.29
CA THR E 124 -12.18 1.43 19.53
C THR E 124 -12.41 2.80 18.90
N THR E 125 -12.26 3.85 19.70
CA THR E 125 -12.44 5.21 19.22
C THR E 125 -11.16 5.68 18.53
N GLU E 126 -11.10 6.98 18.26
CA GLU E 126 -9.91 7.55 17.64
C GLU E 126 -8.75 7.64 18.61
N LEU E 127 -9.02 7.63 19.91
CA LEU E 127 -7.92 7.56 20.85
C LEU E 127 -7.51 6.11 21.04
N ARG E 128 -6.28 5.94 21.53
CA ARG E 128 -5.75 4.59 21.68
C ARG E 128 -6.36 3.87 22.86
N ASP E 129 -6.65 4.59 23.94
CA ASP E 129 -7.10 3.97 25.18
C ASP E 129 -8.54 4.31 25.52
N LYS E 130 -9.36 4.58 24.51
CA LYS E 130 -10.76 4.87 24.75
C LYS E 130 -11.60 3.96 23.88
N LYS E 131 -12.54 3.27 24.50
CA LYS E 131 -13.48 2.40 23.80
C LYS E 131 -14.87 2.96 23.97
N GLN E 132 -15.85 2.26 23.40
CA GLN E 132 -17.15 2.88 23.21
C GLN E 132 -18.20 1.80 22.99
N LYS E 133 -19.27 1.83 23.75
CA LYS E 133 -20.37 0.88 23.58
C LYS E 133 -21.33 1.42 22.54
N VAL E 134 -21.59 0.62 21.51
CA VAL E 134 -22.27 1.06 20.31
C VAL E 134 -23.45 0.14 20.05
N TYR E 135 -24.63 0.73 19.89
CA TYR E 135 -25.82 -0.03 19.53
C TYR E 135 -26.08 0.10 18.04
N SER E 136 -26.31 -1.02 17.38
CA SER E 136 -26.49 -1.03 15.94
C SER E 136 -27.46 -2.12 15.54
N LEU E 137 -27.72 -2.21 14.24
CA LEU E 137 -28.69 -3.15 13.70
C LEU E 137 -28.03 -3.97 12.61
N PHE E 138 -28.38 -5.24 12.53
CA PHE E 138 -27.80 -6.12 11.53
C PHE E 138 -28.85 -7.10 11.06
N TYR E 139 -28.48 -7.92 10.10
CA TYR E 139 -29.37 -8.88 9.47
C TYR E 139 -28.97 -10.29 9.81
N ARG E 140 -29.90 -11.21 9.53
CA ARG E 140 -29.64 -12.63 9.74
C ARG E 140 -28.51 -13.13 8.88
N LEU E 141 -28.40 -12.61 7.67
CA LEU E 141 -27.41 -13.11 6.72
C LEU E 141 -26.08 -12.40 6.86
N ASP E 142 -25.77 -11.88 8.04
CA ASP E 142 -24.51 -11.22 8.27
C ASP E 142 -23.82 -11.74 9.53
N VAL E 143 -24.60 -12.25 10.46
CA VAL E 143 -24.04 -12.67 11.73
C VAL E 143 -24.16 -14.18 11.85
N VAL E 144 -23.30 -14.76 12.68
CA VAL E 144 -23.26 -16.19 12.95
C VAL E 144 -23.21 -16.38 14.46
N GLN E 145 -23.97 -17.34 14.97
CA GLN E 145 -23.91 -17.68 16.38
C GLN E 145 -22.55 -18.26 16.75
N ILE E 146 -22.25 -18.23 18.03
CA ILE E 146 -20.98 -18.77 18.53
C ILE E 146 -21.26 -19.93 19.46
N ASN E 147 -22.41 -19.88 20.13
CA ASN E 147 -22.82 -20.80 21.21
C ASN E 147 -21.78 -20.85 22.33
N ASN E 158 -29.03 -13.29 25.17
CA ASN E 158 -28.09 -12.51 24.37
C ASN E 158 -26.87 -13.34 24.01
N LYS E 159 -27.09 -14.35 23.18
CA LYS E 159 -26.01 -15.22 22.78
C LYS E 159 -25.05 -14.48 21.85
N GLU E 160 -23.78 -14.87 21.94
CA GLU E 160 -22.72 -14.13 21.27
C GLU E 160 -22.76 -14.37 19.78
N TYR E 161 -22.77 -13.30 19.01
CA TYR E 161 -22.78 -13.42 17.56
C TYR E 161 -21.47 -12.89 16.99
N ARG E 162 -21.25 -13.23 15.73
CA ARG E 162 -19.99 -12.93 15.08
C ARG E 162 -20.26 -12.86 13.59
N LEU E 163 -19.52 -12.00 12.91
CA LEU E 163 -19.80 -11.72 11.51
C LEU E 163 -19.31 -12.87 10.63
N ILE E 164 -19.63 -12.81 9.34
CA ILE E 164 -19.32 -13.96 8.49
C ILE E 164 -17.86 -13.94 8.08
N ASN E 165 -17.41 -12.81 7.54
CA ASN E 165 -16.08 -12.46 7.08
C ASN E 165 -14.88 -13.01 7.85
N CYS E 166 -15.00 -13.00 9.20
CA CYS E 166 -13.89 -13.32 10.09
C CYS E 166 -13.46 -14.76 9.98
N ASN E 167 -14.32 -15.61 9.45
CA ASN E 167 -13.91 -16.91 8.98
C ASN E 167 -12.82 -16.77 7.93
N THR E 168 -13.06 -15.94 6.93
CA THR E 168 -12.23 -15.91 5.73
C THR E 168 -11.56 -14.59 5.45
N SER E 169 -12.29 -13.49 5.38
CA SER E 169 -11.81 -12.32 4.65
C SER E 169 -11.69 -11.11 5.57
N ALA E 170 -11.29 -10.00 4.97
CA ALA E 170 -11.23 -8.71 5.63
C ALA E 170 -12.28 -7.77 5.03
N ILE E 171 -12.43 -6.60 5.64
CA ILE E 171 -13.57 -5.73 5.40
C ILE E 171 -13.09 -4.35 4.97
N THR E 172 -13.65 -3.85 3.88
CA THR E 172 -13.40 -2.50 3.43
C THR E 172 -14.72 -1.73 3.41
N GLN E 173 -14.71 -0.55 4.02
CA GLN E 173 -15.82 0.39 3.86
C GLN E 173 -15.95 0.79 2.40
N ALA E 174 -17.19 0.91 1.92
CA ALA E 174 -17.44 1.01 0.49
C ALA E 174 -17.58 2.45 0.02
N CYS E 175 -16.83 3.39 0.61
CA CYS E 175 -16.57 4.73 0.07
C CYS E 175 -17.84 5.54 -0.12
N PRO E 176 -18.48 6.00 0.94
CA PRO E 176 -19.87 6.46 0.83
C PRO E 176 -20.09 7.80 0.15
N LYS E 177 -19.45 7.99 -1.00
CA LYS E 177 -19.79 9.05 -1.92
C LYS E 177 -19.92 8.57 -3.33
N VAL E 178 -19.38 7.41 -3.67
CA VAL E 178 -19.41 6.89 -5.03
C VAL E 178 -20.77 6.25 -5.25
N SER E 179 -21.07 5.92 -6.49
CA SER E 179 -22.32 5.23 -6.80
C SER E 179 -22.02 3.87 -7.40
N PHE E 180 -23.07 3.21 -7.87
CA PHE E 180 -22.93 1.91 -8.50
C PHE E 180 -23.77 1.79 -9.75
N GLU E 181 -24.27 2.90 -10.29
CA GLU E 181 -25.16 2.84 -11.42
C GLU E 181 -24.39 2.42 -12.66
N PRO E 182 -24.82 1.38 -13.35
CA PRO E 182 -24.06 0.88 -14.49
C PRO E 182 -24.13 1.82 -15.68
N ILE E 183 -23.04 2.54 -15.90
CA ILE E 183 -22.97 3.46 -17.03
C ILE E 183 -22.82 2.65 -18.31
N PRO E 184 -23.48 3.02 -19.40
CA PRO E 184 -23.22 2.36 -20.68
C PRO E 184 -21.78 2.61 -21.12
N ILE E 185 -21.10 1.52 -21.46
CA ILE E 185 -19.70 1.56 -21.84
C ILE E 185 -19.58 1.15 -23.29
N HIS E 186 -18.87 1.93 -24.07
CA HIS E 186 -18.48 1.54 -25.41
C HIS E 186 -17.03 1.08 -25.39
N TYR E 187 -16.69 0.24 -26.36
CA TYR E 187 -15.37 -0.35 -26.49
C TYR E 187 -14.78 -0.02 -27.85
N CYS E 188 -13.90 0.98 -27.89
CA CYS E 188 -13.20 1.30 -29.12
C CYS E 188 -11.95 0.44 -29.25
N ALA E 189 -11.79 -0.18 -30.39
CA ALA E 189 -10.61 -0.93 -30.73
C ALA E 189 -9.51 0.02 -31.20
N PRO E 190 -8.23 -0.35 -31.01
CA PRO E 190 -7.15 0.53 -31.48
C PRO E 190 -7.04 0.49 -32.99
N ALA E 191 -6.17 1.37 -33.49
CA ALA E 191 -5.94 1.48 -34.92
C ALA E 191 -5.26 0.22 -35.45
N GLY E 192 -5.45 -0.04 -36.73
CA GLY E 192 -4.98 -1.29 -37.28
C GLY E 192 -5.80 -2.48 -36.86
N PHE E 193 -7.02 -2.25 -36.39
CA PHE E 193 -7.90 -3.33 -35.99
C PHE E 193 -9.32 -2.94 -36.33
N ALA E 194 -10.21 -3.92 -36.25
CA ALA E 194 -11.61 -3.66 -36.47
C ALA E 194 -12.43 -4.64 -35.66
N ILE E 195 -13.70 -4.32 -35.50
CA ILE E 195 -14.62 -5.15 -34.74
C ILE E 195 -15.73 -5.57 -35.69
N LEU E 196 -15.88 -6.87 -35.89
CA LEU E 196 -16.94 -7.32 -36.77
C LEU E 196 -18.28 -7.32 -36.05
N LYS E 197 -19.34 -7.35 -36.83
CA LYS E 197 -20.69 -7.36 -36.29
C LYS E 197 -21.51 -8.36 -37.07
N CYS E 198 -22.28 -9.19 -36.37
CA CYS E 198 -23.03 -10.25 -37.04
C CYS E 198 -24.22 -9.69 -37.81
N LYS E 199 -25.15 -9.05 -37.09
CA LYS E 199 -26.37 -8.38 -37.55
C LYS E 199 -27.40 -9.38 -38.10
N ASP E 200 -27.07 -10.66 -38.18
CA ASP E 200 -28.03 -11.66 -38.62
C ASP E 200 -29.00 -11.96 -37.50
N LYS E 201 -30.29 -11.85 -37.81
CA LYS E 201 -31.31 -12.26 -36.88
C LYS E 201 -31.29 -13.78 -36.75
N LYS E 202 -31.73 -14.25 -35.57
CA LYS E 202 -31.77 -15.67 -35.21
C LYS E 202 -30.40 -16.31 -35.33
N PHE E 203 -29.37 -15.61 -34.87
CA PHE E 203 -28.03 -16.17 -34.97
C PHE E 203 -27.82 -17.26 -33.95
N ASN E 204 -27.19 -18.35 -34.41
CA ASN E 204 -27.13 -19.60 -33.67
C ASN E 204 -26.21 -19.50 -32.46
N GLY E 205 -25.14 -18.71 -32.55
CA GLY E 205 -24.05 -18.76 -31.60
C GLY E 205 -22.74 -19.14 -32.25
N THR E 206 -22.80 -19.96 -33.30
CA THR E 206 -21.62 -20.37 -34.05
C THR E 206 -22.07 -20.65 -35.48
N GLY E 207 -21.84 -19.70 -36.37
CA GLY E 207 -22.27 -19.83 -37.74
C GLY E 207 -21.88 -18.66 -38.60
N PRO E 208 -21.85 -18.85 -39.92
CA PRO E 208 -21.54 -17.74 -40.82
C PRO E 208 -22.65 -16.73 -40.92
N CYS E 209 -22.45 -15.57 -40.31
CA CYS E 209 -23.37 -14.46 -40.45
C CYS E 209 -23.24 -13.91 -41.87
N PRO E 210 -24.30 -13.86 -42.63
CA PRO E 210 -24.18 -13.28 -43.98
C PRO E 210 -24.24 -11.76 -43.97
N SER E 211 -25.00 -11.19 -43.04
CA SER E 211 -25.27 -9.76 -43.05
C SER E 211 -24.27 -8.99 -42.21
N VAL E 212 -22.98 -9.21 -42.43
CA VAL E 212 -21.97 -8.65 -41.55
C VAL E 212 -21.73 -7.18 -41.87
N SER E 213 -21.19 -6.50 -40.88
CA SER E 213 -20.73 -5.13 -41.00
C SER E 213 -19.67 -4.93 -39.95
N THR E 214 -19.04 -3.77 -39.93
CA THR E 214 -18.01 -3.56 -38.92
C THR E 214 -18.01 -2.11 -38.47
N VAL E 215 -17.51 -1.91 -37.25
CA VAL E 215 -17.36 -0.59 -36.65
C VAL E 215 -15.99 -0.52 -35.99
N GLN E 216 -15.66 0.68 -35.53
CA GLN E 216 -14.51 0.87 -34.67
C GLN E 216 -14.83 0.67 -33.21
N CYS E 217 -16.09 0.77 -32.82
CA CYS E 217 -16.38 0.99 -31.41
C CYS E 217 -17.80 0.56 -31.16
N THR E 218 -18.00 -0.34 -30.20
CA THR E 218 -19.29 -1.00 -30.06
C THR E 218 -20.32 -0.07 -29.42
N HIS E 219 -21.55 -0.58 -29.35
CA HIS E 219 -22.67 0.16 -28.77
C HIS E 219 -22.58 0.08 -27.26
N GLY E 220 -23.60 0.60 -26.58
CA GLY E 220 -23.55 0.72 -25.14
C GLY E 220 -23.65 -0.64 -24.46
N ILE E 221 -22.86 -0.80 -23.40
CA ILE E 221 -22.92 -2.00 -22.57
C ILE E 221 -23.03 -1.55 -21.13
N LYS E 222 -24.08 -2.02 -20.46
CA LYS E 222 -24.26 -1.70 -19.06
C LYS E 222 -23.76 -2.88 -18.23
N PRO E 223 -22.64 -2.76 -17.56
CA PRO E 223 -22.08 -3.91 -16.83
C PRO E 223 -22.81 -4.18 -15.53
N VAL E 224 -23.98 -4.69 -15.63
CA VAL E 224 -24.78 -4.97 -14.46
C VAL E 224 -24.42 -6.36 -13.94
N VAL E 225 -24.46 -6.51 -12.63
CA VAL E 225 -24.24 -7.81 -12.01
C VAL E 225 -25.60 -8.38 -11.64
N SER E 226 -25.88 -9.60 -12.11
CA SER E 226 -27.16 -10.22 -11.82
C SER E 226 -27.02 -11.73 -11.88
N THR E 227 -27.81 -12.39 -11.06
CA THR E 227 -27.91 -13.84 -11.07
C THR E 227 -29.32 -14.23 -11.52
N GLN E 228 -29.42 -15.40 -12.15
CA GLN E 228 -30.64 -16.12 -12.50
C GLN E 228 -31.45 -15.46 -13.60
N LEU E 229 -31.15 -14.21 -13.94
CA LEU E 229 -31.91 -13.43 -14.90
C LEU E 229 -30.96 -12.38 -15.46
N LEU E 230 -31.46 -11.59 -16.40
CA LEU E 230 -30.64 -10.54 -17.02
C LEU E 230 -31.41 -9.23 -17.01
N LEU E 231 -31.21 -8.44 -15.96
CA LEU E 231 -31.87 -7.17 -15.82
C LEU E 231 -31.31 -6.15 -16.81
N ASN E 232 -32.15 -5.19 -17.18
CA ASN E 232 -31.74 -3.92 -17.81
C ASN E 232 -31.05 -4.06 -19.15
N GLY E 233 -30.98 -5.26 -19.71
CA GLY E 233 -30.08 -5.54 -20.81
C GLY E 233 -30.59 -5.07 -22.15
N SER E 234 -30.12 -5.73 -23.19
CA SER E 234 -30.52 -5.43 -24.56
C SER E 234 -31.61 -6.39 -24.99
N LEU E 235 -32.56 -5.88 -25.77
CA LEU E 235 -33.67 -6.68 -26.22
C LEU E 235 -33.25 -7.60 -27.35
N ALA E 236 -34.12 -8.53 -27.69
CA ALA E 236 -34.03 -9.22 -28.96
C ALA E 236 -34.83 -8.41 -29.98
N GLU E 237 -34.97 -8.94 -31.19
CA GLU E 237 -35.62 -8.19 -32.26
C GLU E 237 -36.70 -8.96 -32.99
N GLU E 238 -36.68 -10.29 -32.95
CA GLU E 238 -37.64 -11.10 -33.70
C GLU E 238 -38.50 -11.97 -32.80
N GLU E 239 -37.88 -12.77 -31.95
CA GLU E 239 -38.62 -13.72 -31.14
C GLU E 239 -37.75 -14.14 -29.95
N VAL E 240 -38.21 -15.15 -29.23
CA VAL E 240 -37.38 -15.83 -28.25
C VAL E 240 -36.27 -16.56 -28.96
N ILE E 241 -35.03 -16.30 -28.55
CA ILE E 241 -33.86 -16.90 -29.16
C ILE E 241 -33.15 -17.74 -28.11
N ILE E 242 -32.91 -19.00 -28.43
CA ILE E 242 -32.18 -19.89 -27.55
C ILE E 242 -30.75 -19.99 -28.03
N ARG E 243 -29.80 -19.92 -27.09
CA ARG E 243 -28.41 -20.19 -27.39
C ARG E 243 -27.82 -21.03 -26.28
N SER E 244 -26.95 -21.95 -26.66
CA SER E 244 -26.06 -22.64 -25.73
C SER E 244 -24.90 -23.17 -26.55
N GLU E 245 -24.02 -23.92 -25.90
CA GLU E 245 -22.88 -24.48 -26.60
C GLU E 245 -23.12 -25.95 -26.97
N ASN E 246 -23.32 -26.79 -25.97
CA ASN E 246 -23.62 -28.20 -26.20
C ASN E 246 -24.98 -28.47 -25.57
N ILE E 247 -26.02 -28.44 -26.39
CA ILE E 247 -27.37 -28.64 -25.90
C ILE E 247 -27.58 -30.06 -25.40
N THR E 248 -26.77 -31.00 -25.83
CA THR E 248 -26.87 -32.36 -25.36
C THR E 248 -26.06 -32.60 -24.09
N ASN E 249 -25.28 -31.63 -23.65
CA ASN E 249 -24.54 -31.77 -22.41
C ASN E 249 -25.33 -31.17 -21.27
N ASN E 250 -25.13 -31.73 -20.07
CA ASN E 250 -25.67 -31.16 -18.84
C ASN E 250 -24.73 -30.18 -18.18
N ALA E 251 -23.49 -30.07 -18.65
CA ALA E 251 -22.55 -29.12 -18.07
C ALA E 251 -22.68 -27.73 -18.65
N LYS E 252 -23.02 -27.62 -19.94
CA LYS E 252 -23.21 -26.32 -20.54
C LYS E 252 -24.50 -25.70 -20.05
N ASN E 253 -24.46 -24.40 -19.81
CA ASN E 253 -25.65 -23.69 -19.37
C ASN E 253 -26.49 -23.28 -20.57
N ILE E 254 -27.51 -22.50 -20.31
CA ILE E 254 -28.54 -22.19 -21.30
C ILE E 254 -28.71 -20.68 -21.34
N LEU E 255 -28.54 -20.10 -22.52
CA LEU E 255 -28.72 -18.67 -22.69
C LEU E 255 -30.04 -18.43 -23.42
N VAL E 256 -30.89 -17.61 -22.82
CA VAL E 256 -32.19 -17.29 -23.37
C VAL E 256 -32.26 -15.79 -23.57
N GLN E 257 -32.68 -15.35 -24.75
CA GLN E 257 -32.92 -13.94 -25.00
C GLN E 257 -34.37 -13.75 -25.40
N LEU E 258 -35.00 -12.70 -24.84
CA LEU E 258 -36.42 -12.48 -25.02
C LEU E 258 -36.65 -11.28 -25.92
N ASN E 259 -37.69 -11.37 -26.74
CA ASN E 259 -38.08 -10.30 -27.64
C ASN E 259 -38.85 -9.19 -26.95
N THR E 260 -39.16 -9.32 -25.67
CA THR E 260 -39.94 -8.32 -24.97
C THR E 260 -39.55 -8.31 -23.51
N PRO E 261 -39.55 -7.16 -22.87
CA PRO E 261 -39.18 -7.10 -21.46
C PRO E 261 -40.37 -7.30 -20.55
N VAL E 262 -40.08 -7.47 -19.26
CA VAL E 262 -41.08 -7.50 -18.21
C VAL E 262 -40.72 -6.43 -17.20
N GLN E 263 -41.65 -5.51 -16.97
CA GLN E 263 -41.40 -4.42 -16.04
C GLN E 263 -41.48 -4.93 -14.62
N ILE E 264 -40.33 -5.02 -13.95
CA ILE E 264 -40.24 -5.47 -12.57
C ILE E 264 -40.14 -4.25 -11.68
N ASN E 265 -40.99 -4.21 -10.66
CA ASN E 265 -40.84 -3.23 -9.60
C ASN E 265 -40.22 -3.91 -8.39
N CYS E 266 -39.33 -3.21 -7.70
CA CYS E 266 -38.69 -3.72 -6.51
C CYS E 266 -38.50 -2.59 -5.52
N THR E 267 -38.65 -2.89 -4.23
CA THR E 267 -38.60 -1.84 -3.24
C THR E 267 -38.10 -2.35 -1.90
N ARG E 268 -37.47 -1.46 -1.15
CA ARG E 268 -37.08 -1.68 0.23
C ARG E 268 -37.84 -0.66 1.06
N PRO E 269 -39.03 -0.95 1.45
CA PRO E 269 -39.92 0.10 1.98
C PRO E 269 -39.71 0.35 3.47
N ASN E 270 -38.58 0.95 3.81
CA ASN E 270 -38.27 1.25 5.20
C ASN E 270 -37.65 2.62 5.30
N ASN E 271 -38.15 3.45 6.20
CA ASN E 271 -37.59 4.77 6.45
C ASN E 271 -36.50 4.60 7.50
N ASN E 272 -35.26 4.83 7.13
CA ASN E 272 -34.15 4.40 7.96
C ASN E 272 -33.36 5.58 8.50
N THR E 273 -32.31 5.26 9.24
CA THR E 273 -31.46 6.28 9.86
C THR E 273 -30.03 5.76 9.86
N VAL E 274 -29.11 6.59 9.41
CA VAL E 274 -27.70 6.24 9.34
C VAL E 274 -26.95 7.08 10.35
N LYS E 275 -26.19 6.44 11.21
CA LYS E 275 -25.34 7.14 12.17
C LYS E 275 -23.89 7.00 11.75
N SER E 276 -23.03 7.72 12.46
CA SER E 276 -21.62 7.76 12.11
C SER E 276 -20.78 7.82 13.38
N ILE E 277 -19.70 7.05 13.40
CA ILE E 277 -18.80 7.02 14.55
C ILE E 277 -17.37 7.03 14.05
N ARG E 278 -16.59 8.01 14.49
CA ARG E 278 -15.15 7.99 14.27
C ARG E 278 -14.55 6.84 15.04
N ILE E 279 -13.91 5.91 14.34
CA ILE E 279 -13.26 4.78 15.00
C ILE E 279 -11.75 4.87 14.94
N GLY E 280 -11.21 5.76 14.14
CA GLY E 280 -9.78 5.99 14.10
C GLY E 280 -9.53 7.45 13.81
N PRO E 281 -8.28 7.82 13.69
CA PRO E 281 -7.97 9.21 13.35
C PRO E 281 -8.30 9.53 11.89
N GLY E 282 -9.60 9.67 11.61
CA GLY E 282 -10.09 9.81 10.25
C GLY E 282 -11.00 8.68 9.82
N GLN E 283 -10.92 7.54 10.47
CA GLN E 283 -11.76 6.40 10.14
C GLN E 283 -13.11 6.60 10.83
N ALA E 284 -14.12 6.97 10.06
CA ALA E 284 -15.47 7.14 10.55
C ALA E 284 -16.40 6.39 9.63
N PHE E 285 -17.09 5.37 10.15
CA PHE E 285 -17.88 4.52 9.30
C PHE E 285 -19.36 4.74 9.59
N TYR E 286 -20.18 4.25 8.69
CA TYR E 286 -21.62 4.49 8.74
C TYR E 286 -22.32 3.18 9.01
N TYR E 287 -23.38 3.22 9.80
CA TYR E 287 -24.05 1.99 10.16
C TYR E 287 -25.54 2.22 10.28
N PHE E 288 -26.27 1.12 10.17
CA PHE E 288 -27.73 1.13 10.06
C PHE E 288 -28.29 1.42 11.44
N GLY E 289 -28.55 2.69 11.69
CA GLY E 289 -28.89 3.14 13.02
C GLY E 289 -30.29 2.80 13.50
N ASP E 290 -31.31 3.24 12.76
CA ASP E 290 -32.67 3.11 13.27
C ASP E 290 -33.63 3.11 12.10
N VAL E 291 -34.82 2.58 12.35
CA VAL E 291 -35.89 2.49 11.36
C VAL E 291 -37.07 3.32 11.86
N LEU E 292 -37.47 4.30 11.06
CA LEU E 292 -38.69 5.04 11.33
C LEU E 292 -39.88 4.32 10.72
N GLY E 293 -41.06 4.60 11.25
CA GLY E 293 -42.18 3.77 10.89
C GLY E 293 -42.02 2.41 11.55
N ASP E 294 -42.53 1.38 10.89
CA ASP E 294 -42.36 0.03 11.39
C ASP E 294 -41.98 -0.92 10.27
N VAL E 295 -41.49 -2.09 10.68
CA VAL E 295 -40.64 -2.92 9.86
C VAL E 295 -41.44 -3.57 8.74
N ARG E 296 -40.97 -3.41 7.52
CA ARG E 296 -41.69 -3.93 6.37
C ARG E 296 -40.75 -4.75 5.51
N MET E 297 -41.26 -5.89 5.03
CA MET E 297 -40.53 -6.77 4.14
C MET E 297 -40.22 -6.08 2.82
N ALA E 298 -39.09 -6.44 2.23
CA ALA E 298 -38.73 -5.98 0.90
C ALA E 298 -39.11 -7.05 -0.11
N HIS E 299 -39.68 -6.61 -1.23
CA HIS E 299 -40.29 -7.55 -2.17
C HIS E 299 -40.15 -7.03 -3.59
N CYS E 300 -40.63 -7.82 -4.53
CA CYS E 300 -40.67 -7.44 -5.94
C CYS E 300 -41.95 -7.93 -6.60
N ASN E 301 -42.50 -7.13 -7.49
CA ASN E 301 -43.72 -7.45 -8.22
C ASN E 301 -43.43 -7.79 -9.67
N ILE E 302 -44.40 -8.47 -10.29
CA ILE E 302 -44.31 -8.90 -11.67
C ILE E 302 -45.71 -9.20 -12.17
N SER E 303 -46.01 -8.77 -13.40
CA SER E 303 -47.28 -9.08 -14.03
C SER E 303 -47.33 -10.56 -14.37
N LYS E 304 -48.24 -11.27 -13.72
CA LYS E 304 -48.29 -12.72 -13.83
C LYS E 304 -48.73 -13.17 -15.22
N ALA E 305 -49.80 -12.57 -15.73
CA ALA E 305 -50.34 -12.98 -17.02
C ALA E 305 -49.41 -12.62 -18.15
N THR E 306 -48.67 -11.51 -18.00
CA THR E 306 -47.64 -11.18 -18.98
C THR E 306 -46.54 -12.21 -18.96
N TRP E 307 -46.18 -12.69 -17.77
CA TRP E 307 -45.06 -13.60 -17.65
C TRP E 307 -45.39 -14.99 -18.14
N ASN E 308 -46.63 -15.44 -17.91
CA ASN E 308 -47.06 -16.72 -18.48
C ASN E 308 -47.07 -16.64 -20.00
N GLU E 309 -47.60 -15.54 -20.53
CA GLU E 309 -47.55 -15.30 -21.97
C GLU E 309 -46.12 -15.21 -22.45
N THR E 310 -45.23 -14.65 -21.63
CA THR E 310 -43.82 -14.63 -21.96
C THR E 310 -43.24 -16.04 -21.92
N LEU E 311 -43.61 -16.81 -20.89
CA LEU E 311 -43.04 -18.15 -20.77
C LEU E 311 -43.65 -19.10 -21.79
N GLY E 312 -44.86 -18.82 -22.26
CA GLY E 312 -45.43 -19.62 -23.32
C GLY E 312 -44.69 -19.49 -24.62
N LYS E 313 -44.05 -18.35 -24.85
CA LYS E 313 -43.21 -18.19 -26.03
C LYS E 313 -41.94 -19.02 -25.91
N VAL E 314 -41.51 -19.29 -24.68
CA VAL E 314 -40.22 -19.94 -24.45
C VAL E 314 -40.29 -21.41 -24.83
N VAL E 315 -41.36 -22.08 -24.39
CA VAL E 315 -41.44 -23.52 -24.52
C VAL E 315 -41.64 -23.91 -25.98
N LYS E 316 -42.30 -23.04 -26.75
CA LYS E 316 -42.38 -23.22 -28.19
C LYS E 316 -41.00 -23.19 -28.83
N GLN E 317 -40.13 -22.31 -28.36
CA GLN E 317 -38.76 -22.30 -28.86
C GLN E 317 -37.99 -23.51 -28.36
N LEU E 318 -38.35 -24.02 -27.18
CA LEU E 318 -37.69 -25.20 -26.64
C LEU E 318 -38.03 -26.44 -27.45
N ARG E 319 -39.30 -26.64 -27.75
CA ARG E 319 -39.77 -27.85 -28.40
C ARG E 319 -39.45 -27.91 -29.88
N LYS E 320 -38.78 -26.89 -30.43
CA LYS E 320 -38.37 -26.94 -31.83
C LYS E 320 -37.35 -28.04 -32.07
N HIS E 321 -36.22 -27.97 -31.38
CA HIS E 321 -35.15 -28.92 -31.58
C HIS E 321 -34.92 -29.81 -30.39
N PHE E 322 -35.80 -29.79 -29.40
CA PHE E 322 -35.57 -30.59 -28.21
C PHE E 322 -36.88 -30.88 -27.52
N GLY E 323 -37.21 -32.16 -27.36
CA GLY E 323 -38.35 -32.57 -26.56
C GLY E 323 -39.69 -32.25 -27.16
N ASN E 324 -39.95 -32.72 -28.38
CA ASN E 324 -41.21 -32.46 -29.04
C ASN E 324 -42.34 -33.26 -28.38
N ASN E 325 -42.18 -34.56 -28.30
CA ASN E 325 -43.14 -35.43 -27.62
C ASN E 325 -42.63 -35.76 -26.21
N THR E 326 -42.49 -34.70 -25.41
CA THR E 326 -41.85 -34.80 -24.11
C THR E 326 -42.32 -33.62 -23.27
N ILE E 327 -42.73 -33.90 -22.04
CA ILE E 327 -43.16 -32.85 -21.13
C ILE E 327 -41.98 -31.95 -20.76
N ILE E 328 -42.29 -30.70 -20.42
CA ILE E 328 -41.30 -29.71 -20.08
C ILE E 328 -41.58 -29.26 -18.66
N ARG E 329 -40.74 -29.67 -17.73
CA ARG E 329 -40.98 -29.43 -16.31
C ARG E 329 -39.97 -28.43 -15.79
N PHE E 330 -40.46 -27.34 -15.22
CA PHE E 330 -39.63 -26.39 -14.52
C PHE E 330 -39.62 -26.70 -13.04
N ALA E 331 -38.45 -26.65 -12.44
CA ALA E 331 -38.29 -26.87 -11.00
C ALA E 331 -37.57 -25.68 -10.41
N GLN E 332 -37.69 -25.54 -9.10
CA GLN E 332 -36.88 -24.56 -8.38
C GLN E 332 -35.42 -24.97 -8.43
N SER E 333 -34.54 -24.01 -8.22
CA SER E 333 -33.12 -24.30 -8.28
C SER E 333 -32.69 -25.13 -7.08
N SER E 334 -31.54 -25.78 -7.24
CA SER E 334 -31.17 -26.88 -6.34
C SER E 334 -30.71 -26.36 -4.98
N GLY E 335 -29.58 -25.66 -4.95
CA GLY E 335 -29.00 -25.25 -3.70
C GLY E 335 -27.52 -24.97 -3.86
N GLY E 336 -26.94 -24.52 -2.75
CA GLY E 336 -25.56 -24.06 -2.75
C GLY E 336 -25.48 -22.68 -2.12
N ASP E 337 -24.68 -21.80 -2.72
CA ASP E 337 -24.65 -20.42 -2.24
C ASP E 337 -25.90 -19.69 -2.69
N LEU E 338 -26.14 -18.53 -2.06
CA LEU E 338 -27.30 -17.74 -2.44
C LEU E 338 -27.13 -17.14 -3.82
N GLU E 339 -25.89 -16.88 -4.21
CA GLU E 339 -25.62 -16.29 -5.51
C GLU E 339 -25.95 -17.26 -6.63
N VAL E 340 -25.68 -18.55 -6.42
CA VAL E 340 -26.05 -19.54 -7.42
C VAL E 340 -27.46 -20.06 -7.23
N THR E 341 -28.09 -19.77 -6.10
CA THR E 341 -29.46 -20.25 -5.91
C THR E 341 -30.47 -19.20 -6.35
N THR E 342 -30.48 -18.05 -5.69
CA THR E 342 -31.57 -17.12 -5.85
C THR E 342 -31.17 -15.96 -6.75
N HIS E 343 -32.17 -15.19 -7.15
CA HIS E 343 -31.93 -13.95 -7.86
C HIS E 343 -31.19 -12.98 -6.96
N SER E 344 -30.10 -12.43 -7.47
CA SER E 344 -29.32 -11.47 -6.71
C SER E 344 -28.91 -10.33 -7.62
N PHE E 345 -29.04 -9.11 -7.11
CA PHE E 345 -28.71 -7.93 -7.89
C PHE E 345 -28.49 -6.76 -6.95
N ASN E 346 -27.58 -5.89 -7.34
CA ASN E 346 -27.49 -4.57 -6.74
C ASN E 346 -28.47 -3.65 -7.42
N CYS E 347 -29.01 -2.71 -6.67
CA CYS E 347 -29.85 -1.69 -7.27
C CYS E 347 -29.54 -0.33 -6.67
N GLY E 348 -28.25 0.02 -6.65
CA GLY E 348 -27.90 1.35 -6.22
C GLY E 348 -27.76 1.43 -4.72
N GLY E 349 -26.88 0.62 -4.16
CA GLY E 349 -26.56 0.68 -2.75
C GLY E 349 -27.10 -0.47 -1.94
N GLU E 350 -27.98 -1.30 -2.49
CA GLU E 350 -28.51 -2.43 -1.74
C GLU E 350 -28.44 -3.69 -2.58
N PHE E 351 -28.18 -4.79 -1.92
CA PHE E 351 -27.93 -6.06 -2.57
C PHE E 351 -29.07 -7.01 -2.26
N PHE E 352 -29.96 -7.17 -3.21
CA PHE E 352 -31.18 -7.93 -3.00
C PHE E 352 -30.95 -9.40 -3.21
N TYR E 353 -31.80 -10.21 -2.57
CA TYR E 353 -31.80 -11.66 -2.72
C TYR E 353 -33.28 -12.06 -2.72
N CYS E 354 -33.85 -12.14 -3.90
CA CYS E 354 -35.27 -12.40 -4.06
C CYS E 354 -35.47 -13.88 -4.38
N ASN E 355 -36.27 -14.56 -3.56
CA ASN E 355 -36.55 -15.97 -3.78
C ASN E 355 -37.43 -16.12 -5.00
N THR E 356 -37.05 -17.05 -5.88
CA THR E 356 -37.72 -17.22 -7.17
C THR E 356 -38.35 -18.58 -7.32
N SER E 357 -38.76 -19.19 -6.21
CA SER E 357 -39.46 -20.47 -6.30
C SER E 357 -40.83 -20.33 -6.92
N GLY E 358 -41.41 -19.13 -6.92
CA GLY E 358 -42.70 -18.91 -7.50
C GLY E 358 -42.67 -18.55 -8.96
N LEU E 359 -41.61 -18.96 -9.67
CA LEU E 359 -41.56 -18.80 -11.11
C LEU E 359 -41.15 -20.07 -11.83
N PHE E 360 -40.98 -21.18 -11.13
CA PHE E 360 -40.45 -22.38 -11.75
C PHE E 360 -41.22 -23.58 -11.22
N ASN E 361 -42.53 -23.45 -11.19
CA ASN E 361 -43.47 -24.44 -10.67
C ASN E 361 -44.48 -24.66 -11.78
N SER E 362 -44.14 -25.50 -12.76
CA SER E 362 -44.90 -25.52 -14.00
C SER E 362 -44.50 -26.70 -14.87
N THR E 363 -45.49 -27.29 -15.54
CA THR E 363 -45.28 -28.30 -16.58
C THR E 363 -46.14 -27.95 -17.78
N TRP E 364 -45.90 -28.65 -18.90
CA TRP E 364 -46.67 -28.44 -20.11
C TRP E 364 -46.88 -29.74 -20.86
N ILE E 365 -48.01 -29.80 -21.57
CA ILE E 365 -48.45 -30.98 -22.29
C ILE E 365 -48.69 -30.60 -23.74
N SER E 366 -47.98 -31.26 -24.65
CA SER E 366 -48.15 -31.14 -26.11
C SER E 366 -48.04 -29.71 -26.64
N ASP E 380 -53.76 -9.14 -9.36
CA ASP E 380 -53.54 -10.40 -10.08
C ASP E 380 -52.06 -10.61 -10.42
N SER E 381 -51.21 -9.83 -9.77
CA SER E 381 -49.77 -9.88 -10.01
C SER E 381 -49.14 -10.96 -9.12
N LEU E 382 -47.82 -10.95 -9.03
CA LEU E 382 -47.09 -11.97 -8.30
C LEU E 382 -45.97 -11.31 -7.50
N ILE E 383 -45.79 -11.78 -6.26
CA ILE E 383 -44.90 -11.13 -5.31
C ILE E 383 -43.77 -12.08 -4.95
N LEU E 384 -42.54 -11.59 -5.04
CA LEU E 384 -41.38 -12.35 -4.64
C LEU E 384 -40.81 -11.79 -3.36
N PRO E 385 -40.64 -12.59 -2.32
CA PRO E 385 -39.99 -12.10 -1.11
C PRO E 385 -38.50 -11.93 -1.35
N CYS E 386 -37.92 -10.91 -0.75
CA CYS E 386 -36.55 -10.51 -1.06
C CYS E 386 -35.78 -10.25 0.22
N ARG E 387 -34.60 -10.84 0.33
CA ARG E 387 -33.69 -10.59 1.42
C ARG E 387 -32.57 -9.67 0.96
N ILE E 388 -31.92 -9.02 1.92
CA ILE E 388 -30.77 -8.18 1.65
C ILE E 388 -29.68 -8.44 2.68
N LYS E 389 -28.44 -8.21 2.27
CA LYS E 389 -27.27 -8.41 3.09
C LYS E 389 -26.54 -7.10 3.28
N GLN E 390 -25.40 -7.17 3.90
CA GLN E 390 -24.49 -6.04 3.98
C GLN E 390 -23.10 -6.39 3.51
N ILE E 391 -22.63 -7.60 3.78
CA ILE E 391 -21.26 -8.00 3.53
C ILE E 391 -21.24 -8.88 2.30
N ILE E 392 -20.54 -8.45 1.27
CA ILE E 392 -20.68 -9.02 -0.06
C ILE E 392 -19.36 -9.68 -0.44
N ASN E 393 -19.43 -10.88 -0.99
CA ASN E 393 -18.27 -11.57 -1.54
C ASN E 393 -18.43 -11.58 -3.06
N MET E 394 -17.94 -10.53 -3.70
CA MET E 394 -18.12 -10.36 -5.12
C MET E 394 -17.18 -11.26 -5.91
N TRP E 395 -17.75 -11.95 -6.91
CA TRP E 395 -17.05 -12.83 -7.85
C TRP E 395 -16.30 -13.95 -7.17
N GLN E 396 -16.87 -14.47 -6.07
CA GLN E 396 -16.46 -15.71 -5.42
C GLN E 396 -15.01 -15.67 -4.92
N ARG E 397 -14.51 -14.48 -4.65
CA ARG E 397 -13.12 -14.28 -4.26
C ARG E 397 -13.04 -14.40 -2.76
N ILE E 398 -12.70 -15.57 -2.27
CA ILE E 398 -12.55 -15.76 -0.83
C ILE E 398 -11.26 -15.06 -0.40
N GLY E 399 -11.40 -13.97 0.32
CA GLY E 399 -10.26 -13.14 0.68
C GLY E 399 -10.64 -11.68 0.65
N GLN E 400 -11.72 -11.35 -0.04
CA GLN E 400 -12.18 -9.99 -0.16
C GLN E 400 -13.65 -9.94 0.22
N ALA E 401 -14.03 -8.91 0.97
CA ALA E 401 -15.41 -8.78 1.42
C ALA E 401 -15.71 -7.31 1.64
N MET E 402 -16.66 -6.78 0.88
CA MET E 402 -17.00 -5.38 0.92
C MET E 402 -18.18 -5.16 1.84
N TYR E 403 -18.08 -4.18 2.72
CA TYR E 403 -19.20 -3.74 3.53
C TYR E 403 -19.84 -2.54 2.87
N ALA E 404 -21.03 -2.74 2.32
CA ALA E 404 -21.78 -1.61 1.81
C ALA E 404 -22.32 -0.79 2.98
N PRO E 405 -22.44 0.52 2.80
CA PRO E 405 -23.07 1.33 3.82
C PRO E 405 -24.57 1.29 3.67
N PRO E 406 -25.32 1.56 4.74
CA PRO E 406 -26.77 1.64 4.60
C PRO E 406 -27.17 2.94 3.92
N ILE E 407 -28.41 2.97 3.44
CA ILE E 407 -28.94 4.09 2.69
C ILE E 407 -30.15 4.64 3.43
N GLN E 408 -30.18 5.95 3.62
CA GLN E 408 -31.38 6.56 4.19
C GLN E 408 -32.52 6.54 3.19
N GLY E 409 -33.73 6.66 3.69
CA GLY E 409 -34.89 6.70 2.84
C GLY E 409 -35.27 5.32 2.33
N VAL E 410 -36.12 5.33 1.32
CA VAL E 410 -36.66 4.11 0.74
C VAL E 410 -36.14 3.94 -0.68
N ILE E 411 -36.30 2.73 -1.20
CA ILE E 411 -35.75 2.35 -2.49
C ILE E 411 -36.91 2.00 -3.42
N ARG E 412 -36.85 2.47 -4.65
CA ARG E 412 -37.96 2.32 -5.60
C ARG E 412 -37.46 1.88 -6.96
N CYS E 413 -36.71 0.79 -6.98
CA CYS E 413 -36.14 0.28 -8.22
C CYS E 413 -37.19 -0.24 -9.18
N VAL E 414 -37.13 0.22 -10.41
CA VAL E 414 -37.95 -0.26 -11.51
C VAL E 414 -37.01 -0.73 -12.61
N SER E 415 -37.28 -1.91 -13.16
CA SER E 415 -36.36 -2.44 -14.15
C SER E 415 -37.09 -3.32 -15.14
N ASN E 416 -36.48 -3.51 -16.29
CA ASN E 416 -36.96 -4.45 -17.27
C ASN E 416 -36.39 -5.83 -16.97
N ILE E 417 -36.60 -6.75 -17.89
CA ILE E 417 -35.88 -8.02 -17.88
C ILE E 417 -35.57 -8.33 -19.35
N THR E 418 -34.49 -9.02 -19.57
CA THR E 418 -34.18 -9.40 -20.94
C THR E 418 -33.89 -10.86 -21.11
N GLY E 419 -33.21 -11.49 -20.16
CA GLY E 419 -32.71 -12.81 -20.41
C GLY E 419 -33.02 -13.82 -19.34
N LEU E 420 -32.47 -15.01 -19.49
CA LEU E 420 -32.73 -16.10 -18.57
C LEU E 420 -31.63 -17.13 -18.69
N ILE E 421 -31.13 -17.59 -17.55
CA ILE E 421 -30.05 -18.57 -17.49
C ILE E 421 -30.59 -19.85 -16.89
N LEU E 422 -30.51 -20.93 -17.66
CA LEU E 422 -31.10 -22.20 -17.27
C LEU E 422 -30.05 -23.30 -17.33
N THR E 423 -30.43 -24.46 -16.85
CA THR E 423 -29.63 -25.66 -17.02
C THR E 423 -30.57 -26.86 -17.04
N ARG E 424 -30.11 -27.93 -17.69
CA ARG E 424 -30.89 -29.14 -17.82
C ARG E 424 -30.36 -30.20 -16.88
N ASP E 425 -31.27 -30.88 -16.19
CA ASP E 425 -30.86 -31.92 -15.29
C ASP E 425 -30.63 -33.21 -16.06
N SER E 431 -35.42 -40.86 -21.45
CA SER E 431 -36.79 -40.76 -20.96
C SER E 431 -37.54 -39.63 -21.65
N THR E 432 -38.79 -39.43 -21.24
CA THR E 432 -39.65 -38.40 -21.83
C THR E 432 -40.05 -37.34 -20.81
N THR E 433 -39.17 -37.09 -19.84
CA THR E 433 -39.35 -36.01 -18.87
C THR E 433 -38.14 -35.10 -18.94
N GLU E 434 -38.35 -33.80 -18.81
CA GLU E 434 -37.25 -32.85 -18.85
C GLU E 434 -37.36 -31.84 -17.72
N THR E 435 -36.28 -31.71 -16.96
CA THR E 435 -36.18 -30.79 -15.85
C THR E 435 -35.24 -29.65 -16.23
N PHE E 436 -35.76 -28.43 -16.18
CA PHE E 436 -34.95 -27.23 -16.36
C PHE E 436 -34.91 -26.46 -15.05
N ARG E 437 -33.79 -26.45 -14.43
CA ARG E 437 -33.59 -25.66 -13.24
C ARG E 437 -32.88 -24.36 -13.58
N PRO E 438 -33.15 -23.29 -12.83
CA PRO E 438 -32.51 -22.00 -13.14
C PRO E 438 -31.11 -21.96 -12.56
N GLY E 439 -30.14 -21.63 -13.39
CA GLY E 439 -28.76 -21.60 -12.94
C GLY E 439 -28.13 -20.23 -13.02
N GLY E 440 -26.82 -20.17 -12.85
CA GLY E 440 -26.09 -18.93 -12.90
C GLY E 440 -24.65 -19.09 -12.44
N GLY E 441 -24.20 -18.24 -11.53
CA GLY E 441 -22.89 -18.39 -10.94
C GLY E 441 -21.78 -17.62 -11.62
N ASP E 442 -21.40 -18.03 -12.83
CA ASP E 442 -20.34 -17.34 -13.56
C ASP E 442 -20.86 -16.00 -14.05
N MET E 443 -20.17 -14.93 -13.68
CA MET E 443 -20.56 -13.62 -14.18
C MET E 443 -20.20 -13.45 -15.64
N ARG E 444 -19.31 -14.29 -16.17
CA ARG E 444 -18.91 -14.16 -17.57
C ARG E 444 -20.04 -14.50 -18.51
N ASP E 445 -20.99 -15.31 -18.06
CA ASP E 445 -22.13 -15.62 -18.89
C ASP E 445 -23.05 -14.42 -19.07
N ASN E 446 -22.97 -13.45 -18.17
CA ASN E 446 -23.74 -12.22 -18.37
C ASN E 446 -23.25 -11.46 -19.58
N TRP E 447 -21.96 -11.53 -19.88
CA TRP E 447 -21.44 -10.70 -20.94
C TRP E 447 -21.39 -11.40 -22.28
N ARG E 448 -21.45 -12.73 -22.30
CA ARG E 448 -21.61 -13.42 -23.57
C ARG E 448 -22.95 -13.10 -24.21
N SER E 449 -23.94 -12.77 -23.39
CA SER E 449 -25.19 -12.21 -23.87
C SER E 449 -25.03 -10.83 -24.48
N GLU E 450 -23.88 -10.19 -24.32
CA GLU E 450 -23.64 -8.91 -24.95
C GLU E 450 -22.49 -8.91 -25.94
N LEU E 451 -21.71 -9.98 -26.01
CA LEU E 451 -20.56 -9.98 -26.90
C LEU E 451 -20.65 -11.02 -27.99
N TYR E 452 -21.80 -11.67 -28.13
CA TYR E 452 -21.97 -12.64 -29.21
C TYR E 452 -22.03 -11.97 -30.56
N LYS E 453 -22.35 -10.68 -30.61
CA LYS E 453 -22.46 -9.93 -31.84
C LYS E 453 -21.13 -9.44 -32.37
N TYR E 454 -20.01 -9.81 -31.78
CA TYR E 454 -18.76 -9.12 -32.12
C TYR E 454 -17.59 -10.08 -32.11
N LYS E 455 -16.58 -9.74 -32.89
CA LYS E 455 -15.26 -10.36 -32.78
C LYS E 455 -14.22 -9.36 -33.25
N VAL E 456 -12.95 -9.71 -32.99
CA VAL E 456 -11.83 -8.79 -33.13
C VAL E 456 -10.94 -9.27 -34.27
N VAL E 457 -10.69 -8.40 -35.23
CA VAL E 457 -9.85 -8.77 -36.36
C VAL E 457 -8.66 -7.84 -36.47
N LYS E 458 -7.57 -8.39 -36.98
CA LYS E 458 -6.33 -7.66 -37.21
C LYS E 458 -6.20 -7.38 -38.70
N ILE E 459 -6.16 -6.10 -39.05
CA ILE E 459 -6.16 -5.72 -40.45
C ILE E 459 -4.79 -5.99 -41.05
N GLU E 460 -4.79 -6.54 -42.25
CA GLU E 460 -3.54 -6.81 -42.99
C GLU E 460 -3.53 -6.02 -44.29
N PRO E 461 -2.79 -4.93 -44.38
CA PRO E 461 -2.75 -4.13 -45.60
C PRO E 461 -1.65 -4.54 -46.57
N LEU E 462 -1.50 -5.83 -46.80
CA LEU E 462 -0.51 -6.32 -47.75
C LEU E 462 -1.17 -7.25 -48.76
N GLY E 463 -0.50 -7.40 -49.89
CA GLY E 463 -0.97 -8.27 -50.95
C GLY E 463 0.03 -8.40 -52.06
N VAL E 464 0.19 -9.59 -52.60
CA VAL E 464 1.16 -9.84 -53.68
C VAL E 464 0.51 -10.72 -54.74
N ALA E 465 0.35 -10.17 -55.93
CA ALA E 465 -0.28 -10.85 -57.05
C ALA E 465 0.67 -10.82 -58.25
N PRO E 466 0.54 -11.76 -59.17
CA PRO E 466 1.25 -11.63 -60.45
C PRO E 466 0.47 -10.77 -61.42
N THR E 467 1.17 -9.83 -62.08
CA THR E 467 0.59 -9.04 -63.15
C THR E 467 1.58 -8.95 -64.31
N ARG E 468 1.19 -8.18 -65.33
CA ARG E 468 1.98 -8.03 -66.55
C ARG E 468 2.75 -6.71 -66.49
N CYS E 469 3.81 -6.70 -65.68
CA CYS E 469 4.79 -5.61 -65.70
C CYS E 469 6.07 -6.10 -65.04
N LYS E 470 7.18 -5.59 -65.53
CA LYS E 470 8.46 -5.91 -64.93
C LYS E 470 9.22 -4.62 -64.66
N LEU F 9 -17.84 3.87 -51.24
CA LEU F 9 -18.28 2.84 -50.29
C LEU F 9 -17.94 3.25 -48.86
N GLY F 10 -16.67 3.11 -48.51
CA GLY F 10 -16.21 3.47 -47.19
C GLY F 10 -15.02 2.63 -46.80
N PHE F 11 -14.60 2.78 -45.55
CA PHE F 11 -13.50 2.00 -45.00
C PHE F 11 -13.90 0.53 -44.94
N LEU F 12 -13.05 -0.32 -45.53
CA LEU F 12 -13.36 -1.73 -45.81
C LEU F 12 -14.65 -1.87 -46.61
N GLY F 13 -14.94 -0.90 -47.48
CA GLY F 13 -16.21 -0.92 -48.19
C GLY F 13 -16.24 -1.93 -49.30
N ALA F 14 -15.10 -2.20 -49.92
CA ALA F 14 -15.00 -3.11 -51.06
C ALA F 14 -14.43 -4.46 -50.65
N ALA F 15 -14.86 -4.96 -49.48
CA ALA F 15 -14.19 -6.11 -48.87
C ALA F 15 -14.46 -7.39 -49.67
N GLY F 16 -15.70 -7.62 -50.06
CA GLY F 16 -16.01 -8.82 -50.81
C GLY F 16 -16.14 -8.55 -52.30
N SER F 17 -15.27 -7.72 -52.83
CA SER F 17 -15.42 -7.21 -54.19
C SER F 17 -14.34 -7.78 -55.11
N THR F 18 -14.38 -7.31 -56.36
CA THR F 18 -13.37 -7.66 -57.33
C THR F 18 -12.07 -6.94 -56.99
N MET F 19 -10.95 -7.65 -57.16
CA MET F 19 -9.63 -7.10 -56.86
C MET F 19 -9.32 -5.87 -57.69
N GLY F 20 -9.76 -5.86 -58.95
CA GLY F 20 -9.65 -4.65 -59.75
C GLY F 20 -10.60 -3.56 -59.28
N ALA F 21 -11.80 -3.95 -58.83
CA ALA F 21 -12.71 -2.97 -58.27
C ALA F 21 -12.22 -2.46 -56.93
N ALA F 22 -11.67 -3.36 -56.12
CA ALA F 22 -11.07 -2.97 -54.85
C ALA F 22 -9.66 -2.46 -55.00
N SER F 23 -9.15 -2.35 -56.23
CA SER F 23 -7.87 -1.69 -56.42
C SER F 23 -8.00 -0.20 -56.16
N MET F 24 -9.12 0.39 -56.54
CA MET F 24 -9.30 1.84 -56.41
C MET F 24 -9.99 2.22 -55.11
N THR F 25 -9.51 1.69 -53.99
CA THR F 25 -10.04 2.14 -52.70
C THR F 25 -8.96 2.22 -51.63
N LEU F 26 -7.68 2.21 -52.03
CA LEU F 26 -6.58 2.05 -51.09
C LEU F 26 -6.40 3.26 -50.19
N THR F 27 -6.84 4.44 -50.63
CA THR F 27 -6.62 5.66 -49.84
C THR F 27 -7.49 5.67 -48.59
N VAL F 28 -8.75 5.22 -48.70
CA VAL F 28 -9.63 5.15 -47.55
C VAL F 28 -9.16 4.07 -46.59
N GLN F 29 -8.52 3.02 -47.12
CA GLN F 29 -7.95 1.98 -46.28
C GLN F 29 -6.79 2.50 -45.43
N ALA F 30 -6.08 3.51 -45.93
CA ALA F 30 -4.89 4.00 -45.25
C ALA F 30 -5.12 5.26 -44.44
N ARG F 31 -6.18 6.02 -44.70
CA ARG F 31 -6.43 7.23 -43.93
C ARG F 31 -6.94 6.90 -42.53
N ASN F 32 -7.72 5.84 -42.40
CA ASN F 32 -8.42 5.50 -41.16
C ASN F 32 -7.56 4.75 -40.16
N LEU F 33 -6.25 4.86 -40.29
CA LEU F 33 -5.30 4.52 -39.24
C LEU F 33 -5.21 5.66 -38.23
N LEU F 34 -4.15 5.65 -37.43
CA LEU F 34 -3.82 6.66 -36.43
C LEU F 34 -4.03 8.14 -36.80
N GLN F 51 -7.65 11.18 -29.02
CA GLN F 51 -6.49 11.12 -28.14
C GLN F 51 -6.69 12.01 -26.93
N GLN F 52 -5.84 11.85 -25.91
CA GLN F 52 -5.93 12.68 -24.73
C GLN F 52 -4.57 12.86 -24.11
N HIS F 53 -4.09 14.11 -24.11
CA HIS F 53 -2.85 14.44 -23.44
C HIS F 53 -3.04 14.41 -21.92
N LEU F 54 -1.92 14.41 -21.21
CA LEU F 54 -1.86 14.43 -19.75
C LEU F 54 -2.60 13.22 -19.16
N LEU F 55 -2.01 12.05 -19.37
CA LEU F 55 -2.61 10.86 -18.83
C LEU F 55 -2.29 10.68 -17.36
N LYS F 56 -3.22 10.05 -16.67
CA LYS F 56 -2.95 9.45 -15.38
C LYS F 56 -2.52 8.01 -15.60
N LEU F 57 -2.53 7.21 -14.55
CA LEU F 57 -1.91 5.90 -14.61
C LEU F 57 -2.88 4.77 -14.31
N THR F 58 -4.09 5.06 -13.84
CA THR F 58 -4.85 4.12 -13.03
C THR F 58 -5.26 2.82 -13.71
N VAL F 59 -6.28 2.84 -14.55
CA VAL F 59 -6.69 1.60 -15.20
C VAL F 59 -6.82 1.85 -16.68
N TRP F 60 -7.69 2.78 -17.04
CA TRP F 60 -7.93 3.04 -18.45
C TRP F 60 -6.76 3.77 -19.06
N GLY F 61 -6.01 4.50 -18.24
CA GLY F 61 -4.83 5.16 -18.74
C GLY F 61 -3.76 4.18 -19.19
N ILE F 62 -3.75 2.98 -18.60
CA ILE F 62 -2.87 1.93 -19.07
C ILE F 62 -3.25 1.51 -20.47
N LYS F 63 -4.54 1.29 -20.70
CA LYS F 63 -4.99 0.79 -21.98
C LYS F 63 -4.84 1.84 -23.07
N GLN F 64 -5.11 3.10 -22.74
CA GLN F 64 -4.92 4.16 -23.71
C GLN F 64 -3.45 4.35 -24.03
N LEU F 65 -2.58 4.14 -23.05
CA LEU F 65 -1.16 4.08 -23.34
C LEU F 65 -0.85 2.90 -24.23
N GLN F 66 -1.52 1.77 -23.98
CA GLN F 66 -1.31 0.62 -24.82
C GLN F 66 -1.93 0.82 -26.19
N ALA F 67 -3.00 1.60 -26.25
CA ALA F 67 -3.60 1.92 -27.53
C ALA F 67 -2.70 2.80 -28.38
N ARG F 68 -1.96 3.71 -27.74
CA ARG F 68 -1.06 4.56 -28.50
C ARG F 68 0.09 3.76 -29.07
N VAL F 69 0.58 2.78 -28.32
CA VAL F 69 1.78 2.07 -28.74
C VAL F 69 1.48 1.15 -29.91
N LEU F 70 0.45 0.31 -29.77
CA LEU F 70 0.17 -0.72 -30.76
C LEU F 70 -0.20 -0.15 -32.12
N ALA F 71 -0.71 1.07 -32.14
CA ALA F 71 -0.95 1.73 -33.42
C ALA F 71 0.35 2.10 -34.10
N VAL F 72 1.44 2.27 -33.37
CA VAL F 72 2.67 2.73 -34.00
C VAL F 72 3.33 1.61 -34.78
N GLU F 73 3.73 0.54 -34.10
CA GLU F 73 4.55 -0.46 -34.76
C GLU F 73 3.74 -1.26 -35.78
N HIS F 74 2.45 -1.46 -35.55
CA HIS F 74 1.64 -2.10 -36.55
C HIS F 74 1.43 -1.20 -37.75
N TYR F 75 1.55 0.11 -37.59
CA TYR F 75 1.71 0.95 -38.75
C TYR F 75 3.11 0.84 -39.32
N LEU F 76 4.09 0.56 -38.48
CA LEU F 76 5.45 0.86 -38.91
C LEU F 76 6.21 -0.34 -39.43
N ARG F 77 5.86 -1.56 -38.99
CA ARG F 77 6.69 -2.71 -39.32
C ARG F 77 6.61 -3.03 -40.81
N ASP F 78 5.44 -2.85 -41.41
CA ASP F 78 5.31 -2.98 -42.85
C ASP F 78 5.82 -1.74 -43.56
N GLN F 79 5.77 -0.60 -42.89
CA GLN F 79 6.34 0.61 -43.47
C GLN F 79 7.85 0.48 -43.59
N GLN F 80 8.46 -0.29 -42.69
CA GLN F 80 9.82 -0.73 -42.89
C GLN F 80 9.94 -1.61 -44.12
N LEU F 81 8.95 -2.49 -44.34
CA LEU F 81 9.08 -3.51 -45.38
C LEU F 81 9.03 -2.94 -46.78
N LEU F 82 8.34 -1.82 -46.98
CA LEU F 82 8.32 -1.23 -48.30
C LEU F 82 9.65 -0.56 -48.62
N GLY F 83 10.31 -0.01 -47.63
CA GLY F 83 11.69 0.40 -47.81
C GLY F 83 12.62 -0.77 -47.99
N ILE F 84 12.33 -1.89 -47.32
CA ILE F 84 13.05 -3.13 -47.58
C ILE F 84 12.78 -3.60 -49.00
N TRP F 85 11.53 -3.52 -49.43
CA TRP F 85 11.19 -3.99 -50.76
C TRP F 85 11.38 -2.92 -51.81
N GLY F 86 11.97 -1.79 -51.46
CA GLY F 86 12.25 -0.74 -52.41
C GLY F 86 11.06 0.01 -52.92
N CYS F 87 9.85 -0.36 -52.51
CA CYS F 87 8.64 0.28 -52.99
C CYS F 87 8.22 1.38 -52.02
N SER F 88 9.17 2.30 -51.81
CA SER F 88 8.98 3.38 -50.86
C SER F 88 7.94 4.35 -51.37
N GLY F 89 7.16 4.90 -50.45
CA GLY F 89 6.00 5.69 -50.80
C GLY F 89 4.83 4.83 -51.25
N LYS F 90 3.64 5.41 -51.20
CA LYS F 90 2.46 4.68 -51.65
C LYS F 90 2.52 4.53 -53.16
N LEU F 91 2.84 3.32 -53.59
CA LEU F 91 2.83 2.96 -54.99
C LEU F 91 2.32 1.53 -55.08
N ILE F 92 1.39 1.29 -55.99
CA ILE F 92 1.15 -0.10 -56.36
C ILE F 92 2.25 -0.39 -57.36
N CYS F 93 3.41 -0.79 -56.88
CA CYS F 93 4.54 -0.98 -57.76
C CYS F 93 4.75 -2.46 -58.00
N CYS F 94 5.47 -2.78 -59.05
CA CYS F 94 5.79 -4.17 -59.31
C CYS F 94 7.29 -4.37 -59.39
N THR F 95 7.68 -5.59 -59.11
CA THR F 95 9.06 -5.97 -58.91
C THR F 95 9.66 -6.41 -60.24
N ASN F 96 10.80 -7.07 -60.18
CA ASN F 96 11.41 -7.65 -61.35
C ASN F 96 11.60 -9.14 -61.20
N VAL F 97 11.28 -9.70 -60.05
CA VAL F 97 11.30 -11.15 -59.86
C VAL F 97 10.12 -11.77 -60.60
N PRO F 98 10.31 -12.84 -61.36
CA PRO F 98 9.19 -13.46 -62.05
C PRO F 98 8.29 -14.22 -61.10
N TRP F 99 7.03 -14.31 -61.50
CA TRP F 99 6.09 -15.14 -60.77
C TRP F 99 6.40 -16.61 -61.00
N ASN F 100 6.65 -17.34 -59.93
CA ASN F 100 6.75 -18.79 -60.04
C ASN F 100 5.36 -19.37 -60.20
N SER F 101 5.16 -20.11 -61.28
CA SER F 101 3.85 -20.68 -61.59
C SER F 101 3.59 -21.98 -60.85
N SER F 102 4.48 -22.42 -59.97
CA SER F 102 4.15 -23.54 -59.10
C SER F 102 3.14 -23.14 -58.04
N TRP F 103 2.98 -21.84 -57.82
CA TRP F 103 2.13 -21.30 -56.76
C TRP F 103 0.71 -21.11 -57.32
N SER F 104 0.07 -22.25 -57.55
CA SER F 104 -1.34 -22.36 -57.96
C SER F 104 -1.60 -21.60 -59.26
N ASN F 105 -1.02 -22.13 -60.34
CA ASN F 105 -1.18 -21.51 -61.65
C ASN F 105 -2.62 -21.69 -62.10
N ARG F 106 -3.45 -20.70 -61.81
CA ARG F 106 -4.88 -20.76 -62.08
C ARG F 106 -5.28 -19.47 -62.79
N ASN F 107 -5.17 -19.47 -64.12
CA ASN F 107 -5.82 -18.53 -65.04
C ASN F 107 -5.62 -17.07 -64.62
N LEU F 108 -4.36 -16.66 -64.62
CA LEU F 108 -3.98 -15.46 -63.89
C LEU F 108 -4.42 -14.19 -64.59
N SER F 109 -4.90 -14.28 -65.82
CA SER F 109 -5.67 -13.19 -66.39
C SER F 109 -7.10 -13.23 -65.86
N GLU F 110 -7.68 -14.42 -65.79
CA GLU F 110 -9.09 -14.57 -65.47
C GLU F 110 -9.36 -14.38 -63.99
N ILE F 111 -8.65 -15.14 -63.16
CA ILE F 111 -8.92 -15.21 -61.72
C ILE F 111 -8.50 -13.93 -61.01
N TRP F 112 -7.64 -13.12 -61.64
CA TRP F 112 -7.14 -11.91 -61.03
C TRP F 112 -8.25 -10.87 -60.82
N ASP F 113 -9.32 -10.92 -61.61
CA ASP F 113 -10.47 -10.06 -61.40
C ASP F 113 -11.75 -10.86 -61.28
N ASN F 114 -11.69 -12.02 -60.64
CA ASN F 114 -12.88 -12.84 -60.47
C ASN F 114 -13.30 -12.95 -59.01
N MET F 115 -12.45 -13.48 -58.14
CA MET F 115 -12.96 -14.04 -56.88
C MET F 115 -13.19 -12.95 -55.84
N THR F 116 -12.10 -12.46 -55.25
CA THR F 116 -11.98 -11.55 -54.12
C THR F 116 -10.50 -11.36 -53.91
N TRP F 117 -10.16 -10.45 -53.01
CA TRP F 117 -8.88 -10.58 -52.33
C TRP F 117 -8.90 -11.80 -51.43
N LEU F 118 -9.93 -11.89 -50.59
CA LEU F 118 -9.91 -12.62 -49.33
C LEU F 118 -9.63 -14.10 -49.52
N GLN F 119 -10.49 -14.77 -50.29
CA GLN F 119 -10.34 -16.21 -50.50
C GLN F 119 -9.11 -16.54 -51.31
N TRP F 120 -8.67 -15.61 -52.15
CA TRP F 120 -7.44 -15.81 -52.88
C TRP F 120 -6.23 -15.73 -51.97
N ASP F 121 -6.33 -15.00 -50.87
CA ASP F 121 -5.15 -14.69 -50.07
C ASP F 121 -4.65 -15.91 -49.31
N LYS F 122 -5.56 -16.69 -48.73
CA LYS F 122 -5.14 -17.87 -48.01
C LYS F 122 -4.62 -18.96 -48.93
N GLU F 123 -4.99 -18.90 -50.22
CA GLU F 123 -4.39 -19.78 -51.21
C GLU F 123 -2.91 -19.46 -51.38
N ILE F 124 -2.56 -18.17 -51.36
CA ILE F 124 -1.18 -17.75 -51.50
C ILE F 124 -0.39 -18.02 -50.22
N SER F 125 -1.10 -18.15 -49.10
CA SER F 125 -0.54 -18.02 -47.76
C SER F 125 0.53 -19.06 -47.43
N ASN F 126 0.55 -20.19 -48.11
CA ASN F 126 1.55 -21.21 -47.79
C ASN F 126 2.94 -20.88 -48.31
N TYR F 127 3.09 -19.84 -49.15
CA TYR F 127 4.36 -19.57 -49.80
C TYR F 127 4.80 -18.12 -49.65
N THR F 128 4.08 -17.32 -48.87
CA THR F 128 4.35 -15.89 -48.80
C THR F 128 5.70 -15.59 -48.13
N GLN F 129 6.13 -16.46 -47.21
CA GLN F 129 7.43 -16.30 -46.59
C GLN F 129 8.55 -16.50 -47.60
N ILE F 130 8.35 -17.44 -48.53
CA ILE F 130 9.34 -17.71 -49.57
C ILE F 130 9.45 -16.53 -50.51
N ILE F 131 8.34 -15.85 -50.76
CA ILE F 131 8.32 -14.72 -51.68
C ILE F 131 9.15 -13.58 -51.13
N TYR F 132 8.96 -13.27 -49.85
CA TYR F 132 9.37 -11.98 -49.30
C TYR F 132 10.89 -11.87 -49.23
N GLY F 133 11.55 -12.96 -48.87
CA GLY F 133 13.01 -12.96 -48.87
C GLY F 133 13.59 -12.89 -50.26
N LEU F 134 12.86 -13.38 -51.25
CA LEU F 134 13.30 -13.18 -52.62
C LEU F 134 13.04 -11.76 -53.08
N LEU F 135 12.03 -11.10 -52.50
CA LEU F 135 11.74 -9.73 -52.88
C LEU F 135 12.84 -8.79 -52.45
N GLU F 136 13.36 -8.97 -51.25
CA GLU F 136 14.45 -8.15 -50.74
C GLU F 136 15.79 -8.51 -51.34
N GLU F 137 15.84 -9.55 -52.17
CA GLU F 137 17.06 -9.97 -52.82
C GLU F 137 17.07 -9.66 -54.30
N SER F 138 15.90 -9.58 -54.93
CA SER F 138 15.84 -9.59 -56.39
C SER F 138 16.28 -8.26 -56.97
N GLN F 139 15.50 -7.21 -56.74
CA GLN F 139 15.91 -5.87 -57.14
C GLN F 139 16.47 -5.08 -55.98
N ASN F 140 16.22 -5.53 -54.77
CA ASN F 140 16.65 -4.78 -53.61
C ASN F 140 18.09 -5.06 -53.28
N GLN F 141 18.55 -6.29 -53.49
CA GLN F 141 19.98 -6.51 -53.37
C GLN F 141 20.68 -6.10 -54.66
N GLN F 142 20.28 -6.72 -55.79
CA GLN F 142 21.04 -6.59 -57.02
C GLN F 142 20.89 -5.22 -57.65
N GLU F 143 19.65 -4.82 -57.94
CA GLU F 143 19.45 -3.59 -58.70
C GLU F 143 19.68 -2.35 -57.87
N LYS F 144 19.96 -2.48 -56.59
CA LYS F 144 20.37 -1.33 -55.79
C LYS F 144 21.89 -1.22 -55.69
N ASN F 145 22.64 -2.18 -56.23
CA ASN F 145 24.08 -1.96 -56.36
C ASN F 145 24.39 -1.18 -57.62
N GLU F 146 23.72 -1.50 -58.72
CA GLU F 146 24.29 -1.26 -60.03
C GLU F 146 24.21 0.18 -60.48
N GLN F 147 23.40 1.00 -59.82
CA GLN F 147 23.45 2.43 -60.09
C GLN F 147 24.72 3.06 -59.53
N ASP F 148 25.27 2.47 -58.47
CA ASP F 148 26.62 2.84 -58.05
C ASP F 148 27.65 2.33 -59.04
N LEU F 149 27.36 1.21 -59.70
CA LEU F 149 28.28 0.68 -60.70
C LEU F 149 28.32 1.55 -61.95
N LEU F 150 27.28 2.34 -62.20
CA LEU F 150 27.30 3.33 -63.28
C LEU F 150 27.46 4.75 -62.75
N ALA F 151 27.73 4.91 -61.46
CA ALA F 151 27.84 6.24 -60.87
C ALA F 151 29.14 6.95 -61.25
N LEU F 152 30.04 6.28 -61.93
CA LEU F 152 31.26 6.90 -62.44
C LEU F 152 30.93 7.87 -63.58
N GLN G 1 -74.79 -2.01 13.38
CA GLN G 1 -73.46 -2.57 13.22
C GLN G 1 -73.48 -4.02 12.87
N VAL G 2 -72.29 -4.61 12.81
CA VAL G 2 -72.20 -6.07 12.71
C VAL G 2 -72.58 -6.63 14.08
N GLN G 3 -73.70 -7.34 14.14
CA GLN G 3 -74.25 -7.87 15.37
C GLN G 3 -74.13 -9.37 15.37
N LEU G 4 -73.74 -9.94 16.50
CA LEU G 4 -73.55 -11.38 16.60
C LEU G 4 -74.74 -11.99 17.33
N GLN G 5 -75.52 -12.77 16.60
CA GLN G 5 -76.60 -13.55 17.20
C GLN G 5 -76.19 -15.01 17.24
N GLU G 6 -76.39 -15.63 18.38
CA GLU G 6 -75.95 -17.00 18.63
C GLU G 6 -77.12 -17.96 18.43
N SER G 7 -76.80 -19.19 18.02
CA SER G 7 -77.83 -20.18 17.79
C SER G 7 -77.26 -21.58 17.98
N GLY G 8 -78.13 -22.48 18.42
CA GLY G 8 -77.76 -23.86 18.65
C GLY G 8 -78.86 -24.57 19.42
N PRO G 9 -78.53 -25.70 20.05
CA PRO G 9 -79.54 -26.44 20.82
C PRO G 9 -79.87 -25.81 22.17
N GLY G 10 -80.66 -26.50 22.96
CA GLY G 10 -81.00 -26.05 24.29
C GLY G 10 -80.48 -26.97 25.38
N LEU G 11 -81.39 -27.68 26.03
CA LEU G 11 -80.99 -28.68 27.02
C LEU G 11 -80.42 -29.89 26.30
N VAL G 12 -79.27 -30.36 26.76
CA VAL G 12 -78.44 -31.30 26.00
C VAL G 12 -78.40 -32.63 26.73
N LYS G 13 -78.65 -33.70 26.00
CA LYS G 13 -78.41 -35.04 26.50
C LYS G 13 -76.90 -35.29 26.60
N PRO G 14 -76.43 -35.90 27.69
CA PRO G 14 -74.97 -36.07 27.88
C PRO G 14 -74.31 -36.93 26.82
N SER G 15 -73.04 -36.61 26.55
CA SER G 15 -72.19 -37.25 25.55
C SER G 15 -72.80 -37.18 24.16
N GLY G 16 -72.96 -35.95 23.66
CA GLY G 16 -73.53 -35.73 22.35
C GLY G 16 -72.79 -34.63 21.62
N THR G 17 -72.91 -34.67 20.30
CA THR G 17 -72.28 -33.66 19.45
C THR G 17 -73.15 -32.42 19.40
N LEU G 18 -72.52 -31.25 19.50
CA LEU G 18 -73.23 -29.99 19.57
C LEU G 18 -72.74 -29.07 18.46
N SER G 19 -73.46 -29.05 17.36
CA SER G 19 -73.19 -28.11 16.27
C SER G 19 -73.92 -26.80 16.57
N LEU G 20 -73.18 -25.70 16.54
CA LEU G 20 -73.78 -24.41 16.82
C LEU G 20 -73.39 -23.41 15.75
N THR G 21 -74.17 -22.34 15.66
CA THR G 21 -74.14 -21.43 14.55
C THR G 21 -74.31 -20.00 15.04
N CYS G 22 -73.41 -19.12 14.63
CA CYS G 22 -73.52 -17.70 14.95
C CYS G 22 -74.16 -16.99 13.79
N ALA G 23 -75.41 -16.59 13.97
CA ALA G 23 -76.10 -15.76 12.98
C ALA G 23 -75.49 -14.37 13.03
N VAL G 24 -74.66 -14.05 12.05
CA VAL G 24 -73.97 -12.76 12.03
C VAL G 24 -74.92 -11.74 11.42
N SER G 25 -75.58 -10.95 12.27
CA SER G 25 -76.36 -9.83 11.79
C SER G 25 -75.43 -8.72 11.34
N GLY G 26 -75.82 -8.03 10.27
CA GLY G 26 -74.86 -7.20 9.56
C GLY G 26 -73.77 -8.03 8.93
N GLY G 27 -74.11 -9.24 8.48
CA GLY G 27 -73.14 -10.21 8.01
C GLY G 27 -72.44 -9.83 6.73
N SER G 28 -71.17 -9.45 6.85
CA SER G 28 -70.34 -9.02 5.74
C SER G 28 -68.99 -9.69 5.83
N ILE G 29 -69.01 -11.01 6.03
CA ILE G 29 -67.76 -11.73 6.22
C ILE G 29 -67.10 -11.90 4.87
N SER G 30 -66.32 -10.92 4.47
CA SER G 30 -65.73 -10.97 3.14
C SER G 30 -64.44 -11.77 3.14
N SER G 31 -63.37 -11.17 3.66
CA SER G 31 -62.19 -11.89 4.09
C SER G 31 -61.51 -11.12 5.21
N SER G 32 -62.23 -10.24 5.89
CA SER G 32 -61.60 -9.11 6.57
C SER G 32 -60.98 -9.49 7.91
N ASN G 33 -61.52 -10.49 8.60
CA ASN G 33 -61.07 -10.71 9.97
C ASN G 33 -60.88 -12.19 10.21
N TRP G 34 -60.63 -12.51 11.46
CA TRP G 34 -60.73 -13.87 11.96
C TRP G 34 -61.99 -13.97 12.78
N TRP G 35 -62.59 -15.16 12.77
CA TRP G 35 -63.73 -15.42 13.62
C TRP G 35 -63.48 -16.68 14.41
N SER G 36 -64.14 -16.77 15.55
CA SER G 36 -63.65 -17.63 16.61
C SER G 36 -64.76 -17.86 17.62
N TRP G 37 -64.44 -18.65 18.63
CA TRP G 37 -65.38 -18.99 19.67
C TRP G 37 -64.62 -19.12 20.98
N VAL G 38 -65.24 -18.66 22.06
CA VAL G 38 -64.72 -18.85 23.39
C VAL G 38 -65.87 -19.28 24.28
N ARG G 39 -65.53 -19.66 25.51
CA ARG G 39 -66.57 -20.13 26.41
C ARG G 39 -66.22 -19.79 27.83
N GLN G 40 -67.25 -19.74 28.67
CA GLN G 40 -67.09 -19.46 30.09
C GLN G 40 -67.89 -20.47 30.89
N PRO G 41 -67.25 -21.33 31.66
CA PRO G 41 -67.97 -22.09 32.67
C PRO G 41 -68.60 -21.14 33.67
N PRO G 42 -69.77 -21.51 34.21
CA PRO G 42 -70.68 -20.50 34.80
C PRO G 42 -70.17 -19.81 36.05
N GLY G 43 -69.09 -20.28 36.65
CA GLY G 43 -68.50 -19.59 37.78
C GLY G 43 -67.02 -19.39 37.62
N LYS G 44 -66.52 -19.59 36.41
CA LYS G 44 -65.09 -19.54 36.15
C LYS G 44 -64.79 -18.43 35.14
N GLY G 45 -63.53 -18.39 34.73
CA GLY G 45 -63.09 -17.44 33.72
C GLY G 45 -63.38 -17.95 32.32
N LEU G 46 -62.72 -17.34 31.35
CA LEU G 46 -62.99 -17.67 29.96
C LEU G 46 -62.09 -18.80 29.50
N GLU G 47 -62.48 -19.39 28.36
CA GLU G 47 -61.70 -20.44 27.72
C GLU G 47 -61.72 -20.20 26.23
N TRP G 48 -60.55 -20.00 25.64
CA TRP G 48 -60.45 -19.91 24.20
C TRP G 48 -60.68 -21.28 23.58
N ILE G 49 -61.34 -21.31 22.43
CA ILE G 49 -61.67 -22.60 21.85
C ILE G 49 -60.98 -22.76 20.50
N GLY G 50 -61.37 -21.95 19.54
CA GLY G 50 -60.91 -22.15 18.19
C GLY G 50 -60.91 -20.83 17.46
N GLU G 51 -60.64 -20.85 16.16
CA GLU G 51 -60.48 -19.64 15.37
C GLU G 51 -60.56 -20.02 13.91
N ILE G 52 -61.22 -19.20 13.10
CA ILE G 52 -61.35 -19.49 11.68
C ILE G 52 -61.10 -18.23 10.90
N TYR G 53 -60.56 -18.40 9.70
CA TYR G 53 -60.50 -17.36 8.69
C TYR G 53 -61.53 -17.68 7.62
N HIS G 54 -61.85 -16.66 6.81
CA HIS G 54 -62.86 -16.81 5.77
C HIS G 54 -62.48 -17.82 4.71
N SER G 55 -61.19 -17.94 4.39
CA SER G 55 -60.75 -18.88 3.38
C SER G 55 -60.91 -20.33 3.82
N GLY G 56 -61.00 -20.58 5.13
CA GLY G 56 -61.09 -21.92 5.66
C GLY G 56 -59.95 -22.30 6.56
N SER G 57 -58.98 -21.42 6.77
CA SER G 57 -57.89 -21.70 7.69
C SER G 57 -58.42 -21.67 9.12
N THR G 58 -58.20 -22.76 9.84
CA THR G 58 -58.74 -22.91 11.18
C THR G 58 -57.61 -23.07 12.19
N ASN G 59 -57.89 -22.63 13.41
CA ASN G 59 -57.03 -22.89 14.55
C ASN G 59 -57.87 -23.48 15.65
N TYR G 60 -57.22 -24.20 16.56
CA TYR G 60 -57.95 -24.92 17.59
C TYR G 60 -57.15 -24.92 18.88
N ASN G 61 -57.88 -25.09 19.97
CA ASN G 61 -57.25 -25.45 21.23
C ASN G 61 -56.56 -26.79 21.06
N PRO G 62 -55.29 -26.92 21.43
CA PRO G 62 -54.67 -28.25 21.46
C PRO G 62 -55.26 -29.13 22.53
N SER G 63 -55.76 -28.53 23.62
CA SER G 63 -56.48 -29.30 24.62
C SER G 63 -57.80 -29.83 24.09
N LEU G 64 -58.36 -29.19 23.07
CA LEU G 64 -59.60 -29.63 22.45
C LEU G 64 -59.45 -29.77 20.97
N LYS G 65 -58.30 -30.29 20.52
CA LYS G 65 -58.10 -30.46 19.08
C LYS G 65 -58.94 -31.62 18.54
N SER G 66 -59.22 -32.61 19.38
CA SER G 66 -59.97 -33.77 18.95
C SER G 66 -61.44 -33.44 18.74
N ARG G 67 -62.11 -33.06 19.81
CA ARG G 67 -63.57 -33.01 19.81
C ARG G 67 -64.15 -31.76 19.18
N VAL G 68 -63.32 -30.86 18.65
CA VAL G 68 -63.78 -29.57 18.16
C VAL G 68 -63.45 -29.48 16.68
N THR G 69 -64.47 -29.21 15.87
CA THR G 69 -64.28 -28.79 14.50
C THR G 69 -65.21 -27.62 14.23
N ILE G 70 -64.78 -26.73 13.34
CA ILE G 70 -65.52 -25.52 13.04
C ILE G 70 -65.56 -25.33 11.53
N SER G 71 -66.56 -24.58 11.10
CA SER G 71 -66.68 -24.19 9.70
C SER G 71 -67.40 -22.85 9.64
N VAL G 72 -67.84 -22.49 8.44
CA VAL G 72 -68.49 -21.21 8.20
C VAL G 72 -69.49 -21.38 7.07
N ASP G 73 -70.66 -20.78 7.24
CA ASP G 73 -71.66 -20.69 6.18
C ASP G 73 -71.64 -19.24 5.71
N LYS G 74 -70.77 -18.96 4.73
CA LYS G 74 -70.73 -17.64 4.14
C LYS G 74 -71.88 -17.37 3.19
N SER G 75 -72.60 -18.40 2.78
CA SER G 75 -73.79 -18.21 1.96
C SER G 75 -74.90 -17.52 2.74
N LYS G 76 -74.92 -17.69 4.05
CA LYS G 76 -75.91 -17.05 4.91
C LYS G 76 -75.27 -16.13 5.94
N ASN G 77 -73.95 -15.92 5.85
CA ASN G 77 -73.13 -15.23 6.85
C ASN G 77 -73.32 -15.85 8.22
N GLN G 78 -73.11 -17.16 8.28
CA GLN G 78 -73.31 -17.94 9.48
C GLN G 78 -72.03 -18.71 9.79
N PHE G 79 -71.91 -19.15 11.04
CA PHE G 79 -70.73 -19.87 11.46
C PHE G 79 -71.10 -21.30 11.79
N SER G 80 -70.08 -22.10 12.08
CA SER G 80 -70.28 -23.47 12.49
C SER G 80 -69.40 -23.75 13.68
N LEU G 81 -70.00 -24.03 14.82
CA LEU G 81 -69.29 -24.45 16.01
C LEU G 81 -69.74 -25.88 16.29
N LYS G 82 -69.02 -26.84 15.76
CA LYS G 82 -69.37 -28.24 15.91
C LYS G 82 -68.53 -28.90 16.99
N LEU G 83 -69.09 -29.93 17.58
CA LEU G 83 -68.42 -30.65 18.66
C LEU G 83 -68.48 -32.15 18.40
N SER G 84 -67.69 -32.90 19.14
CA SER G 84 -67.89 -34.32 19.25
C SER G 84 -68.79 -34.59 20.45
N SER G 85 -68.86 -35.85 20.89
CA SER G 85 -69.70 -36.23 22.02
C SER G 85 -69.06 -35.69 23.29
N VAL G 86 -69.37 -34.44 23.57
CA VAL G 86 -68.84 -33.74 24.73
C VAL G 86 -69.79 -33.98 25.90
N THR G 87 -69.22 -34.31 27.05
CA THR G 87 -70.00 -34.68 28.23
C THR G 87 -70.55 -33.43 28.91
N ALA G 88 -71.08 -33.61 30.11
CA ALA G 88 -71.58 -32.51 30.92
C ALA G 88 -70.48 -31.77 31.68
N ALA G 89 -69.22 -32.03 31.35
CA ALA G 89 -68.11 -31.28 31.91
C ALA G 89 -67.93 -29.92 31.27
N ASP G 90 -68.69 -29.61 30.21
CA ASP G 90 -68.53 -28.38 29.47
C ASP G 90 -69.85 -27.65 29.34
N THR G 91 -70.63 -27.64 30.43
CA THR G 91 -71.84 -26.84 30.50
C THR G 91 -71.43 -25.39 30.72
N ALA G 92 -71.10 -24.72 29.62
CA ALA G 92 -70.50 -23.40 29.71
C ALA G 92 -71.28 -22.41 28.86
N VAL G 93 -71.21 -21.13 29.26
CA VAL G 93 -71.80 -20.07 28.47
C VAL G 93 -70.94 -19.84 27.24
N TYR G 94 -71.58 -19.84 26.07
CA TYR G 94 -70.83 -19.81 24.82
C TYR G 94 -70.96 -18.44 24.17
N TYR G 95 -69.85 -17.98 23.57
CA TYR G 95 -69.73 -16.64 23.03
C TYR G 95 -69.29 -16.67 21.59
N CYS G 96 -70.07 -16.03 20.72
CA CYS G 96 -69.64 -15.77 19.36
C CYS G 96 -68.65 -14.62 19.36
N ALA G 97 -67.66 -14.69 18.47
CA ALA G 97 -66.47 -13.86 18.64
C ALA G 97 -65.92 -13.34 17.32
N ARG G 98 -65.29 -12.17 17.38
CA ARG G 98 -64.71 -11.50 16.23
C ARG G 98 -63.29 -11.03 16.51
N ASN G 99 -62.30 -11.78 16.06
CA ASN G 99 -60.93 -11.28 16.06
C ASN G 99 -60.77 -10.33 14.90
N ALA G 100 -60.96 -9.05 15.15
CA ALA G 100 -60.64 -8.04 14.16
C ALA G 100 -59.13 -7.88 14.09
N ILE G 101 -58.61 -7.66 12.89
CA ILE G 101 -57.18 -7.42 12.73
C ILE G 101 -56.97 -6.08 12.05
N THR G 102 -55.71 -5.72 11.83
CA THR G 102 -55.37 -4.49 11.14
C THR G 102 -54.29 -4.82 10.12
N ILE G 103 -54.60 -4.59 8.84
CA ILE G 103 -53.65 -4.90 7.77
C ILE G 103 -52.50 -3.91 7.85
N PHE G 104 -51.32 -4.42 8.16
CA PHE G 104 -50.15 -3.57 8.27
C PHE G 104 -49.50 -3.35 6.91
N GLY G 105 -49.04 -4.42 6.29
CA GLY G 105 -48.38 -4.34 5.00
C GLY G 105 -48.97 -5.28 3.97
N VAL G 106 -48.14 -6.17 3.43
CA VAL G 106 -48.60 -7.16 2.47
C VAL G 106 -49.37 -8.24 3.20
N VAL G 107 -50.60 -8.48 2.77
CA VAL G 107 -51.44 -9.45 3.48
C VAL G 107 -51.03 -10.88 3.17
N ILE G 108 -50.34 -11.11 2.04
CA ILE G 108 -50.04 -12.48 1.63
C ILE G 108 -48.97 -13.09 2.52
N ILE G 109 -47.93 -12.32 2.84
CA ILE G 109 -46.93 -12.77 3.80
C ILE G 109 -47.42 -12.72 5.23
N GLY G 110 -48.64 -12.25 5.45
CA GLY G 110 -49.20 -12.21 6.79
C GLY G 110 -48.59 -11.10 7.59
N GLU G 111 -48.63 -9.90 7.04
CA GLU G 111 -48.01 -8.75 7.66
C GLU G 111 -49.14 -7.86 8.15
N TYR G 112 -49.59 -8.13 9.37
CA TYR G 112 -50.75 -7.46 9.91
C TYR G 112 -50.65 -7.48 11.42
N TYR G 113 -51.47 -6.66 12.05
CA TYR G 113 -51.54 -6.64 13.50
C TYR G 113 -52.85 -7.26 13.92
N TYR G 114 -52.80 -8.20 14.85
CA TYR G 114 -54.01 -8.60 15.53
C TYR G 114 -54.48 -7.42 16.36
N TYR G 115 -55.50 -6.74 15.86
CA TYR G 115 -56.25 -5.85 16.72
C TYR G 115 -56.98 -6.69 17.77
N GLY G 116 -57.41 -6.04 18.84
CA GLY G 116 -58.14 -6.75 19.87
C GLY G 116 -59.44 -7.32 19.36
N MET G 117 -59.84 -8.43 19.97
CA MET G 117 -61.09 -9.08 19.59
C MET G 117 -62.24 -8.13 19.88
N ASP G 118 -62.94 -7.73 18.84
CA ASP G 118 -63.72 -6.51 18.87
C ASP G 118 -65.10 -6.73 19.48
N VAL G 119 -65.95 -7.50 18.81
CA VAL G 119 -67.38 -7.51 19.08
C VAL G 119 -67.78 -8.90 19.54
N TRP G 120 -68.48 -8.95 20.66
CA TRP G 120 -68.85 -10.20 21.30
C TRP G 120 -70.21 -10.70 20.82
N GLY G 121 -70.50 -11.94 21.17
CA GLY G 121 -71.79 -12.52 20.89
C GLY G 121 -72.82 -12.14 21.92
N GLN G 122 -73.55 -13.13 22.41
CA GLN G 122 -74.65 -12.86 23.33
C GLN G 122 -74.58 -13.65 24.62
N GLY G 123 -74.19 -14.92 24.56
CA GLY G 123 -74.22 -15.77 25.73
C GLY G 123 -75.15 -16.95 25.56
N THR G 124 -74.57 -18.14 25.43
CA THR G 124 -75.34 -19.34 25.16
C THR G 124 -75.15 -20.30 26.33
N THR G 125 -76.11 -20.27 27.25
CA THR G 125 -76.08 -21.12 28.43
C THR G 125 -76.43 -22.53 28.01
N VAL G 126 -75.43 -23.31 27.64
CA VAL G 126 -75.63 -24.69 27.23
C VAL G 126 -75.65 -25.57 28.47
N THR G 127 -76.78 -26.25 28.68
CA THR G 127 -76.97 -27.15 29.81
C THR G 127 -76.94 -28.58 29.31
N VAL G 128 -75.99 -29.36 29.79
CA VAL G 128 -75.87 -30.73 29.32
C VAL G 128 -76.38 -31.69 30.39
N GLU H 3 -51.46 -22.33 30.81
CA GLU H 3 -50.48 -21.77 29.89
C GLU H 3 -50.06 -20.37 30.31
N LEU H 4 -50.93 -19.69 31.06
CA LEU H 4 -50.67 -18.33 31.51
C LEU H 4 -50.98 -18.19 32.98
N THR H 5 -50.11 -17.50 33.70
CA THR H 5 -50.26 -17.29 35.13
C THR H 5 -50.85 -15.90 35.36
N GLN H 6 -51.80 -15.82 36.29
CA GLN H 6 -52.44 -14.56 36.54
C GLN H 6 -52.85 -14.51 38.01
N PRO H 7 -52.57 -13.41 38.72
CA PRO H 7 -53.00 -13.28 40.10
C PRO H 7 -54.51 -13.21 40.22
N PRO H 8 -55.11 -14.05 41.06
CA PRO H 8 -56.57 -14.20 41.02
C PRO H 8 -57.33 -13.04 41.61
N SER H 9 -56.79 -12.38 42.64
CA SER H 9 -57.53 -11.32 43.30
C SER H 9 -56.57 -10.28 43.83
N VAL H 10 -56.81 -9.02 43.47
CA VAL H 10 -56.07 -7.89 44.00
C VAL H 10 -57.08 -6.84 44.43
N SER H 11 -57.06 -6.49 45.71
CA SER H 11 -57.94 -5.45 46.23
C SER H 11 -57.15 -4.20 46.57
N VAL H 12 -57.78 -3.05 46.37
CA VAL H 12 -57.18 -1.75 46.66
C VAL H 12 -58.18 -0.89 47.42
N SER H 13 -57.77 0.33 47.69
CA SER H 13 -58.57 1.44 48.15
C SER H 13 -58.71 2.43 47.01
N PRO H 14 -59.64 3.39 47.09
CA PRO H 14 -59.74 4.42 46.04
C PRO H 14 -58.51 5.32 45.99
N GLY H 15 -58.34 5.95 44.82
CA GLY H 15 -57.25 6.87 44.61
C GLY H 15 -55.89 6.25 44.42
N GLN H 16 -55.81 4.93 44.25
CA GLN H 16 -54.55 4.24 44.16
C GLN H 16 -54.16 4.02 42.70
N THR H 17 -53.12 3.22 42.50
CA THR H 17 -52.69 2.82 41.16
C THR H 17 -52.54 1.30 41.15
N ALA H 18 -53.41 0.63 40.41
CA ALA H 18 -53.40 -0.83 40.38
C ALA H 18 -52.37 -1.33 39.37
N ARG H 19 -51.72 -2.44 39.72
CA ARG H 19 -50.74 -3.08 38.86
C ARG H 19 -51.04 -4.56 38.80
N ILE H 20 -51.46 -5.03 37.64
CA ILE H 20 -51.84 -6.42 37.45
C ILE H 20 -50.92 -7.01 36.40
N THR H 21 -50.37 -8.18 36.69
CA THR H 21 -49.41 -8.81 35.81
C THR H 21 -49.97 -10.10 35.24
N CYS H 22 -49.28 -10.61 34.23
CA CYS H 22 -49.43 -11.98 33.79
C CYS H 22 -48.03 -12.50 33.48
N SER H 23 -47.89 -13.81 33.56
CA SER H 23 -46.61 -14.45 33.27
C SER H 23 -46.78 -15.49 32.18
N GLY H 24 -45.72 -15.70 31.41
CA GLY H 24 -45.77 -16.61 30.29
C GLY H 24 -44.50 -16.63 29.48
N ASP H 25 -44.16 -17.80 28.95
CA ASP H 25 -42.90 -17.94 28.23
C ASP H 25 -42.98 -17.38 26.82
N ALA H 26 -44.16 -17.35 26.23
CA ALA H 26 -44.31 -16.75 24.91
C ALA H 26 -44.34 -15.23 24.96
N LEU H 27 -44.42 -14.65 26.15
CA LEU H 27 -44.49 -13.20 26.28
C LEU H 27 -43.25 -12.43 25.82
N PRO H 28 -42.02 -12.96 25.84
CA PRO H 28 -40.96 -12.29 25.08
C PRO H 28 -41.11 -12.37 23.58
N LYS H 29 -42.05 -13.17 23.05
CA LYS H 29 -42.23 -13.24 21.62
C LYS H 29 -43.64 -12.90 21.16
N GLN H 30 -44.60 -12.72 22.07
CA GLN H 30 -45.97 -12.47 21.67
C GLN H 30 -46.49 -11.22 22.35
N TYR H 31 -47.45 -10.57 21.70
CA TYR H 31 -48.17 -9.49 22.36
C TYR H 31 -49.14 -10.06 23.39
N ALA H 32 -49.71 -9.17 24.18
CA ALA H 32 -50.69 -9.54 25.19
C ALA H 32 -51.83 -8.54 25.16
N TYR H 33 -53.05 -9.03 25.20
CA TYR H 33 -54.22 -8.19 25.03
C TYR H 33 -55.05 -8.22 26.30
N TRP H 34 -55.65 -7.08 26.65
CA TRP H 34 -56.30 -6.92 27.94
C TRP H 34 -57.80 -6.67 27.79
N TYR H 35 -58.58 -7.31 28.63
CA TYR H 35 -60.03 -7.27 28.55
C TYR H 35 -60.61 -6.82 29.88
N GLN H 36 -61.92 -6.57 29.89
CA GLN H 36 -62.61 -6.16 31.12
C GLN H 36 -64.00 -6.74 31.13
N GLN H 37 -64.17 -7.87 31.82
CA GLN H 37 -65.49 -8.42 32.08
C GLN H 37 -66.13 -7.64 33.21
N LYS H 38 -66.98 -6.69 32.85
CA LYS H 38 -67.92 -6.16 33.81
C LYS H 38 -69.02 -7.19 34.02
N PRO H 39 -69.67 -7.19 35.19
CA PRO H 39 -70.61 -8.27 35.52
C PRO H 39 -71.84 -8.27 34.62
N GLY H 40 -72.14 -9.43 34.06
CA GLY H 40 -73.26 -9.57 33.14
C GLY H 40 -73.05 -8.85 31.83
N GLN H 41 -71.81 -8.65 31.41
CA GLN H 41 -71.51 -7.83 30.25
C GLN H 41 -70.64 -8.59 29.28
N ALA H 42 -70.62 -8.12 28.05
CA ALA H 42 -69.61 -8.53 27.12
C ALA H 42 -68.28 -7.89 27.51
N PRO H 43 -67.21 -8.66 27.65
CA PRO H 43 -65.96 -8.10 28.18
C PRO H 43 -65.25 -7.26 27.14
N VAL H 44 -64.89 -6.05 27.54
CA VAL H 44 -64.49 -4.99 26.62
C VAL H 44 -62.97 -5.03 26.46
N LEU H 45 -62.52 -4.93 25.21
CA LEU H 45 -61.11 -4.70 24.90
C LEU H 45 -60.56 -3.49 25.62
N VAL H 46 -59.40 -3.65 26.26
CA VAL H 46 -58.83 -2.58 27.05
C VAL H 46 -57.50 -2.14 26.48
N ILE H 47 -56.53 -3.04 26.40
CA ILE H 47 -55.19 -2.72 25.90
C ILE H 47 -54.83 -3.71 24.83
N TYR H 48 -54.52 -3.22 23.64
CA TYR H 48 -53.94 -4.05 22.60
C TYR H 48 -52.49 -3.63 22.37
N LYS H 49 -51.73 -4.57 21.80
CA LYS H 49 -50.33 -4.40 21.42
C LYS H 49 -49.44 -3.99 22.60
N ASP H 50 -49.85 -4.40 23.80
CA ASP H 50 -49.13 -4.31 25.08
C ASP H 50 -49.02 -2.90 25.62
N SER H 51 -49.36 -1.90 24.83
CA SER H 51 -49.28 -0.53 25.30
C SER H 51 -50.37 0.38 24.75
N GLU H 52 -51.30 -0.11 23.95
CA GLU H 52 -52.21 0.75 23.22
C GLU H 52 -53.63 0.52 23.66
N ARG H 53 -54.25 1.51 24.06
CA ARG H 53 -55.69 1.41 24.22
C ARG H 53 -56.38 1.88 22.96
N PRO H 54 -57.57 1.37 22.67
CA PRO H 54 -58.36 1.90 21.55
C PRO H 54 -59.01 3.22 21.94
N SER H 55 -59.75 3.76 20.99
CA SER H 55 -60.49 4.97 21.24
C SER H 55 -61.66 4.70 22.17
N GLY H 56 -62.15 5.77 22.80
CA GLY H 56 -63.21 5.61 23.78
C GLY H 56 -62.76 5.00 25.08
N ILE H 57 -61.47 5.06 25.37
CA ILE H 57 -60.89 4.47 26.57
C ILE H 57 -60.16 5.57 27.32
N PRO H 58 -60.40 5.74 28.62
CA PRO H 58 -59.68 6.76 29.38
C PRO H 58 -58.21 6.40 29.55
N GLU H 59 -57.41 7.44 29.74
CA GLU H 59 -55.96 7.34 29.85
C GLU H 59 -55.48 6.82 31.20
N ARG H 60 -56.41 6.48 32.10
CA ARG H 60 -56.04 5.86 33.36
C ARG H 60 -55.41 4.49 33.14
N PHE H 61 -55.77 3.84 32.05
CA PHE H 61 -55.30 2.50 31.75
C PHE H 61 -53.96 2.60 31.04
N SER H 62 -52.94 1.97 31.60
CA SER H 62 -51.63 1.91 30.97
C SER H 62 -51.16 0.47 30.94
N GLY H 63 -50.11 0.22 30.16
CA GLY H 63 -49.62 -1.13 30.00
C GLY H 63 -48.19 -1.21 29.53
N SER H 64 -47.44 -2.16 30.08
CA SER H 64 -46.05 -2.32 29.73
C SER H 64 -45.65 -3.78 29.90
N SER H 65 -44.53 -4.13 29.29
CA SER H 65 -44.04 -5.50 29.29
C SER H 65 -42.65 -5.56 29.89
N SER H 66 -42.33 -6.72 30.46
CA SER H 66 -41.00 -6.94 31.03
C SER H 66 -40.67 -8.43 30.91
N GLY H 67 -40.02 -8.80 29.82
CA GLY H 67 -39.56 -10.16 29.61
C GLY H 67 -40.71 -11.13 29.51
N THR H 68 -40.75 -12.08 30.43
CA THR H 68 -41.85 -13.03 30.54
C THR H 68 -42.99 -12.50 31.39
N THR H 69 -42.91 -11.25 31.83
CA THR H 69 -43.95 -10.64 32.64
C THR H 69 -44.53 -9.44 31.90
N VAL H 70 -45.82 -9.22 32.07
CA VAL H 70 -46.44 -8.02 31.53
C VAL H 70 -47.02 -7.25 32.71
N THR H 71 -47.62 -6.10 32.44
CA THR H 71 -48.17 -5.29 33.51
C THR H 71 -49.37 -4.51 33.01
N LEU H 72 -50.53 -4.78 33.57
CA LEU H 72 -51.70 -3.93 33.38
C LEU H 72 -51.67 -2.84 34.43
N THR H 73 -51.78 -1.59 34.00
CA THR H 73 -51.61 -0.45 34.90
C THR H 73 -52.84 0.43 34.84
N ILE H 74 -53.48 0.64 35.99
CA ILE H 74 -54.62 1.53 36.12
C ILE H 74 -54.20 2.65 37.05
N SER H 75 -53.96 3.84 36.51
CA SER H 75 -53.52 4.97 37.30
C SER H 75 -54.71 5.81 37.74
N GLY H 76 -54.80 6.06 39.05
CA GLY H 76 -55.94 6.79 39.57
C GLY H 76 -57.18 5.92 39.56
N VAL H 77 -57.18 4.88 40.40
CA VAL H 77 -58.21 3.86 40.34
C VAL H 77 -59.52 4.40 40.87
N GLN H 78 -60.58 4.25 40.08
CA GLN H 78 -61.92 4.58 40.51
C GLN H 78 -62.63 3.36 41.06
N ALA H 79 -63.69 3.60 41.82
CA ALA H 79 -64.43 2.50 42.43
C ALA H 79 -65.30 1.76 41.42
N GLU H 80 -65.67 2.41 40.32
CA GLU H 80 -66.53 1.79 39.31
C GLU H 80 -65.76 0.91 38.35
N ASP H 81 -64.44 0.90 38.45
CA ASP H 81 -63.60 0.07 37.60
C ASP H 81 -63.50 -1.36 38.12
N GLU H 82 -64.21 -1.69 39.20
CA GLU H 82 -64.21 -3.02 39.77
C GLU H 82 -64.89 -3.98 38.81
N ALA H 83 -64.10 -4.80 38.14
CA ALA H 83 -64.58 -5.77 37.17
C ALA H 83 -63.52 -6.85 37.03
N ASP H 84 -63.79 -7.84 36.21
CA ASP H 84 -62.73 -8.78 35.90
C ASP H 84 -61.80 -8.19 34.85
N TYR H 85 -60.60 -8.76 34.78
CA TYR H 85 -59.58 -8.30 33.86
C TYR H 85 -58.81 -9.51 33.38
N TYR H 86 -58.84 -9.76 32.07
CA TYR H 86 -58.26 -10.95 31.50
C TYR H 86 -57.16 -10.56 30.51
N CYS H 87 -56.02 -11.21 30.62
CA CYS H 87 -54.96 -11.06 29.65
C CYS H 87 -55.02 -12.21 28.65
N GLN H 88 -54.74 -11.91 27.40
CA GLN H 88 -54.77 -12.91 26.33
C GLN H 88 -53.48 -12.85 25.54
N SER H 89 -52.89 -14.01 25.29
CA SER H 89 -51.80 -14.13 24.33
C SER H 89 -52.04 -15.38 23.51
N ALA H 90 -51.00 -15.82 22.81
CA ALA H 90 -51.12 -16.98 21.95
C ALA H 90 -49.91 -17.87 22.16
N ASP H 91 -49.76 -18.83 21.25
CA ASP H 91 -48.70 -19.82 21.28
C ASP H 91 -47.34 -19.16 21.10
N SER H 92 -46.31 -19.85 21.61
CA SER H 92 -44.94 -19.53 21.22
C SER H 92 -44.74 -19.67 19.72
N SER H 93 -45.37 -20.68 19.11
CA SER H 93 -45.32 -20.78 17.67
C SER H 93 -46.27 -19.79 16.98
N GLY H 94 -47.18 -19.18 17.73
CA GLY H 94 -48.12 -18.26 17.14
C GLY H 94 -49.18 -19.00 16.35
N THR H 95 -49.78 -20.00 16.98
CA THR H 95 -50.74 -20.85 16.30
C THR H 95 -52.12 -20.77 16.94
N TYR H 96 -52.20 -20.90 18.25
CA TYR H 96 -53.46 -20.92 18.96
C TYR H 96 -53.42 -19.92 20.09
N TRP H 97 -54.57 -19.33 20.38
CA TRP H 97 -54.65 -18.32 21.43
C TRP H 97 -54.87 -18.97 22.78
N VAL H 98 -54.47 -18.28 23.83
CA VAL H 98 -54.69 -18.74 25.18
C VAL H 98 -55.19 -17.57 26.00
N PHE H 99 -55.76 -17.88 27.15
CA PHE H 99 -56.28 -16.88 28.05
C PHE H 99 -55.53 -16.90 29.37
N GLY H 100 -55.50 -15.75 30.01
CA GLY H 100 -55.11 -15.69 31.40
C GLY H 100 -56.17 -16.32 32.27
N GLY H 101 -55.80 -16.57 33.52
CA GLY H 101 -56.72 -17.19 34.44
C GLY H 101 -57.86 -16.27 34.85
N GLY H 102 -57.53 -15.23 35.60
CA GLY H 102 -58.55 -14.33 36.07
C GLY H 102 -58.01 -13.28 37.02
N THR H 103 -58.70 -12.16 37.14
CA THR H 103 -58.31 -11.11 38.07
C THR H 103 -59.56 -10.46 38.60
N LYS H 104 -59.69 -10.42 39.93
CA LYS H 104 -60.83 -9.80 40.57
C LYS H 104 -60.36 -8.58 41.35
N LEU H 105 -60.90 -7.42 41.00
CA LEU H 105 -60.61 -6.19 41.69
C LEU H 105 -61.59 -6.00 42.83
N THR H 106 -61.16 -5.27 43.86
CA THR H 106 -62.06 -4.83 44.93
C THR H 106 -61.55 -3.51 45.46
N VAL H 107 -62.21 -2.44 45.10
CA VAL H 107 -61.86 -1.10 45.57
C VAL H 107 -62.64 -0.85 46.85
N LEU H 108 -62.01 -0.11 47.78
CA LEU H 108 -62.59 0.30 49.07
C LEU H 108 -62.93 -0.90 49.96
N ASN I 3 -5.31 28.01 -63.48
CA ASN I 3 -4.13 28.87 -63.52
C ASN I 3 -3.24 28.65 -62.32
N LEU I 4 -3.85 28.32 -61.19
CA LEU I 4 -3.10 28.08 -59.97
C LEU I 4 -3.48 26.72 -59.41
N TRP I 5 -2.49 26.04 -58.86
CA TRP I 5 -2.69 24.73 -58.28
C TRP I 5 -2.20 24.75 -56.84
N VAL I 6 -2.72 23.83 -56.06
CA VAL I 6 -2.42 23.80 -54.64
C VAL I 6 -1.02 23.24 -54.43
N THR I 7 -0.19 23.99 -53.72
CA THR I 7 1.20 23.61 -53.46
C THR I 7 1.37 23.39 -51.97
N VAL I 8 1.87 22.23 -51.60
CA VAL I 8 1.98 21.86 -50.20
C VAL I 8 3.30 22.39 -49.66
N TYR I 9 3.34 22.60 -48.35
CA TYR I 9 4.52 23.11 -47.67
C TYR I 9 4.72 22.37 -46.37
N TYR I 10 5.95 21.93 -46.12
CA TYR I 10 6.29 21.22 -44.90
C TYR I 10 7.32 22.01 -44.13
N GLY I 11 7.12 22.12 -42.82
CA GLY I 11 8.01 22.89 -41.99
C GLY I 11 7.65 24.35 -41.88
N VAL I 12 6.39 24.69 -42.05
CA VAL I 12 5.94 26.08 -41.95
C VAL I 12 6.01 26.53 -40.50
N PRO I 13 6.65 27.65 -40.21
CA PRO I 13 6.64 28.19 -38.85
C PRO I 13 5.28 28.74 -38.43
N VAL I 14 4.37 27.88 -37.98
CA VAL I 14 3.05 28.31 -37.51
C VAL I 14 2.62 27.36 -36.40
N TRP I 15 1.85 27.88 -35.44
CA TRP I 15 1.44 27.10 -34.30
C TRP I 15 -0.01 27.34 -33.98
N LYS I 16 -0.50 26.59 -33.00
CA LYS I 16 -1.72 26.90 -32.27
C LYS I 16 -1.41 26.87 -30.78
N ASP I 17 -2.43 27.00 -29.95
CA ASP I 17 -2.27 26.93 -28.50
C ASP I 17 -2.91 25.66 -28.00
N ALA I 18 -2.20 24.93 -27.14
CA ALA I 18 -2.71 23.64 -26.71
C ALA I 18 -2.12 23.27 -25.36
N GLU I 19 -2.76 22.30 -24.74
CA GLU I 19 -2.27 21.68 -23.52
C GLU I 19 -1.42 20.49 -23.88
N THR I 20 -0.36 20.27 -23.10
CA THR I 20 0.45 19.08 -23.29
C THR I 20 1.15 18.73 -21.99
N THR I 21 1.65 17.51 -21.94
CA THR I 21 2.44 17.08 -20.80
C THR I 21 3.82 17.72 -20.90
N LEU I 22 4.45 17.93 -19.76
CA LEU I 22 5.65 18.72 -19.68
C LEU I 22 6.46 18.26 -18.48
N PHE I 23 7.78 18.29 -18.59
CA PHE I 23 8.62 17.52 -17.69
C PHE I 23 9.79 18.33 -17.16
N CYS I 24 10.49 17.72 -16.20
CA CYS I 24 11.54 18.34 -15.40
C CYS I 24 12.78 18.63 -16.24
N ALA I 25 13.65 19.47 -15.67
CA ALA I 25 14.99 19.68 -16.18
C ALA I 25 15.82 20.24 -15.04
N SER I 26 16.82 19.50 -14.61
CA SER I 26 17.65 19.91 -13.48
C SER I 26 19.01 20.41 -13.95
N ASP I 27 19.59 21.28 -13.16
CA ASP I 27 20.98 21.68 -13.34
C ASP I 27 21.83 20.67 -12.58
N ALA I 28 22.66 19.94 -13.33
CA ALA I 28 23.31 18.74 -12.79
C ALA I 28 24.37 19.11 -11.77
N LYS I 29 24.18 18.66 -10.54
CA LYS I 29 25.10 18.90 -9.45
C LYS I 29 25.49 17.56 -8.84
N ALA I 30 26.35 17.60 -7.83
CA ALA I 30 26.81 16.41 -7.12
C ALA I 30 26.26 16.49 -5.70
N TYR I 31 25.06 15.94 -5.49
CA TYR I 31 24.41 16.13 -4.20
C TYR I 31 24.91 15.11 -3.18
N GLU I 32 24.48 13.85 -3.34
CA GLU I 32 25.00 12.67 -2.63
C GLU I 32 25.03 12.81 -1.10
N THR I 33 24.18 13.65 -0.52
CA THR I 33 24.21 13.85 0.93
C THR I 33 22.90 13.45 1.60
N GLU I 34 21.78 14.00 1.17
CA GLU I 34 20.48 13.65 1.71
C GLU I 34 19.79 12.60 0.86
N LYS I 35 20.54 12.03 -0.09
CA LYS I 35 20.31 10.91 -0.98
C LYS I 35 19.31 11.23 -2.09
N HIS I 36 18.31 12.04 -1.74
CA HIS I 36 17.15 12.44 -2.52
C HIS I 36 16.44 13.47 -1.66
N ASN I 37 16.04 14.58 -2.22
CA ASN I 37 15.22 15.48 -1.43
C ASN I 37 13.77 15.27 -1.80
N VAL I 38 12.90 16.12 -1.26
CA VAL I 38 11.48 16.04 -1.57
C VAL I 38 11.26 16.25 -3.05
N TRP I 39 11.94 17.22 -3.63
CA TRP I 39 11.86 17.43 -5.06
C TRP I 39 12.81 16.44 -5.69
N ALA I 40 12.30 15.58 -6.57
CA ALA I 40 13.12 14.54 -7.15
C ALA I 40 14.04 15.14 -8.20
N THR I 41 15.11 15.76 -7.73
CA THR I 41 16.14 16.24 -8.63
C THR I 41 16.88 15.06 -9.25
N HIS I 42 17.12 14.02 -8.45
CA HIS I 42 17.51 12.75 -9.02
C HIS I 42 16.33 12.20 -9.80
N GLU I 43 16.65 11.38 -10.81
CA GLU I 43 15.69 10.93 -11.82
C GLU I 43 15.03 12.10 -12.52
N CYS I 44 15.83 13.14 -12.78
CA CYS I 44 15.43 14.21 -13.66
C CYS I 44 16.55 14.43 -14.68
N VAL I 45 16.16 14.85 -15.87
CA VAL I 45 17.14 14.99 -16.96
C VAL I 45 18.02 16.21 -16.69
N PRO I 46 19.33 16.13 -16.92
CA PRO I 46 20.17 17.32 -16.75
C PRO I 46 19.88 18.34 -17.84
N THR I 47 19.88 19.61 -17.43
CA THR I 47 19.63 20.71 -18.35
C THR I 47 20.81 20.85 -19.30
N ASP I 48 20.49 21.06 -20.57
CA ASP I 48 21.46 21.56 -21.53
C ASP I 48 21.98 22.91 -21.05
N PRO I 49 23.28 23.07 -20.85
CA PRO I 49 23.81 24.37 -20.40
C PRO I 49 23.91 25.41 -21.51
N ASN I 50 23.23 25.17 -22.64
CA ASN I 50 23.15 26.09 -23.76
C ASN I 50 21.79 26.76 -23.72
N PRO I 51 21.65 27.94 -23.15
CA PRO I 51 20.35 28.61 -23.15
C PRO I 51 19.99 29.17 -24.52
N GLN I 52 19.52 28.28 -25.40
CA GLN I 52 19.12 28.68 -26.74
C GLN I 52 17.83 29.49 -26.65
N GLU I 53 17.95 30.80 -26.75
CA GLU I 53 16.81 31.70 -26.60
C GLU I 53 16.69 32.49 -27.89
N ILE I 54 15.77 32.07 -28.76
CA ILE I 54 15.68 32.61 -30.11
C ILE I 54 14.66 33.73 -30.13
N HIS I 55 15.10 34.92 -30.52
CA HIS I 55 14.21 36.07 -30.53
C HIS I 55 13.25 35.99 -31.72
N LEU I 56 12.06 36.53 -31.52
CA LEU I 56 11.05 36.61 -32.56
C LEU I 56 10.89 38.06 -32.98
N GLU I 57 11.08 38.32 -34.27
CA GLU I 57 10.98 39.67 -34.78
C GLU I 57 9.55 40.01 -35.13
N ASN I 58 9.21 41.29 -34.91
CA ASN I 58 8.03 42.04 -35.37
C ASN I 58 6.74 41.22 -35.40
N VAL I 59 6.49 40.49 -34.32
CA VAL I 59 5.30 39.67 -34.19
C VAL I 59 4.78 39.82 -32.77
N THR I 60 3.46 39.83 -32.63
CA THR I 60 2.82 40.01 -31.35
C THR I 60 1.88 38.85 -31.06
N GLU I 61 1.57 38.67 -29.78
CA GLU I 61 0.66 37.62 -29.35
C GLU I 61 0.09 37.96 -27.99
N GLU I 62 -1.24 37.97 -27.88
CA GLU I 62 -1.87 38.25 -26.61
C GLU I 62 -1.86 37.02 -25.73
N PHE I 63 -1.39 37.18 -24.50
CA PHE I 63 -1.29 36.09 -23.56
C PHE I 63 -2.47 36.14 -22.59
N ASN I 64 -2.45 35.27 -21.60
CA ASN I 64 -3.33 35.39 -20.45
C ASN I 64 -2.66 34.66 -19.30
N MET I 65 -2.25 35.40 -18.28
CA MET I 65 -1.72 34.78 -17.09
C MET I 65 -2.79 34.16 -16.22
N TRP I 66 -4.05 34.25 -16.59
CA TRP I 66 -5.11 33.71 -15.76
C TRP I 66 -5.69 32.43 -16.31
N LYS I 67 -5.17 31.92 -17.42
CA LYS I 67 -5.63 30.66 -17.98
C LYS I 67 -4.47 29.74 -18.32
N ASN I 68 -3.33 29.90 -17.67
CA ASN I 68 -2.21 29.00 -17.91
C ASN I 68 -2.50 27.65 -17.29
N ASN I 69 -2.69 26.66 -18.14
CA ASN I 69 -2.78 25.28 -17.69
C ASN I 69 -1.47 24.75 -17.12
N MET I 70 -0.35 25.44 -17.40
CA MET I 70 0.92 25.12 -16.75
C MET I 70 0.83 25.26 -15.24
N VAL I 71 0.00 26.18 -14.76
CA VAL I 71 -0.27 26.26 -13.33
C VAL I 71 -0.91 24.98 -12.85
N GLU I 72 -1.94 24.51 -13.55
CA GLU I 72 -2.68 23.36 -13.07
C GLU I 72 -1.90 22.07 -13.24
N GLN I 73 -0.97 22.03 -14.19
CA GLN I 73 -0.11 20.86 -14.27
C GLN I 73 0.86 20.84 -13.11
N MET I 74 1.47 21.98 -12.80
CA MET I 74 2.50 21.99 -11.79
C MET I 74 1.90 21.88 -10.40
N HIS I 75 0.77 22.53 -10.16
CA HIS I 75 0.11 22.42 -8.86
C HIS I 75 -0.39 21.02 -8.61
N THR I 76 -0.69 20.26 -9.66
CA THR I 76 -0.92 18.84 -9.50
C THR I 76 0.35 18.14 -9.05
N ASP I 77 1.49 18.51 -9.64
CA ASP I 77 2.71 17.75 -9.43
C ASP I 77 3.31 18.02 -8.06
N ILE I 78 3.20 19.26 -7.59
CA ILE I 78 3.80 19.60 -6.30
C ILE I 78 3.08 18.90 -5.18
N ILE I 79 1.76 18.77 -5.29
CA ILE I 79 1.01 17.96 -4.35
C ILE I 79 1.43 16.50 -4.46
N GLU I 80 1.67 16.06 -5.68
CA GLU I 80 1.86 14.64 -5.89
C GLU I 80 3.26 14.20 -5.51
N LEU I 81 4.27 15.03 -5.81
CA LEU I 81 5.64 14.73 -5.38
C LEU I 81 5.74 14.73 -3.87
N TRP I 82 5.07 15.68 -3.24
CA TRP I 82 4.99 15.75 -1.79
C TRP I 82 4.39 14.48 -1.23
N ASP I 83 3.32 14.01 -1.87
CA ASP I 83 2.67 12.79 -1.42
C ASP I 83 3.53 11.58 -1.70
N GLN I 84 4.32 11.63 -2.77
CA GLN I 84 5.06 10.45 -3.18
C GLN I 84 6.24 10.20 -2.25
N SER I 85 6.96 11.25 -1.87
CA SER I 85 8.08 11.05 -0.97
C SER I 85 7.64 10.80 0.46
N LEU I 86 6.45 11.30 0.82
CA LEU I 86 5.99 11.16 2.19
C LEU I 86 5.52 9.75 2.49
N LYS I 87 5.26 8.94 1.46
CA LYS I 87 4.63 7.65 1.66
C LYS I 87 5.46 6.64 2.46
N PRO I 88 6.74 6.31 2.10
CA PRO I 88 7.35 5.13 2.73
C PRO I 88 7.87 5.31 4.15
N CYS I 89 7.50 6.36 4.86
CA CYS I 89 8.03 6.55 6.20
C CYS I 89 7.03 6.14 7.27
N VAL I 90 7.39 6.44 8.52
CA VAL I 90 6.73 5.86 9.69
C VAL I 90 5.37 6.51 9.91
N LYS I 91 4.35 5.68 10.07
CA LYS I 91 3.02 6.16 10.42
C LYS I 91 2.91 6.21 11.94
N LEU I 92 2.59 7.38 12.47
CA LEU I 92 2.46 7.53 13.92
C LEU I 92 1.01 7.33 14.35
N THR I 93 0.49 6.16 13.99
CA THR I 93 -0.81 5.73 14.47
C THR I 93 -0.94 5.65 15.99
N PRO I 94 -0.06 4.98 16.74
CA PRO I 94 -0.31 4.88 18.19
C PRO I 94 0.04 6.14 18.98
N LEU I 95 0.40 7.23 18.30
CA LEU I 95 0.72 8.45 19.01
C LEU I 95 -0.52 9.10 19.61
N CYS I 96 -1.68 8.91 18.98
CA CYS I 96 -2.90 9.62 19.38
C CYS I 96 -3.44 9.03 20.68
N VAL I 97 -2.85 9.49 21.79
CA VAL I 97 -3.20 8.98 23.11
C VAL I 97 -3.66 10.12 23.99
N THR I 98 -3.91 9.83 25.27
CA THR I 98 -4.24 10.85 26.25
C THR I 98 -2.95 11.40 26.84
N LEU I 99 -2.81 12.72 26.82
CA LEU I 99 -1.56 13.36 27.21
C LEU I 99 -1.71 14.03 28.56
N GLN I 100 -0.89 13.63 29.51
CA GLN I 100 -0.70 14.38 30.75
C GLN I 100 0.36 15.43 30.50
N CYS I 101 0.01 16.70 30.65
CA CYS I 101 0.92 17.77 30.30
C CYS I 101 0.89 18.88 31.32
N THR I 102 1.94 19.71 31.26
CA THR I 102 2.02 20.95 32.02
C THR I 102 2.97 21.89 31.29
N ASN I 103 3.05 23.12 31.78
CA ASN I 103 3.87 24.12 31.13
C ASN I 103 5.34 23.86 31.41
N TYR I 104 6.20 24.34 30.52
CA TYR I 104 7.62 24.01 30.62
C TYR I 104 8.42 25.04 31.41
N ALA I 105 8.21 26.31 31.14
CA ALA I 105 8.85 27.33 31.95
C ALA I 105 7.75 28.09 32.70
N PRO I 106 7.32 27.58 33.85
CA PRO I 106 6.11 28.12 34.49
C PRO I 106 6.31 29.49 35.07
N LYS I 107 7.54 29.88 35.33
CA LYS I 107 7.85 31.20 35.87
C LYS I 107 8.53 31.95 34.75
N LEU I 108 7.73 32.66 33.96
CA LEU I 108 8.24 33.39 32.82
C LEU I 108 7.30 34.54 32.52
N ARG I 109 7.89 35.70 32.23
CA ARG I 109 7.12 36.91 32.00
C ARG I 109 6.98 37.27 30.53
N SER I 110 7.77 36.68 29.66
CA SER I 110 7.90 37.15 28.28
C SER I 110 6.70 36.71 27.45
N MET I 111 6.83 36.86 26.14
CA MET I 111 5.79 36.37 25.24
C MET I 111 5.75 34.85 25.18
N MET I 112 6.86 34.19 25.47
CA MET I 112 6.92 32.73 25.43
C MET I 112 6.32 32.07 26.65
N ARG I 113 5.60 32.80 27.51
CA ARG I 113 5.05 32.16 28.68
C ARG I 113 3.86 31.28 28.29
N GLY I 114 3.79 30.12 28.92
CA GLY I 114 2.76 29.14 28.61
C GLY I 114 2.77 28.65 27.18
N GLU I 115 3.95 28.54 26.57
CA GLU I 115 4.03 28.21 25.17
C GLU I 115 4.51 26.79 24.92
N ILE I 116 5.63 26.43 25.45
CA ILE I 116 6.13 25.08 25.32
C ILE I 116 5.58 24.26 26.47
N LYS I 117 5.12 23.05 26.19
CA LYS I 117 4.47 22.23 27.19
C LYS I 117 5.17 20.88 27.34
N ASN I 118 5.70 20.64 28.53
CA ASN I 118 6.14 19.33 28.93
C ASN I 118 4.95 18.38 28.98
N CYS I 119 5.16 17.13 28.56
CA CYS I 119 4.06 16.18 28.41
C CYS I 119 4.49 14.77 28.78
N SER I 120 3.51 13.87 28.86
CA SER I 120 3.74 12.50 29.31
C SER I 120 2.88 11.53 28.51
N PHE I 121 3.39 10.30 28.35
CA PHE I 121 2.81 9.30 27.47
C PHE I 121 2.63 7.97 28.17
N ASN I 122 2.03 7.04 27.42
CA ASN I 122 2.24 5.61 27.54
C ASN I 122 2.41 5.11 26.10
N MET I 123 3.64 5.10 25.62
CA MET I 123 3.91 4.76 24.23
C MET I 123 4.19 3.28 24.09
N THR I 124 3.57 2.66 23.09
CA THR I 124 3.81 1.26 22.78
C THR I 124 5.22 1.07 22.24
N THR I 125 5.97 0.16 22.85
CA THR I 125 7.34 -0.13 22.42
C THR I 125 7.30 -1.09 21.23
N GLU I 126 8.47 -1.63 20.89
CA GLU I 126 8.55 -2.59 19.80
C GLU I 126 7.97 -3.95 20.18
N LEU I 127 7.89 -4.24 21.47
CA LEU I 127 7.21 -5.45 21.88
C LEU I 127 5.71 -5.19 21.95
N ARG I 128 4.95 -6.28 21.88
CA ARG I 128 3.50 -6.15 21.86
C ARG I 128 2.95 -5.81 23.22
N ASP I 129 3.55 -6.33 24.30
CA ASP I 129 3.00 -6.17 25.64
C ASP I 129 3.88 -5.32 26.53
N LYS I 130 4.63 -4.40 25.94
CA LYS I 130 5.47 -3.50 26.73
C LYS I 130 5.16 -2.07 26.34
N LYS I 131 4.86 -1.25 27.34
CA LYS I 131 4.61 0.16 27.14
C LYS I 131 5.68 0.95 27.85
N GLN I 132 5.57 2.27 27.79
CA GLN I 132 6.71 3.11 28.14
C GLN I 132 6.24 4.52 28.43
N LYS I 133 6.63 5.06 29.57
CA LYS I 133 6.29 6.43 29.92
C LYS I 133 7.34 7.35 29.36
N VAL I 134 6.90 8.34 28.58
CA VAL I 134 7.76 9.16 27.76
C VAL I 134 7.50 10.62 28.07
N TYR I 135 8.56 11.36 28.38
CA TYR I 135 8.46 12.79 28.59
C TYR I 135 8.91 13.53 27.35
N SER I 136 8.12 14.50 26.91
CA SER I 136 8.41 15.21 25.69
C SER I 136 7.93 16.64 25.80
N LEU I 137 8.16 17.40 24.74
CA LEU I 137 7.82 18.82 24.69
C LEU I 137 6.97 19.10 23.46
N PHE I 138 6.01 19.99 23.61
CA PHE I 138 5.13 20.33 22.50
C PHE I 138 4.78 21.80 22.57
N TYR I 139 4.03 22.26 21.58
CA TYR I 139 3.68 23.66 21.44
C TYR I 139 2.19 23.86 21.67
N ARG I 140 1.82 25.12 21.83
CA ARG I 140 0.42 25.48 22.00
C ARG I 140 -0.39 25.15 20.77
N LEU I 141 0.21 25.31 19.59
CA LEU I 141 -0.51 25.12 18.35
C LEU I 141 -0.49 23.68 17.88
N ASP I 142 -0.34 22.73 18.80
CA ASP I 142 -0.34 21.32 18.43
C ASP I 142 -1.29 20.53 19.31
N VAL I 143 -1.54 21.00 20.51
CA VAL I 143 -2.36 20.26 21.45
C VAL I 143 -3.66 20.99 21.68
N VAL I 144 -4.66 20.24 22.10
CA VAL I 144 -5.99 20.76 22.40
C VAL I 144 -6.41 20.20 23.76
N GLN I 145 -7.01 21.05 24.59
CA GLN I 145 -7.55 20.60 25.87
C GLN I 145 -8.71 19.64 25.65
N ILE I 146 -9.03 18.87 26.70
CA ILE I 146 -10.12 17.92 26.63
C ILE I 146 -11.18 18.31 27.66
N ASN I 147 -10.74 18.93 28.75
CA ASN I 147 -11.53 19.25 29.94
C ASN I 147 -12.19 18.00 30.52
N ASN I 158 -2.77 19.18 35.74
CA ASN I 158 -2.36 18.40 34.59
C ASN I 158 -3.57 17.94 33.79
N LYS I 159 -4.24 18.91 33.19
CA LYS I 159 -5.43 18.61 32.41
C LYS I 159 -5.05 17.88 31.13
N GLU I 160 -5.95 17.01 30.69
CA GLU I 160 -5.66 16.10 29.60
C GLU I 160 -5.63 16.83 28.28
N TYR I 161 -4.56 16.65 27.53
CA TYR I 161 -4.45 17.28 26.23
C TYR I 161 -4.46 16.23 25.14
N ARG I 162 -4.67 16.70 23.92
CA ARG I 162 -4.85 15.82 22.78
C ARG I 162 -4.44 16.59 21.54
N LEU I 163 -3.90 15.88 20.57
CA LEU I 163 -3.32 16.53 19.42
C LEU I 163 -4.42 17.02 18.47
N ILE I 164 -4.03 17.75 17.43
CA ILE I 164 -5.06 18.37 16.59
C ILE I 164 -5.62 17.37 15.60
N ASN I 165 -4.73 16.69 14.88
CA ASN I 165 -4.94 15.66 13.86
C ASN I 165 -6.06 14.66 14.10
N CYS I 166 -6.20 14.21 15.36
CA CYS I 166 -7.09 13.12 15.71
C CYS I 166 -8.55 13.47 15.52
N ASN I 167 -8.84 14.76 15.45
CA ASN I 167 -10.12 15.23 14.92
C ASN I 167 -10.30 14.70 13.50
N THR I 168 -9.30 14.90 12.64
CA THR I 168 -9.46 14.72 11.22
C THR I 168 -8.54 13.68 10.60
N SER I 169 -7.23 13.79 10.79
CA SER I 169 -6.29 13.16 9.87
C SER I 169 -5.41 12.14 10.58
N ALA I 170 -4.51 11.55 9.82
CA ALA I 170 -3.48 10.66 10.33
C ALA I 170 -2.12 11.30 10.18
N ILE I 171 -1.11 10.64 10.73
CA ILE I 171 0.21 11.24 10.94
C ILE I 171 1.29 10.40 10.29
N THR I 172 2.14 11.06 9.51
CA THR I 172 3.30 10.42 8.92
C THR I 172 4.56 11.12 9.43
N GLN I 173 5.52 10.33 9.90
CA GLN I 173 6.85 10.84 10.18
C GLN I 173 7.48 11.34 8.89
N ALA I 174 8.19 12.47 8.97
CA ALA I 174 8.61 13.18 7.76
C ALA I 174 10.03 12.83 7.33
N CYS I 175 10.44 11.56 7.50
CA CYS I 175 11.60 10.96 6.84
C CYS I 175 12.90 11.67 7.15
N PRO I 176 13.43 11.55 8.35
CA PRO I 176 14.45 12.50 8.83
C PRO I 176 15.84 12.32 8.23
N LYS I 177 15.91 12.18 6.92
CA LYS I 177 17.14 12.33 6.17
C LYS I 177 16.98 13.22 4.96
N VAL I 178 15.77 13.45 4.49
CA VAL I 178 15.52 14.25 3.31
C VAL I 178 15.58 15.71 3.71
N SER I 179 15.61 16.60 2.73
CA SER I 179 15.59 18.03 3.00
C SER I 179 14.34 18.64 2.40
N PHE I 180 14.29 19.97 2.46
CA PHE I 180 13.16 20.70 1.89
C PHE I 180 13.61 21.92 1.12
N GLU I 181 14.89 22.02 0.79
CA GLU I 181 15.40 23.22 0.14
C GLU I 181 14.88 23.29 -1.29
N PRO I 182 14.25 24.38 -1.68
CA PRO I 182 13.65 24.45 -3.01
C PRO I 182 14.69 24.54 -4.09
N ILE I 183 14.88 23.44 -4.80
CA ILE I 183 15.84 23.40 -5.90
C ILE I 183 15.25 24.15 -7.08
N PRO I 184 16.03 24.95 -7.80
CA PRO I 184 15.53 25.55 -9.04
C PRO I 184 15.18 24.47 -10.05
N ILE I 185 13.98 24.56 -10.59
CA ILE I 185 13.46 23.58 -11.52
C ILE I 185 13.26 24.25 -12.87
N HIS I 186 13.77 23.62 -13.92
CA HIS I 186 13.46 24.03 -15.27
C HIS I 186 12.41 23.08 -15.85
N TYR I 187 11.67 23.58 -16.82
CA TYR I 187 10.58 22.85 -17.46
C TYR I 187 10.83 22.76 -18.96
N CYS I 188 11.33 21.63 -19.42
CA CYS I 188 11.50 21.41 -20.85
C CYS I 188 10.21 20.86 -21.44
N ALA I 189 9.78 21.47 -22.51
CA ALA I 189 8.63 21.00 -23.28
C ALA I 189 9.06 19.87 -24.20
N PRO I 190 8.16 18.96 -24.56
CA PRO I 190 8.54 17.89 -25.48
C PRO I 190 8.69 18.40 -26.89
N ALA I 191 9.17 17.52 -27.76
CA ALA I 191 9.38 17.84 -29.16
C ALA I 191 8.04 18.08 -29.86
N GLY I 192 8.09 18.87 -30.93
CA GLY I 192 6.86 19.28 -31.56
C GLY I 192 6.09 20.31 -30.77
N PHE I 193 6.75 20.99 -29.84
CA PHE I 193 6.12 22.02 -29.05
C PHE I 193 7.15 23.12 -28.79
N ALA I 194 6.65 24.24 -28.29
CA ALA I 194 7.52 25.33 -27.91
C ALA I 194 6.88 26.10 -26.78
N ILE I 195 7.69 26.90 -26.12
CA ILE I 195 7.23 27.72 -25.01
C ILE I 195 7.50 29.17 -25.37
N LEU I 196 6.45 29.97 -25.41
CA LEU I 196 6.64 31.36 -25.74
C LEU I 196 7.10 32.14 -24.53
N LYS I 197 7.66 33.31 -24.78
CA LYS I 197 8.16 34.17 -23.73
C LYS I 197 7.74 35.60 -24.04
N CYS I 198 7.24 36.32 -23.04
CA CYS I 198 6.74 37.66 -23.28
C CYS I 198 7.86 38.65 -23.50
N LYS I 199 8.72 38.81 -22.49
CA LYS I 199 9.92 39.66 -22.43
C LYS I 199 9.56 41.16 -22.44
N ASP I 200 8.29 41.52 -22.59
CA ASP I 200 7.89 42.90 -22.53
C ASP I 200 7.88 43.38 -21.09
N LYS I 201 8.59 44.47 -20.83
CA LYS I 201 8.53 45.12 -19.54
C LYS I 201 7.15 45.74 -19.35
N LYS I 202 6.74 45.83 -18.08
CA LYS I 202 5.45 46.36 -17.66
C LYS I 202 4.28 45.62 -18.31
N PHE I 203 4.40 44.30 -18.36
CA PHE I 203 3.34 43.53 -18.99
C PHE I 203 2.12 43.46 -18.09
N ASN I 204 0.96 43.63 -18.72
CA ASN I 204 -0.29 43.87 -18.02
C ASN I 204 -0.79 42.62 -17.30
N GLY I 205 -0.54 41.43 -17.88
CA GLY I 205 -1.20 40.21 -17.47
C GLY I 205 -2.02 39.60 -18.60
N THR I 206 -2.55 40.44 -19.48
CA THR I 206 -3.32 39.98 -20.63
C THR I 206 -3.15 41.04 -21.72
N GLY I 207 -2.28 40.76 -22.69
CA GLY I 207 -2.01 41.72 -23.73
C GLY I 207 -1.00 41.20 -24.74
N PRO I 208 -0.99 41.79 -25.93
CA PRO I 208 0.00 41.39 -26.94
C PRO I 208 1.40 41.86 -26.61
N CYS I 209 2.25 40.92 -26.20
CA CYS I 209 3.65 41.21 -26.00
C CYS I 209 4.29 41.42 -27.37
N PRO I 210 4.92 42.54 -27.63
CA PRO I 210 5.59 42.71 -28.92
C PRO I 210 6.96 42.06 -28.96
N SER I 211 7.66 42.03 -27.84
CA SER I 211 9.05 41.59 -27.80
C SER I 211 9.17 40.11 -27.51
N VAL I 212 8.43 39.28 -28.24
CA VAL I 212 8.37 37.87 -27.89
C VAL I 212 9.61 37.13 -28.36
N SER I 213 9.84 35.99 -27.72
CA SER I 213 10.87 35.05 -28.10
C SER I 213 10.42 33.69 -27.60
N THR I 214 11.17 32.65 -27.91
CA THR I 214 10.76 31.35 -27.44
C THR I 214 11.98 30.50 -27.11
N VAL I 215 11.76 29.53 -26.23
CA VAL I 215 12.77 28.57 -25.81
C VAL I 215 12.14 27.19 -25.79
N GLN I 216 12.98 26.20 -25.58
CA GLN I 216 12.53 24.85 -25.30
C GLN I 216 12.27 24.62 -23.83
N CYS I 217 12.85 25.41 -22.96
CA CYS I 217 12.96 24.98 -21.57
C CYS I 217 13.16 26.21 -20.71
N THR I 218 12.29 26.41 -19.72
CA THR I 218 12.26 27.68 -19.01
C THR I 218 13.43 27.82 -18.05
N HIS I 219 13.50 29.00 -17.44
CA HIS I 219 14.55 29.32 -16.48
C HIS I 219 14.22 28.69 -15.13
N GLY I 220 15.03 29.00 -14.12
CA GLY I 220 14.89 28.33 -12.84
C GLY I 220 13.63 28.76 -12.12
N ILE I 221 12.98 27.80 -11.49
CA ILE I 221 11.81 28.06 -10.66
C ILE I 221 12.04 27.38 -9.32
N LYS I 222 11.98 28.16 -8.25
CA LYS I 222 12.13 27.60 -6.91
C LYS I 222 10.75 27.42 -6.32
N PRO I 223 10.26 26.20 -6.19
CA PRO I 223 8.89 25.99 -5.71
C PRO I 223 8.77 26.18 -4.20
N VAL I 224 8.84 27.39 -3.78
CA VAL I 224 8.77 27.68 -2.36
C VAL I 224 7.31 27.83 -1.97
N VAL I 225 6.97 27.42 -0.76
CA VAL I 225 5.64 27.59 -0.21
C VAL I 225 5.66 28.79 0.71
N SER I 226 4.78 29.75 0.46
CA SER I 226 4.74 30.94 1.30
C SER I 226 3.35 31.55 1.27
N THR I 227 2.97 32.15 2.38
CA THR I 227 1.74 32.91 2.49
C THR I 227 2.08 34.37 2.69
N GLN I 228 1.17 35.24 2.23
CA GLN I 228 1.12 36.68 2.46
C GLN I 228 2.23 37.46 1.77
N LEU I 229 3.26 36.78 1.27
CA LEU I 229 4.42 37.41 0.67
C LEU I 229 5.03 36.40 -0.28
N LEU I 230 6.09 36.79 -0.97
CA LEU I 230 6.75 35.91 -1.93
C LEU I 230 8.25 35.93 -1.66
N LEU I 231 8.70 34.99 -0.84
CA LEU I 231 10.10 34.88 -0.50
C LEU I 231 10.91 34.37 -1.69
N ASN I 232 12.19 34.73 -1.73
CA ASN I 232 13.24 34.07 -2.52
C ASN I 232 13.01 34.12 -4.03
N GLY I 233 12.00 34.84 -4.50
CA GLY I 233 11.52 34.68 -5.85
C GLY I 233 12.36 35.40 -6.88
N SER I 234 11.73 35.75 -7.99
CA SER I 234 12.37 36.46 -9.07
C SER I 234 12.06 37.94 -8.96
N LEU I 235 13.05 38.77 -9.28
CA LEU I 235 12.89 40.21 -9.18
C LEU I 235 12.06 40.74 -10.35
N ALA I 236 11.67 42.00 -10.23
CA ALA I 236 11.21 42.74 -11.39
C ALA I 236 12.43 43.41 -12.03
N GLU I 237 12.21 44.24 -13.02
CA GLU I 237 13.32 44.84 -13.76
C GLU I 237 13.21 46.34 -13.93
N GLU I 238 12.01 46.93 -13.83
CA GLU I 238 11.84 48.35 -14.06
C GLU I 238 11.30 49.07 -12.85
N GLU I 239 10.18 48.61 -12.28
CA GLU I 239 9.54 49.31 -11.18
C GLU I 239 8.62 48.34 -10.46
N VAL I 240 7.81 48.90 -9.56
CA VAL I 240 6.69 48.15 -8.99
C VAL I 240 5.67 47.89 -10.07
N ILE I 241 5.30 46.62 -10.22
CA ILE I 241 4.34 46.20 -11.24
C ILE I 241 3.14 45.60 -10.54
N ILE I 242 1.97 46.11 -10.87
CA ILE I 242 0.71 45.60 -10.33
C ILE I 242 0.08 44.69 -11.37
N ARG I 243 -0.40 43.53 -10.92
CA ARG I 243 -1.21 42.66 -11.76
C ARG I 243 -2.38 42.14 -10.95
N SER I 244 -3.52 42.01 -11.63
CA SER I 244 -4.66 41.26 -11.12
C SER I 244 -5.51 40.90 -12.33
N GLU I 245 -6.65 40.28 -12.06
CA GLU I 245 -7.55 39.93 -13.15
C GLU I 245 -8.69 40.92 -13.30
N ASN I 246 -9.51 41.08 -12.27
CA ASN I 246 -10.59 42.05 -12.27
C ASN I 246 -10.32 43.00 -11.11
N ILE I 247 -9.73 44.15 -11.43
CA ILE I 247 -9.40 45.12 -10.40
C ILE I 247 -10.63 45.74 -9.78
N THR I 248 -11.76 45.69 -10.48
CA THR I 248 -12.99 46.21 -9.93
C THR I 248 -13.74 45.17 -9.11
N ASN I 249 -13.30 43.93 -9.09
CA ASN I 249 -13.93 42.92 -8.28
C ASN I 249 -13.22 42.83 -6.93
N ASN I 250 -13.98 42.44 -5.91
CA ASN I 250 -13.43 42.13 -4.60
C ASN I 250 -13.06 40.66 -4.44
N ALA I 251 -13.44 39.81 -5.39
CA ALA I 251 -13.10 38.40 -5.31
C ALA I 251 -11.72 38.09 -5.86
N LYS I 252 -11.28 38.83 -6.88
CA LYS I 252 -9.95 38.62 -7.42
C LYS I 252 -8.91 39.17 -6.47
N ASN I 253 -7.81 38.45 -6.33
CA ASN I 253 -6.73 38.89 -5.47
C ASN I 253 -5.83 39.84 -6.23
N ILE I 254 -4.71 40.21 -5.61
CA ILE I 254 -3.85 41.26 -6.08
C ILE I 254 -2.44 40.73 -6.12
N LEU I 255 -1.81 40.79 -7.29
CA LEU I 255 -0.44 40.36 -7.45
C LEU I 255 0.46 41.58 -7.56
N VAL I 256 1.47 41.65 -6.71
CA VAL I 256 2.41 42.76 -6.67
C VAL I 256 3.80 42.20 -6.90
N GLN I 257 4.54 42.80 -7.81
CA GLN I 257 5.94 42.45 -8.01
C GLN I 257 6.80 43.67 -7.77
N LEU I 258 7.91 43.48 -7.07
CA LEU I 258 8.76 44.57 -6.64
C LEU I 258 10.07 44.56 -7.43
N ASN I 259 10.56 45.76 -7.72
CA ASN I 259 11.82 45.93 -8.43
C ASN I 259 13.03 45.76 -7.55
N THR I 260 12.85 45.56 -6.25
CA THR I 260 13.98 45.45 -5.34
C THR I 260 13.59 44.56 -4.18
N PRO I 261 14.52 43.78 -3.65
CA PRO I 261 14.20 42.89 -2.54
C PRO I 261 14.40 43.58 -1.19
N VAL I 262 13.94 42.91 -0.15
CA VAL I 262 14.18 43.32 1.23
C VAL I 262 14.82 42.14 1.93
N GLN I 263 16.00 42.35 2.49
CA GLN I 263 16.72 41.29 3.16
C GLN I 263 16.08 41.02 4.52
N ILE I 264 15.41 39.89 4.63
CA ILE I 264 14.76 39.48 5.87
C ILE I 264 15.67 38.49 6.58
N ASN I 265 15.93 38.74 7.85
CA ASN I 265 16.56 37.75 8.71
C ASN I 265 15.50 37.09 9.56
N CYS I 266 15.64 35.79 9.78
CA CYS I 266 14.72 35.03 10.63
C CYS I 266 15.49 33.98 11.38
N THR I 267 15.10 33.73 12.62
CA THR I 267 15.86 32.81 13.45
C THR I 267 14.98 32.12 14.48
N ARG I 268 15.40 30.91 14.85
CA ARG I 268 14.81 30.15 15.95
C ARG I 268 15.92 29.95 16.96
N PRO I 269 16.13 30.89 17.83
CA PRO I 269 17.37 30.90 18.63
C PRO I 269 17.27 30.04 19.88
N ASN I 270 17.26 28.72 19.68
CA ASN I 270 17.19 27.80 20.80
C ASN I 270 18.11 26.62 20.55
N ASN I 271 18.93 26.29 21.53
CA ASN I 271 19.82 25.14 21.45
C ASN I 271 19.05 23.94 21.96
N ASN I 272 18.77 22.99 21.08
CA ASN I 272 17.77 21.98 21.39
C ASN I 272 18.39 20.60 21.49
N THR I 273 17.54 19.61 21.74
CA THR I 273 17.97 18.23 21.89
C THR I 273 16.90 17.33 21.31
N VAL I 274 17.30 16.39 20.47
CA VAL I 274 16.38 15.46 19.83
C VAL I 274 16.66 14.07 20.39
N LYS I 275 15.62 13.42 20.89
CA LYS I 275 15.72 12.05 21.35
C LYS I 275 15.04 11.12 20.37
N SER I 276 15.19 9.82 20.62
CA SER I 276 14.67 8.82 19.71
C SER I 276 14.17 7.63 20.50
N ILE I 277 13.01 7.11 20.11
CA ILE I 277 12.42 5.96 20.78
C ILE I 277 11.87 5.01 19.72
N ARG I 278 12.34 3.77 19.73
CA ARG I 278 11.73 2.71 18.93
C ARG I 278 10.32 2.46 19.43
N ILE I 279 9.33 2.65 18.57
CA ILE I 279 7.95 2.39 18.96
C ILE I 279 7.37 1.17 18.26
N GLY I 280 8.05 0.64 17.26
CA GLY I 280 7.64 -0.58 16.62
C GLY I 280 8.87 -1.33 16.17
N PRO I 281 8.67 -2.45 15.52
CA PRO I 281 9.82 -3.19 15.01
C PRO I 281 10.48 -2.50 13.82
N GLY I 282 11.20 -1.42 14.09
CA GLY I 282 11.74 -0.55 13.06
C GLY I 282 11.21 0.86 13.12
N GLN I 283 10.05 1.06 13.73
CA GLN I 283 9.47 2.38 13.85
C GLN I 283 10.12 3.09 15.03
N ALA I 284 11.02 4.02 14.73
CA ALA I 284 11.68 4.83 15.74
C ALA I 284 11.55 6.28 15.34
N PHE I 285 10.88 7.08 16.16
CA PHE I 285 10.59 8.45 15.76
C PHE I 285 11.39 9.40 16.63
N TYR I 286 11.45 10.64 16.18
CA TYR I 286 12.27 11.65 16.81
C TYR I 286 11.37 12.71 17.43
N TYR I 287 11.75 13.21 18.60
CA TYR I 287 10.90 14.17 19.26
C TYR I 287 11.74 15.21 19.98
N PHE I 288 11.10 16.33 20.25
CA PHE I 288 11.75 17.53 20.76
C PHE I 288 12.05 17.30 22.23
N GLY I 289 13.25 16.83 22.51
CA GLY I 289 13.60 16.36 23.84
C GLY I 289 13.83 17.44 24.87
N ASP I 290 14.78 18.34 24.62
CA ASP I 290 15.18 19.28 25.65
C ASP I 290 15.77 20.52 24.99
N VAL I 291 15.78 21.60 25.75
CA VAL I 291 16.33 22.89 25.31
C VAL I 291 17.49 23.25 26.21
N LEU I 292 18.66 23.44 25.61
CA LEU I 292 19.81 23.96 26.32
C LEU I 292 19.77 25.48 26.30
N GLY I 293 20.47 26.08 27.27
CA GLY I 293 20.27 27.50 27.47
C GLY I 293 18.89 27.72 28.06
N ASP I 294 18.29 28.88 27.74
CA ASP I 294 16.95 29.15 28.19
C ASP I 294 16.11 29.73 27.06
N VAL I 295 14.80 29.71 27.29
CA VAL I 295 13.81 29.75 26.23
C VAL I 295 13.75 31.12 25.59
N ARG I 296 13.88 31.15 24.27
CA ARG I 296 13.90 32.42 23.56
C ARG I 296 12.89 32.39 22.42
N MET I 297 12.18 33.51 22.26
CA MET I 297 11.21 33.69 21.20
C MET I 297 11.88 33.64 19.83
N ALA I 298 11.16 33.14 18.84
CA ALA I 298 11.61 33.17 17.46
C ALA I 298 10.99 34.36 16.76
N HIS I 299 11.79 35.06 15.97
CA HIS I 299 11.37 36.34 15.43
C HIS I 299 12.00 36.56 14.06
N CYS I 300 11.63 37.68 13.44
CA CYS I 300 12.20 38.08 12.17
C CYS I 300 12.41 39.59 12.14
N ASN I 301 13.50 40.02 11.52
CA ASN I 301 13.86 41.43 11.39
C ASN I 301 13.65 41.92 9.97
N ILE I 302 13.57 43.25 9.85
CA ILE I 302 13.36 43.93 8.58
C ILE I 302 13.78 45.38 8.73
N SER I 303 14.46 45.90 7.72
CA SER I 303 14.85 47.31 7.70
C SER I 303 13.61 48.17 7.49
N LYS I 304 13.27 48.95 8.50
CA LYS I 304 12.02 49.70 8.50
C LYS I 304 12.03 50.81 7.45
N ALA I 305 13.11 51.59 7.41
CA ALA I 305 13.17 52.72 6.49
C ALA I 305 13.26 52.25 5.05
N THR I 306 13.89 51.10 4.82
CA THR I 306 13.88 50.51 3.48
C THR I 306 12.48 50.11 3.09
N TRP I 307 11.73 49.56 4.04
CA TRP I 307 10.42 49.03 3.72
C TRP I 307 9.39 50.14 3.51
N ASN I 308 9.51 51.24 4.24
CA ASN I 308 8.64 52.39 3.97
C ASN I 308 8.95 52.98 2.61
N GLU I 309 10.23 53.10 2.28
CA GLU I 309 10.65 53.51 0.96
C GLU I 309 10.16 52.53 -0.10
N THR I 310 10.16 51.24 0.25
CA THR I 310 9.60 50.24 -0.65
C THR I 310 8.10 50.41 -0.78
N LEU I 311 7.42 50.65 0.34
CA LEU I 311 5.97 50.75 0.29
C LEU I 311 5.54 52.07 -0.33
N GLY I 312 6.39 53.10 -0.26
CA GLY I 312 6.10 54.34 -0.93
C GLY I 312 6.08 54.21 -2.44
N LYS I 313 6.85 53.26 -2.97
CA LYS I 313 6.79 53.00 -4.40
C LYS I 313 5.49 52.32 -4.77
N VAL I 314 4.88 51.62 -3.83
CA VAL I 314 3.71 50.80 -4.14
C VAL I 314 2.49 51.67 -4.37
N VAL I 315 2.29 52.65 -3.49
CA VAL I 315 1.07 53.43 -3.49
C VAL I 315 1.03 54.34 -4.71
N LYS I 316 2.21 54.78 -5.19
CA LYS I 316 2.31 55.49 -6.45
C LYS I 316 1.82 54.64 -7.60
N GLN I 317 2.15 53.35 -7.59
CA GLN I 317 1.65 52.45 -8.62
C GLN I 317 0.16 52.18 -8.43
N LEU I 318 -0.31 52.24 -7.18
CA LEU I 318 -1.74 52.05 -6.91
C LEU I 318 -2.57 53.20 -7.44
N ARG I 319 -2.13 54.42 -7.16
CA ARG I 319 -2.91 55.61 -7.48
C ARG I 319 -2.89 55.97 -8.96
N LYS I 320 -2.19 55.19 -9.80
CA LYS I 320 -2.19 55.45 -11.24
C LYS I 320 -3.58 55.23 -11.81
N HIS I 321 -4.12 54.02 -11.67
CA HIS I 321 -5.40 53.69 -12.27
C HIS I 321 -6.47 53.44 -11.22
N PHE I 322 -6.20 53.74 -9.96
CA PHE I 322 -7.20 53.45 -8.93
C PHE I 322 -6.99 54.36 -7.74
N GLY I 323 -8.01 55.14 -7.40
CA GLY I 323 -8.00 55.92 -6.18
C GLY I 323 -7.03 57.08 -6.17
N ASN I 324 -7.17 57.98 -7.15
CA ASN I 324 -6.27 59.13 -7.22
C ASN I 324 -6.60 60.12 -6.11
N ASN I 325 -7.84 60.58 -6.04
CA ASN I 325 -8.29 61.45 -4.97
C ASN I 325 -9.01 60.65 -3.89
N THR I 326 -8.26 59.74 -3.28
CA THR I 326 -8.82 58.76 -2.37
C THR I 326 -7.70 58.25 -1.48
N ILE I 327 -7.95 58.22 -0.17
CA ILE I 327 -6.96 57.72 0.78
C ILE I 327 -6.75 56.23 0.58
N ILE I 328 -5.56 55.77 0.94
CA ILE I 328 -5.16 54.38 0.78
C ILE I 328 -4.84 53.86 2.16
N ARG I 329 -5.72 53.00 2.67
CA ARG I 329 -5.61 52.51 4.04
C ARG I 329 -5.25 51.04 4.05
N PHE I 330 -4.15 50.71 4.70
CA PHE I 330 -3.77 49.34 4.94
C PHE I 330 -4.27 48.89 6.31
N ALA I 331 -4.83 47.69 6.35
CA ALA I 331 -5.32 47.10 7.59
C ALA I 331 -4.66 45.75 7.77
N GLN I 332 -4.68 45.26 9.00
CA GLN I 332 -4.27 43.89 9.25
C GLN I 332 -5.27 42.93 8.62
N SER I 333 -4.84 41.70 8.39
CA SER I 333 -5.69 40.73 7.75
C SER I 333 -6.80 40.29 8.69
N SER I 334 -7.86 39.74 8.11
CA SER I 334 -9.12 39.59 8.83
C SER I 334 -9.07 38.44 9.83
N GLY I 335 -8.94 37.22 9.35
CA GLY I 335 -9.02 36.07 10.21
C GLY I 335 -9.40 34.83 9.43
N GLY I 336 -9.42 33.72 10.17
CA GLY I 336 -9.60 32.41 9.56
C GLY I 336 -8.51 31.47 10.03
N ASP I 337 -7.98 30.67 9.11
CA ASP I 337 -6.86 29.82 9.45
C ASP I 337 -5.59 30.66 9.53
N LEU I 338 -4.56 30.07 10.15
CA LEU I 338 -3.29 30.78 10.25
C LEU I 338 -2.62 30.92 8.90
N GLU I 339 -2.87 29.97 8.01
CA GLU I 339 -2.27 30.00 6.69
C GLU I 339 -2.82 31.14 5.86
N VAL I 340 -4.11 31.45 6.00
CA VAL I 340 -4.68 32.58 5.30
C VAL I 340 -4.56 33.87 6.09
N THR I 341 -4.20 33.80 7.38
CA THR I 341 -4.05 35.02 8.14
C THR I 341 -2.62 35.53 8.12
N THR I 342 -1.70 34.74 8.66
CA THR I 342 -0.37 35.24 8.92
C THR I 342 0.62 34.75 7.88
N HIS I 343 1.80 35.35 7.90
CA HIS I 343 2.90 34.88 7.09
C HIS I 343 3.31 33.49 7.54
N SER I 344 3.40 32.57 6.59
CA SER I 344 3.80 31.21 6.90
C SER I 344 4.77 30.72 5.84
N PHE I 345 5.83 30.07 6.30
CA PHE I 345 6.85 29.57 5.39
C PHE I 345 7.65 28.49 6.09
N ASN I 346 8.10 27.51 5.31
CA ASN I 346 9.13 26.61 5.75
C ASN I 346 10.48 27.24 5.49
N CYS I 347 11.43 26.94 6.35
CA CYS I 347 12.79 27.38 6.11
C CYS I 347 13.77 26.26 6.45
N GLY I 348 13.52 25.09 5.91
CA GLY I 348 14.48 24.01 6.08
C GLY I 348 14.27 23.27 7.38
N GLY I 349 13.07 22.72 7.55
CA GLY I 349 12.78 21.88 8.69
C GLY I 349 11.88 22.51 9.72
N GLU I 350 11.60 23.81 9.63
CA GLU I 350 10.72 24.45 10.59
C GLU I 350 9.70 25.31 9.87
N PHE I 351 8.50 25.34 10.41
CA PHE I 351 7.37 25.98 9.78
C PHE I 351 6.97 27.20 10.60
N PHE I 352 7.36 28.37 10.12
CA PHE I 352 7.19 29.60 10.86
C PHE I 352 5.81 30.17 10.65
N TYR I 353 5.38 30.97 11.63
CA TYR I 353 4.11 31.69 11.57
C TYR I 353 4.39 33.05 12.21
N CYS I 354 4.75 34.01 11.39
CA CYS I 354 5.16 35.32 11.86
C CYS I 354 3.98 36.28 11.73
N ASN I 355 3.61 36.90 12.84
CA ASN I 355 2.52 37.86 12.83
C ASN I 355 2.94 39.12 12.09
N THR I 356 2.09 39.59 11.19
CA THR I 356 2.42 40.70 10.31
C THR I 356 1.51 41.90 10.52
N SER I 357 0.98 42.07 11.73
CA SER I 357 0.16 43.23 12.01
C SER I 357 0.98 44.52 12.02
N GLY I 358 2.29 44.42 12.20
CA GLY I 358 3.14 45.58 12.21
C GLY I 358 3.66 45.96 10.84
N LEU I 359 2.95 45.60 9.79
CA LEU I 359 3.28 46.05 8.45
C LEU I 359 2.08 46.59 7.69
N PHE I 360 0.93 46.68 8.32
CA PHE I 360 -0.27 47.07 7.59
C PHE I 360 -1.09 48.01 8.45
N ASN I 361 -0.40 48.98 9.03
CA ASN I 361 -0.96 49.97 9.94
C ASN I 361 -0.53 51.33 9.38
N SER I 362 -1.28 51.83 8.39
CA SER I 362 -0.79 52.94 7.59
C SER I 362 -1.88 53.50 6.69
N THR I 363 -1.88 54.82 6.53
CA THR I 363 -2.70 55.52 5.55
C THR I 363 -1.83 56.53 4.81
N TRP I 364 -2.39 57.09 3.73
CA TRP I 364 -1.68 58.09 2.95
C TRP I 364 -2.63 59.16 2.43
N ILE I 365 -2.08 60.36 2.26
CA ILE I 365 -2.83 61.55 1.86
C ILE I 365 -2.16 62.12 0.63
N SER I 366 -2.93 62.22 -0.46
CA SER I 366 -2.54 62.89 -1.72
C SER I 366 -1.23 62.35 -2.32
N ASP I 380 16.90 50.64 14.66
CA ASP I 380 15.79 51.32 13.99
C ASP I 380 15.02 50.39 13.07
N SER I 381 15.24 49.09 13.26
CA SER I 381 14.60 48.07 12.43
C SER I 381 13.25 47.71 13.03
N LEU I 382 12.67 46.61 12.56
CA LEU I 382 11.33 46.20 12.96
C LEU I 382 11.30 44.70 13.18
N ILE I 383 10.62 44.27 14.25
CA ILE I 383 10.67 42.90 14.72
C ILE I 383 9.28 42.29 14.60
N LEU I 384 9.20 41.12 13.98
CA LEU I 384 7.95 40.40 13.90
C LEU I 384 8.01 39.17 14.78
N PRO I 385 7.07 39.00 15.71
CA PRO I 385 7.04 37.77 16.50
C PRO I 385 6.57 36.61 15.65
N CYS I 386 7.15 35.44 15.89
CA CYS I 386 6.94 34.29 15.01
C CYS I 386 6.65 33.04 15.84
N ARG I 387 5.59 32.34 15.47
CA ARG I 387 5.26 31.06 16.06
C ARG I 387 5.65 29.93 15.13
N ILE I 388 5.80 28.74 15.69
CA ILE I 388 6.09 27.54 14.91
C ILE I 388 5.23 26.39 15.40
N LYS I 389 4.95 25.47 14.49
CA LYS I 389 4.14 24.29 14.76
C LYS I 389 4.97 23.04 14.55
N GLN I 390 4.30 21.92 14.64
CA GLN I 390 4.89 20.64 14.27
C GLN I 390 4.05 19.89 13.27
N ILE I 391 2.74 19.96 13.39
CA ILE I 391 1.82 19.14 12.60
C ILE I 391 1.21 20.02 11.53
N ILE I 392 1.45 19.68 10.28
CA ILE I 392 1.20 20.57 9.17
C ILE I 392 0.11 19.98 8.29
N ASN I 393 -0.85 20.81 7.89
CA ASN I 393 -1.87 20.41 6.93
C ASN I 393 -1.60 21.14 5.63
N MET I 394 -0.79 20.52 4.80
CA MET I 394 -0.34 21.16 3.58
C MET I 394 -1.42 21.13 2.51
N TRP I 395 -1.63 22.30 1.88
CA TRP I 395 -2.57 22.51 0.77
C TRP I 395 -4.00 22.16 1.14
N GLN I 396 -4.38 22.42 2.39
CA GLN I 396 -5.76 22.41 2.87
C GLN I 396 -6.42 21.04 2.73
N ARG I 397 -5.63 19.98 2.69
CA ARG I 397 -6.11 18.63 2.45
C ARG I 397 -6.48 18.02 3.78
N ILE I 398 -7.75 18.10 4.15
CA ILE I 398 -8.19 17.49 5.40
C ILE I 398 -8.21 15.98 5.21
N GLY I 399 -7.28 15.30 5.87
CA GLY I 399 -7.10 13.88 5.66
C GLY I 399 -5.63 13.52 5.72
N GLN I 400 -4.77 14.50 5.53
CA GLN I 400 -3.34 14.30 5.55
C GLN I 400 -2.71 15.28 6.51
N ALA I 401 -1.74 14.82 7.28
CA ALA I 401 -1.10 15.69 8.27
C ALA I 401 0.30 15.17 8.53
N MET I 402 1.30 15.97 8.20
CA MET I 402 2.68 15.59 8.31
C MET I 402 3.26 16.08 9.62
N TYR I 403 3.95 15.19 10.33
CA TYR I 403 4.71 15.55 11.52
C TYR I 403 6.15 15.79 11.13
N ALA I 404 6.57 17.03 11.15
CA ALA I 404 7.98 17.32 10.94
C ALA I 404 8.77 16.91 12.18
N PRO I 405 10.01 16.48 12.00
CA PRO I 405 10.85 16.20 13.14
C PRO I 405 11.49 17.47 13.65
N PRO I 406 11.89 17.52 14.91
CA PRO I 406 12.62 18.69 15.39
C PRO I 406 14.05 18.69 14.87
N ILE I 407 14.68 19.85 14.95
CA ILE I 407 16.02 20.06 14.44
C ILE I 407 16.91 20.47 15.60
N GLN I 408 18.07 19.83 15.71
CA GLN I 408 19.05 20.27 16.70
C GLN I 408 19.67 21.59 16.27
N GLY I 409 20.24 22.29 17.23
CA GLY I 409 20.90 23.54 16.95
C GLY I 409 19.92 24.67 16.71
N VAL I 410 20.45 25.76 16.16
CA VAL I 410 19.69 26.97 15.93
C VAL I 410 19.53 27.19 14.44
N ILE I 411 18.61 28.07 14.09
CA ILE I 411 18.22 28.33 12.71
C ILE I 411 18.56 29.77 12.38
N ARG I 412 19.15 30.00 11.20
CA ARG I 412 19.63 31.33 10.83
C ARG I 412 19.23 31.68 9.41
N CYS I 413 17.94 31.58 9.13
CA CYS I 413 17.42 31.85 7.79
C CYS I 413 17.56 33.31 7.40
N VAL I 414 18.14 33.54 6.22
CA VAL I 414 18.23 34.85 5.60
C VAL I 414 17.57 34.75 4.24
N SER I 415 16.72 35.71 3.91
CA SER I 415 15.99 35.62 2.65
C SER I 415 15.69 37.00 2.12
N ASN I 416 15.43 37.05 0.81
CA ASN I 416 14.95 38.26 0.19
C ASN I 416 13.43 38.32 0.29
N ILE I 417 12.84 39.27 -0.40
CA ILE I 417 11.41 39.28 -0.64
C ILE I 417 11.21 39.74 -2.08
N THR I 418 10.16 39.30 -2.69
CA THR I 418 9.91 39.76 -4.05
C THR I 418 8.50 40.27 -4.25
N GLY I 419 7.51 39.64 -3.63
CA GLY I 419 6.15 39.94 -4.01
C GLY I 419 5.23 40.24 -2.86
N LEU I 420 3.95 40.40 -3.17
CA LEU I 420 2.97 40.73 -2.16
C LEU I 420 1.60 40.37 -2.68
N ILE I 421 0.79 39.76 -1.83
CA ILE I 421 -0.56 39.32 -2.18
C ILE I 421 -1.55 40.10 -1.35
N LEU I 422 -2.43 40.83 -2.01
CA LEU I 422 -3.36 41.72 -1.35
C LEU I 422 -4.77 41.41 -1.80
N THR I 423 -5.72 42.07 -1.14
CA THR I 423 -7.10 42.04 -1.56
C THR I 423 -7.75 43.35 -1.13
N ARG I 424 -8.80 43.72 -1.84
CA ARG I 424 -9.52 44.96 -1.58
C ARG I 424 -10.83 44.64 -0.89
N ASP I 425 -11.15 45.40 0.15
CA ASP I 425 -12.39 45.19 0.85
C ASP I 425 -13.51 45.91 0.12
N SER I 431 -17.41 55.37 -2.34
CA SER I 431 -16.79 56.21 -1.33
C SER I 431 -15.36 56.56 -1.70
N THR I 432 -14.69 57.30 -0.82
CA THR I 432 -13.32 57.75 -1.03
C THR I 432 -12.36 57.18 -0.01
N THR I 433 -12.66 55.98 0.49
CA THR I 433 -11.78 55.25 1.39
C THR I 433 -11.50 53.89 0.77
N GLU I 434 -10.26 53.41 0.91
CA GLU I 434 -9.89 52.11 0.36
C GLU I 434 -9.12 51.29 1.37
N THR I 435 -9.59 50.08 1.60
CA THR I 435 -8.98 49.13 2.52
C THR I 435 -8.32 48.02 1.71
N PHE I 436 -7.02 47.85 1.92
CA PHE I 436 -6.28 46.73 1.35
C PHE I 436 -5.81 45.83 2.48
N ARG I 437 -6.38 44.68 2.57
CA ARG I 437 -5.95 43.69 3.53
C ARG I 437 -5.05 42.67 2.86
N PRO I 438 -4.09 42.09 3.58
CA PRO I 438 -3.19 41.12 2.97
C PRO I 438 -3.85 39.76 2.91
N GLY I 439 -3.85 39.16 1.72
CA GLY I 439 -4.49 37.88 1.55
C GLY I 439 -3.54 36.78 1.14
N GLY I 440 -4.09 35.64 0.74
CA GLY I 440 -3.29 34.50 0.33
C GLY I 440 -4.14 33.25 0.14
N GLY I 441 -3.71 32.15 0.73
CA GLY I 441 -4.50 30.94 0.73
C GLY I 441 -4.20 29.97 -0.40
N ASP I 442 -4.55 30.33 -1.63
CA ASP I 442 -4.28 29.46 -2.77
C ASP I 442 -2.80 29.46 -3.07
N MET I 443 -2.21 28.26 -3.09
CA MET I 443 -0.81 28.18 -3.44
C MET I 443 -0.59 28.39 -4.92
N ARG I 444 -1.63 28.28 -5.73
CA ARG I 444 -1.49 28.45 -7.17
C ARG I 444 -1.15 29.89 -7.54
N ASP I 445 -1.52 30.83 -6.69
CA ASP I 445 -1.17 32.22 -6.94
C ASP I 445 0.32 32.47 -6.77
N ASN I 446 1.02 31.61 -6.04
CA ASN I 446 2.46 31.72 -5.97
C ASN I 446 3.11 31.48 -7.31
N TRP I 447 2.54 30.60 -8.12
CA TRP I 447 3.20 30.22 -9.34
C TRP I 447 2.76 31.03 -10.54
N ARG I 448 1.61 31.70 -10.46
CA ARG I 448 1.26 32.64 -11.51
C ARG I 448 2.21 33.82 -11.54
N SER I 449 2.82 34.12 -10.40
CA SER I 449 3.94 35.05 -10.34
C SER I 449 5.18 34.54 -11.02
N GLU I 450 5.23 33.26 -11.40
CA GLU I 450 6.35 32.74 -12.14
C GLU I 450 6.01 32.22 -13.52
N LEU I 451 4.73 32.11 -13.86
CA LEU I 451 4.35 31.54 -15.15
C LEU I 451 3.63 32.54 -16.04
N TYR I 452 3.58 33.81 -15.65
CA TYR I 452 2.96 34.80 -16.51
C TYR I 452 3.79 35.08 -17.74
N LYS I 453 5.08 34.77 -17.71
CA LYS I 453 5.97 35.01 -18.83
C LYS I 453 5.92 33.92 -19.89
N TYR I 454 5.01 32.96 -19.80
CA TYR I 454 5.12 31.80 -20.66
C TYR I 454 3.76 31.30 -21.11
N LYS I 455 3.75 30.64 -22.26
CA LYS I 455 2.60 29.84 -22.68
C LYS I 455 3.10 28.74 -23.60
N VAL I 456 2.21 27.79 -23.87
CA VAL I 456 2.55 26.53 -24.53
C VAL I 456 1.92 26.50 -25.91
N VAL I 457 2.72 26.27 -26.93
CA VAL I 457 2.20 26.23 -28.29
C VAL I 457 2.52 24.89 -28.92
N LYS I 458 1.64 24.47 -29.82
CA LYS I 458 1.78 23.25 -30.59
C LYS I 458 2.20 23.60 -32.01
N ILE I 459 3.37 23.13 -32.41
CA ILE I 459 3.93 23.51 -33.70
C ILE I 459 3.17 22.79 -34.81
N GLU I 460 2.85 23.51 -35.88
CA GLU I 460 2.20 22.92 -37.04
C GLU I 460 3.08 23.07 -38.27
N PRO I 461 3.74 22.02 -38.71
CA PRO I 461 4.63 22.11 -39.88
C PRO I 461 3.93 21.80 -41.20
N LEU I 462 2.75 22.37 -41.40
CA LEU I 462 2.03 22.18 -42.65
C LEU I 462 1.65 23.53 -43.25
N GLY I 463 1.38 23.51 -44.54
CA GLY I 463 0.98 24.70 -45.25
C GLY I 463 0.61 24.40 -46.69
N VAL I 464 -0.46 25.03 -47.18
CA VAL I 464 -0.93 24.81 -48.54
C VAL I 464 -1.26 26.14 -49.19
N ALA I 465 -0.52 26.50 -50.22
CA ALA I 465 -0.69 27.75 -50.95
C ALA I 465 -0.89 27.45 -52.43
N PRO I 466 -1.53 28.36 -53.16
CA PRO I 466 -1.53 28.23 -54.62
C PRO I 466 -0.28 28.85 -55.22
N THR I 467 0.35 28.12 -56.16
CA THR I 467 1.47 28.65 -56.93
C THR I 467 1.29 28.28 -58.40
N ARG I 468 2.30 28.63 -59.19
CA ARG I 468 2.28 28.42 -60.63
C ARG I 468 3.09 27.18 -60.97
N CYS I 469 2.52 26.01 -60.69
CA CYS I 469 3.06 24.74 -61.18
C CYS I 469 1.97 23.69 -61.09
N LYS I 470 2.01 22.76 -62.03
CA LYS I 470 1.08 21.65 -62.01
C LYS I 470 1.85 20.34 -62.16
N LEU J 9 19.13 32.66 -39.07
CA LEU J 9 18.28 33.09 -37.96
C LEU J 9 18.27 32.07 -36.84
N GLY J 10 17.53 31.00 -37.05
CA GLY J 10 17.45 29.94 -36.07
C GLY J 10 16.11 29.24 -36.17
N PHE J 11 15.88 28.34 -35.22
CA PHE J 11 14.61 27.61 -35.15
C PHE J 11 13.48 28.57 -34.84
N LEU J 12 12.45 28.53 -35.69
CA LEU J 12 11.38 29.55 -35.74
C LEU J 12 11.95 30.96 -35.91
N GLY J 13 13.06 31.08 -36.62
CA GLY J 13 13.71 32.37 -36.74
C GLY J 13 13.00 33.31 -37.67
N ALA J 14 12.35 32.78 -38.70
CA ALA J 14 11.68 33.57 -39.72
C ALA J 14 10.18 33.58 -39.52
N ALA J 15 9.74 33.69 -38.26
CA ALA J 15 8.34 33.46 -37.92
C ALA J 15 7.45 34.57 -38.46
N GLY J 16 7.85 35.82 -38.28
CA GLY J 16 7.04 36.92 -38.77
C GLY J 16 7.55 37.49 -40.07
N SER J 17 7.99 36.63 -40.97
CA SER J 17 8.72 37.05 -42.15
C SER J 17 7.88 36.83 -43.41
N THR J 18 8.51 37.13 -44.55
CA THR J 18 7.90 36.88 -45.84
C THR J 18 7.91 35.38 -46.12
N MET J 19 6.81 34.89 -46.71
CA MET J 19 6.66 33.47 -47.03
C MET J 19 7.75 32.99 -47.97
N GLY J 20 8.15 33.83 -48.93
CA GLY J 20 9.28 33.49 -49.76
C GLY J 20 10.60 33.56 -48.99
N ALA J 21 10.71 34.51 -48.06
CA ALA J 21 11.90 34.56 -47.22
C ALA J 21 11.93 33.40 -46.25
N ALA J 22 10.77 33.05 -45.69
CA ALA J 22 10.66 31.90 -44.82
C ALA J 22 10.51 30.60 -45.58
N SER J 23 10.56 30.64 -46.91
CA SER J 23 10.61 29.39 -47.65
C SER J 23 11.95 28.69 -47.45
N MET J 24 13.02 29.47 -47.36
CA MET J 24 14.36 28.88 -47.24
C MET J 24 14.80 28.74 -45.79
N THR J 25 13.95 28.16 -44.95
CA THR J 25 14.38 27.85 -43.59
C THR J 25 13.82 26.53 -43.08
N LEU J 26 13.30 25.69 -43.98
CA LEU J 26 12.54 24.52 -43.58
C LEU J 26 13.39 23.45 -42.90
N THR J 27 14.69 23.43 -43.18
CA THR J 27 15.56 22.39 -42.62
C THR J 27 15.75 22.57 -41.13
N VAL J 28 15.93 23.82 -40.67
CA VAL J 28 16.08 24.10 -39.25
C VAL J 28 14.76 23.85 -38.53
N GLN J 29 13.64 24.03 -39.22
CA GLN J 29 12.34 23.73 -38.64
C GLN J 29 12.16 22.24 -38.39
N ALA J 30 12.81 21.40 -39.20
CA ALA J 30 12.61 19.95 -39.12
C ALA J 30 13.71 19.23 -38.35
N ARG J 31 14.89 19.84 -38.18
CA ARG J 31 15.95 19.16 -37.44
C ARG J 31 15.68 19.16 -35.94
N ASN J 32 15.06 20.22 -35.43
CA ASN J 32 14.88 20.44 -34.00
C ASN J 32 13.68 19.72 -33.42
N LEU J 33 13.22 18.67 -34.10
CA LEU J 33 12.34 17.66 -33.53
C LEU J 33 13.16 16.66 -32.72
N LEU J 34 12.55 15.51 -32.44
CA LEU J 34 13.16 14.38 -31.72
C LEU J 34 14.61 14.01 -32.05
N GLN J 51 17.71 12.37 -23.65
CA GLN J 51 17.01 11.13 -23.33
C GLN J 51 17.70 10.40 -22.20
N GLN J 52 17.02 9.41 -21.63
CA GLN J 52 17.62 8.62 -20.56
C GLN J 52 17.08 7.20 -20.59
N HIS J 53 17.97 6.25 -20.86
CA HIS J 53 17.62 4.85 -20.79
C HIS J 53 17.44 4.42 -19.34
N LEU J 54 16.84 3.24 -19.16
CA LEU J 54 16.60 2.61 -17.87
C LEU J 54 15.77 3.52 -16.96
N LEU J 55 14.51 3.68 -17.34
CA LEU J 55 13.63 4.50 -16.53
C LEU J 55 13.11 3.74 -15.32
N LYS J 56 12.85 4.49 -14.27
CA LYS J 56 12.00 4.04 -13.18
C LYS J 56 10.58 4.47 -13.49
N LEU J 57 9.72 4.42 -12.50
CA LEU J 57 8.31 4.56 -12.73
C LEU J 57 7.68 5.74 -12.00
N THR J 58 8.41 6.38 -11.08
CA THR J 58 7.79 7.10 -9.97
C THR J 58 6.91 8.29 -10.34
N VAL J 59 7.51 9.42 -10.68
CA VAL J 59 6.70 10.58 -11.02
C VAL J 59 7.19 11.16 -12.32
N TRP J 60 8.46 11.56 -12.33
CA TRP J 60 9.02 12.19 -13.51
C TRP J 60 9.24 11.17 -14.60
N GLY J 61 9.43 9.91 -14.22
CA GLY J 61 9.56 8.86 -15.21
C GLY J 61 8.29 8.64 -16.01
N ILE J 62 7.14 8.96 -15.42
CA ILE J 62 5.89 8.93 -16.16
C ILE J 62 5.90 9.98 -17.24
N LYS J 63 6.32 11.20 -16.89
CA LYS J 63 6.26 12.30 -17.84
C LYS J 63 7.29 12.13 -18.94
N GLN J 64 8.48 11.63 -18.59
CA GLN J 64 9.48 11.36 -19.62
C GLN J 64 9.05 10.24 -20.53
N LEU J 65 8.33 9.26 -20.00
CA LEU J 65 7.69 8.28 -20.86
C LEU J 65 6.65 8.93 -21.73
N GLN J 66 5.92 9.88 -21.16
CA GLN J 66 4.93 10.59 -21.95
C GLN J 66 5.59 11.54 -22.93
N ALA J 67 6.76 12.05 -22.58
CA ALA J 67 7.50 12.88 -23.51
C ALA J 67 8.02 12.09 -24.70
N ARG J 68 8.39 10.83 -24.48
CA ARG J 68 8.86 10.03 -25.60
C ARG J 68 7.73 9.70 -26.55
N VAL J 69 6.53 9.47 -26.03
CA VAL J 69 5.44 9.02 -26.88
C VAL J 69 4.94 10.15 -27.76
N LEU J 70 4.62 11.30 -27.16
CA LEU J 70 3.99 12.40 -27.88
C LEU J 70 4.87 12.95 -28.98
N ALA J 71 6.18 12.81 -28.85
CA ALA J 71 7.06 13.20 -29.94
C ALA J 71 6.93 12.27 -31.13
N VAL J 72 6.47 11.03 -30.94
CA VAL J 72 6.44 10.10 -32.04
C VAL J 72 5.28 10.40 -32.98
N GLU J 73 4.05 10.31 -32.47
CA GLU J 73 2.90 10.40 -33.36
C GLU J 73 2.71 11.81 -33.89
N HIS J 74 3.07 12.82 -33.13
CA HIS J 74 3.01 14.17 -33.66
C HIS J 74 4.08 14.40 -34.71
N TYR J 75 5.17 13.63 -34.68
CA TYR J 75 6.02 13.57 -35.85
C TYR J 75 5.38 12.73 -36.95
N LEU J 76 4.57 11.76 -36.59
CA LEU J 76 4.31 10.71 -37.57
C LEU J 76 2.99 10.88 -38.29
N ARG J 77 2.01 11.53 -37.68
CA ARG J 77 0.67 11.55 -38.27
C ARG J 77 0.65 12.36 -39.56
N ASP J 78 1.42 13.43 -39.62
CA ASP J 78 1.59 14.17 -40.87
C ASP J 78 2.55 13.47 -41.79
N GLN J 79 3.49 12.71 -41.23
CA GLN J 79 4.39 11.93 -42.06
C GLN J 79 3.63 10.84 -42.79
N GLN J 80 2.55 10.36 -42.19
CA GLN J 80 1.58 9.57 -42.93
C GLN J 80 0.94 10.37 -44.04
N LEU J 81 0.63 11.64 -43.78
CA LEU J 81 -0.16 12.43 -44.71
C LEU J 81 0.58 12.75 -45.99
N LEU J 82 1.90 12.86 -45.94
CA LEU J 82 2.63 13.13 -47.16
C LEU J 82 2.69 11.90 -48.05
N GLY J 83 2.73 10.71 -47.46
CA GLY J 83 2.51 9.51 -48.23
C GLY J 83 1.08 9.39 -48.72
N ILE J 84 0.13 9.87 -47.93
CA ILE J 84 -1.24 9.99 -48.40
C ILE J 84 -1.32 10.98 -49.54
N TRP J 85 -0.64 12.10 -49.41
CA TRP J 85 -0.70 13.11 -50.45
C TRP J 85 0.32 12.88 -51.54
N GLY J 86 1.00 11.74 -51.53
CA GLY J 86 1.95 11.42 -52.57
C GLY J 86 3.24 12.22 -52.57
N CYS J 87 3.37 13.18 -51.66
CA CYS J 87 4.54 14.04 -51.63
C CYS J 87 5.55 13.47 -50.63
N SER J 88 5.92 12.22 -50.88
CA SER J 88 6.80 11.48 -50.00
C SER J 88 8.21 12.07 -50.08
N GLY J 89 8.90 12.07 -48.94
CA GLY J 89 10.15 12.75 -48.82
C GLY J 89 9.98 14.25 -48.68
N LYS J 90 11.02 14.91 -48.17
CA LYS J 90 10.95 16.36 -48.04
C LYS J 90 11.03 16.98 -49.43
N LEU J 91 9.89 17.47 -49.88
CA LEU J 91 9.78 18.19 -51.13
C LEU J 91 8.77 19.29 -50.91
N ILE J 92 9.09 20.50 -51.33
CA ILE J 92 8.04 21.48 -51.50
C ILE J 92 7.44 21.15 -52.85
N CYS J 93 6.50 20.22 -52.88
CA CYS J 93 5.97 19.76 -54.15
C CYS J 93 4.60 20.39 -54.37
N CYS J 94 4.16 20.38 -55.61
CA CYS J 94 2.83 20.87 -55.90
C CYS J 94 2.01 19.80 -56.59
N THR J 95 0.72 19.95 -56.44
CA THR J 95 -0.26 18.96 -56.82
C THR J 95 -0.70 19.20 -58.26
N ASN J 96 -1.81 18.59 -58.64
CA ASN J 96 -2.41 18.85 -59.93
C ASN J 96 -3.84 19.32 -59.80
N VAL J 97 -4.36 19.38 -58.58
CA VAL J 97 -5.68 19.96 -58.35
C VAL J 97 -5.60 21.48 -58.48
N PRO J 98 -6.52 22.12 -59.19
CA PRO J 98 -6.47 23.57 -59.31
C PRO J 98 -6.88 24.26 -58.04
N TRP J 99 -6.34 25.46 -57.86
CA TRP J 99 -6.78 26.31 -56.76
C TRP J 99 -8.17 26.82 -57.02
N ASN J 100 -9.10 26.55 -56.12
CA ASN J 100 -10.41 27.18 -56.18
C ASN J 100 -10.28 28.61 -55.71
N SER J 101 -10.68 29.55 -56.56
CA SER J 101 -10.57 30.96 -56.26
C SER J 101 -11.71 31.49 -55.41
N SER J 102 -12.63 30.63 -54.97
CA SER J 102 -13.60 31.07 -53.98
C SER J 102 -12.97 31.26 -52.61
N TRP J 103 -11.78 30.70 -52.42
CA TRP J 103 -11.08 30.71 -51.13
C TRP J 103 -10.21 31.96 -51.05
N SER J 104 -10.90 33.10 -50.92
CA SER J 104 -10.30 34.41 -50.69
C SER J 104 -9.32 34.79 -51.80
N ASN J 105 -9.89 35.00 -52.99
CA ASN J 105 -9.06 35.36 -54.14
C ASN J 105 -8.52 36.76 -53.94
N ARG J 106 -7.33 36.84 -53.37
CA ARG J 106 -6.70 38.11 -53.01
C ARG J 106 -5.28 38.11 -53.56
N ASN J 107 -5.13 38.55 -54.81
CA ASN J 107 -3.86 38.99 -55.42
C ASN J 107 -2.73 38.00 -55.20
N LEU J 108 -2.92 36.81 -55.75
CA LEU J 108 -2.13 35.66 -55.32
C LEU J 108 -0.71 35.69 -55.84
N SER J 109 -0.39 36.60 -56.75
CA SER J 109 1.00 36.94 -56.99
C SER J 109 1.52 37.88 -55.90
N GLU J 110 0.71 38.86 -55.53
CA GLU J 110 1.14 39.93 -54.64
C GLU J 110 1.20 39.46 -53.20
N ILE J 111 0.09 38.92 -52.70
CA ILE J 111 -0.07 38.60 -51.29
C ILE J 111 0.76 37.39 -50.89
N TRP J 112 1.20 36.59 -51.87
CA TRP J 112 1.97 35.38 -51.58
C TRP J 112 3.34 35.69 -50.98
N ASP J 113 3.88 36.88 -51.25
CA ASP J 113 5.12 37.30 -50.62
C ASP J 113 4.95 38.65 -49.93
N ASN J 114 3.81 38.88 -49.31
CA ASN J 114 3.59 40.14 -48.61
C ASN J 114 3.45 39.94 -47.11
N MET J 115 2.47 39.17 -46.65
CA MET J 115 2.02 39.34 -45.27
C MET J 115 2.91 38.59 -44.28
N THR J 116 2.78 37.28 -44.23
CA THR J 116 3.36 36.31 -43.31
C THR J 116 2.83 34.96 -43.76
N TRP J 117 3.35 33.92 -43.14
CA TRP J 117 2.57 32.69 -43.06
C TRP J 117 1.36 32.91 -42.16
N LEU J 118 1.61 33.44 -40.96
CA LEU J 118 0.76 33.26 -39.79
C LEU J 118 -0.64 33.80 -40.00
N GLN J 119 -0.74 35.10 -40.30
CA GLN J 119 -2.05 35.73 -40.48
C GLN J 119 -2.75 35.23 -41.71
N TRP J 120 -2.00 34.79 -42.71
CA TRP J 120 -2.61 34.20 -43.87
C TRP J 120 -3.21 32.84 -43.57
N ASP J 121 -2.68 32.14 -42.57
CA ASP J 121 -3.06 30.75 -42.36
C ASP J 121 -4.47 30.61 -41.81
N LYS J 122 -4.85 31.46 -40.87
CA LYS J 122 -6.19 31.40 -40.32
C LYS J 122 -7.24 31.86 -41.32
N GLU J 123 -6.82 32.64 -42.33
CA GLU J 123 -7.71 32.96 -43.43
C GLU J 123 -8.05 31.70 -44.23
N ILE J 124 -7.07 30.82 -44.43
CA ILE J 124 -7.29 29.59 -45.16
C ILE J 124 -8.08 28.58 -44.32
N SER J 125 -8.06 28.76 -43.00
CA SER J 125 -8.39 27.72 -42.04
C SER J 125 -9.83 27.22 -42.13
N ASN J 126 -10.74 28.02 -42.70
CA ASN J 126 -12.12 27.57 -42.77
C ASN J 126 -12.36 26.52 -43.85
N TYR J 127 -11.38 26.25 -44.72
CA TYR J 127 -11.61 25.37 -45.86
C TYR J 127 -10.55 24.29 -45.99
N THR J 128 -9.63 24.17 -45.03
CA THR J 128 -8.50 23.26 -45.15
C THR J 128 -8.93 21.81 -45.13
N GLN J 129 -10.03 21.51 -44.43
CA GLN J 129 -10.56 20.15 -44.43
C GLN J 129 -11.07 19.76 -45.80
N ILE J 130 -11.68 20.72 -46.51
CA ILE J 130 -12.20 20.47 -47.85
C ILE J 130 -11.05 20.21 -48.81
N ILE J 131 -9.92 20.89 -48.61
CA ILE J 131 -8.78 20.74 -49.49
C ILE J 131 -8.22 19.32 -49.41
N TYR J 132 -8.06 18.83 -48.19
CA TYR J 132 -7.18 17.68 -47.93
C TYR J 132 -7.77 16.40 -48.52
N GLY J 133 -9.08 16.24 -48.41
CA GLY J 133 -9.73 15.09 -49.02
C GLY J 133 -9.71 15.15 -50.53
N LEU J 134 -9.66 16.35 -51.09
CA LEU J 134 -9.48 16.45 -52.53
C LEU J 134 -8.03 16.17 -52.91
N LEU J 135 -7.09 16.44 -52.00
CA LEU J 135 -5.69 16.18 -52.29
C LEU J 135 -5.41 14.70 -52.42
N GLU J 136 -5.99 13.90 -51.54
CA GLU J 136 -5.81 12.45 -51.58
C GLU J 136 -6.64 11.80 -52.67
N GLU J 137 -7.44 12.57 -53.38
CA GLU J 137 -8.26 12.05 -54.47
C GLU J 137 -7.76 12.49 -55.83
N SER J 138 -7.08 13.64 -55.91
CA SER J 138 -6.84 14.26 -57.20
C SER J 138 -5.76 13.52 -57.99
N GLN J 139 -4.52 13.57 -57.50
CA GLN J 139 -3.46 12.78 -58.11
C GLN J 139 -3.19 11.51 -57.34
N ASN J 140 -3.67 11.44 -56.12
CA ASN J 140 -3.37 10.29 -55.29
C ASN J 140 -4.31 9.15 -55.58
N GLN J 141 -5.56 9.43 -55.90
CA GLN J 141 -6.40 8.36 -56.39
C GLN J 141 -6.15 8.13 -57.87
N GLN J 142 -6.35 9.17 -58.68
CA GLN J 142 -6.40 9.00 -60.13
C GLN J 142 -5.01 8.73 -60.71
N GLU J 143 -4.07 9.64 -60.48
CA GLU J 143 -2.78 9.53 -61.14
C GLU J 143 -1.90 8.45 -60.56
N LYS J 144 -2.34 7.77 -59.50
CA LYS J 144 -1.64 6.60 -59.02
C LYS J 144 -2.21 5.31 -59.57
N ASN J 145 -3.31 5.37 -60.32
CA ASN J 145 -3.73 4.19 -61.06
C ASN J 145 -2.98 4.07 -62.38
N GLU J 146 -2.80 5.19 -63.07
CA GLU J 146 -2.65 5.16 -64.51
C GLU J 146 -1.27 4.72 -64.96
N GLN J 147 -0.29 4.72 -64.07
CA GLN J 147 1.00 4.13 -64.40
C GLN J 147 0.90 2.61 -64.47
N ASP J 148 -0.03 2.02 -63.71
CA ASP J 148 -0.35 0.62 -63.92
C ASP J 148 -1.11 0.43 -65.22
N LEU J 149 -1.87 1.44 -65.64
CA LEU J 149 -2.59 1.35 -66.91
C LEU J 149 -1.64 1.40 -68.10
N LEU J 150 -0.45 1.97 -67.93
CA LEU J 150 0.58 1.93 -68.97
C LEU J 150 1.69 0.93 -68.63
N ALA J 151 1.51 0.13 -67.59
CA ALA J 151 2.55 -0.81 -67.17
C ALA J 151 2.66 -2.02 -68.10
N LEU J 152 1.77 -2.15 -69.07
CA LEU J 152 1.87 -3.20 -70.07
C LEU J 152 3.04 -2.94 -71.02
N GLN K 1 29.00 54.90 43.91
CA GLN K 1 27.96 54.15 43.23
C GLN K 1 26.73 54.98 43.00
N VAL K 2 25.70 54.33 42.47
CA VAL K 2 24.39 54.97 42.41
C VAL K 2 23.84 54.97 43.84
N GLN K 3 23.70 56.16 44.41
CA GLN K 3 23.27 56.33 45.78
C GLN K 3 21.88 56.93 45.82
N LEU K 4 21.03 56.42 46.69
CA LEU K 4 19.66 56.89 46.79
C LEU K 4 19.52 57.82 47.98
N GLN K 5 19.28 59.10 47.70
CA GLN K 5 18.97 60.06 48.74
C GLN K 5 17.49 60.38 48.69
N GLU K 6 16.84 60.37 49.84
CA GLU K 6 15.41 60.55 49.95
C GLU K 6 15.09 61.99 50.32
N SER K 7 13.93 62.47 49.88
CA SER K 7 13.52 63.83 50.17
C SER K 7 12.01 63.94 50.17
N GLY K 8 11.52 64.87 50.98
CA GLY K 8 10.10 65.12 51.11
C GLY K 8 9.84 66.00 52.32
N PRO K 9 8.60 66.00 52.79
CA PRO K 9 8.26 66.83 53.96
C PRO K 9 8.75 66.25 55.28
N GLY K 10 8.36 66.89 56.39
CA GLY K 10 8.70 66.40 57.71
C GLY K 10 7.49 65.98 58.51
N LEU K 11 7.15 66.77 59.53
CA LEU K 11 5.94 66.50 60.30
C LEU K 11 4.73 66.90 59.47
N VAL K 12 3.73 66.01 59.42
CA VAL K 12 2.67 66.10 58.43
C VAL K 12 1.35 66.37 59.13
N LYS K 13 0.62 67.37 58.64
CA LYS K 13 -0.75 67.58 59.07
C LYS K 13 -1.64 66.46 58.52
N PRO K 14 -2.55 65.93 59.34
CA PRO K 14 -3.36 64.78 58.88
C PRO K 14 -4.26 65.08 57.69
N SER K 15 -4.48 64.03 56.89
CA SER K 15 -5.26 64.05 55.66
C SER K 15 -4.72 65.08 54.67
N GLY K 16 -3.49 64.83 54.22
CA GLY K 16 -2.84 65.71 53.27
C GLY K 16 -2.07 64.92 52.23
N THR K 17 -1.85 65.55 51.09
CA THR K 17 -1.10 64.95 50.00
C THR K 17 0.39 65.09 50.27
N LEU K 18 1.12 64.01 50.03
CA LEU K 18 2.56 63.98 50.33
C LEU K 18 3.32 63.60 49.07
N SER K 19 3.83 64.61 48.37
CA SER K 19 4.71 64.40 47.24
C SER K 19 6.14 64.27 47.74
N LEU K 20 6.81 63.19 47.34
CA LEU K 20 8.17 62.96 47.79
C LEU K 20 9.05 62.62 46.59
N THR K 21 10.35 62.79 46.80
CA THR K 21 11.32 62.79 45.72
C THR K 21 12.57 62.07 46.17
N CYS K 22 13.04 61.13 45.36
CA CYS K 22 14.29 60.43 45.63
C CYS K 22 15.38 61.09 44.81
N ALA K 23 16.26 61.83 45.49
CA ALA K 23 17.44 62.39 44.85
C ALA K 23 18.39 61.24 44.56
N VAL K 24 18.48 60.84 43.29
CA VAL K 24 19.32 59.70 42.92
C VAL K 24 20.73 60.24 42.73
N SER K 25 21.58 60.05 43.73
CA SER K 25 22.99 60.36 43.57
C SER K 25 23.64 59.29 42.70
N GLY K 26 24.59 59.71 41.87
CA GLY K 26 25.01 58.86 40.78
C GLY K 26 23.91 58.63 39.78
N GLY K 27 23.05 59.64 39.58
CA GLY K 27 21.84 59.51 38.80
C GLY K 27 22.07 59.30 37.32
N SER K 28 21.85 58.07 36.87
CA SER K 28 22.03 57.67 35.49
C SER K 28 20.84 56.87 35.03
N ILE K 29 19.64 57.40 35.28
CA ILE K 29 18.43 56.67 34.96
C ILE K 29 18.19 56.77 33.46
N SER K 30 18.79 55.86 32.71
CA SER K 30 18.69 55.95 31.27
C SER K 30 17.43 55.29 30.75
N SER K 31 17.42 53.97 30.73
CA SER K 31 16.18 53.19 30.66
C SER K 31 16.41 51.84 31.33
N SER K 32 17.40 51.74 32.21
CA SER K 32 18.01 50.45 32.49
C SER K 32 17.21 49.59 33.45
N ASN K 33 16.45 50.19 34.36
CA ASN K 33 15.84 49.39 35.41
C ASN K 33 14.41 49.82 35.63
N TRP K 34 13.82 49.27 36.66
CA TRP K 34 12.59 49.76 37.23
C TRP K 34 12.92 50.48 38.52
N TRP K 35 12.12 51.49 38.83
CA TRP K 35 12.26 52.17 40.09
C TRP K 35 10.91 52.23 40.77
N SER K 36 10.95 52.33 42.08
CA SER K 36 9.81 51.91 42.88
C SER K 36 9.94 52.49 44.27
N TRP K 37 8.94 52.19 45.09
CA TRP K 37 8.87 52.68 46.46
C TRP K 37 8.23 51.61 47.31
N VAL K 38 8.74 51.44 48.53
CA VAL K 38 8.14 50.58 49.53
C VAL K 38 8.12 51.34 50.83
N ARG K 39 7.46 50.75 51.82
CA ARG K 39 7.35 51.42 53.10
C ARG K 39 7.28 50.40 54.22
N GLN K 40 7.65 50.86 55.41
CA GLN K 40 7.61 50.03 56.60
C GLN K 40 6.94 50.81 57.73
N PRO K 41 5.77 50.37 58.18
CA PRO K 41 5.26 50.89 59.45
C PRO K 41 6.21 50.55 60.58
N PRO K 42 6.32 51.42 61.58
CA PRO K 42 7.52 51.44 62.44
C PRO K 42 7.72 50.21 63.32
N GLY K 43 6.72 49.33 63.43
CA GLY K 43 6.91 48.10 64.16
C GLY K 43 6.47 46.90 63.37
N LYS K 44 6.26 47.09 62.07
CA LYS K 44 5.72 46.04 61.22
C LYS K 44 6.72 45.69 60.12
N GLY K 45 6.30 44.84 59.20
CA GLY K 45 7.09 44.48 58.06
C GLY K 45 6.99 45.50 56.95
N LEU K 46 7.40 45.09 55.76
CA LEU K 46 7.43 46.02 54.63
C LEU K 46 6.10 46.01 53.90
N GLU K 47 5.93 47.05 53.07
CA GLU K 47 4.75 47.17 52.21
C GLU K 47 5.20 47.68 50.87
N TRP K 48 4.97 46.89 49.83
CA TRP K 48 5.23 47.35 48.48
C TRP K 48 4.21 48.42 48.10
N ILE K 49 4.65 49.41 47.33
CA ILE K 49 3.73 50.51 47.02
C ILE K 49 3.49 50.58 45.52
N GLY K 50 4.53 50.90 44.78
CA GLY K 50 4.36 51.18 43.37
C GLY K 50 5.64 50.87 42.65
N GLU K 51 5.71 51.19 41.36
CA GLU K 51 6.83 50.83 40.52
C GLU K 51 6.75 51.66 39.25
N ILE K 52 7.89 52.13 38.76
CA ILE K 52 7.91 52.94 37.55
C ILE K 52 9.05 52.48 36.67
N TYR K 53 8.84 52.63 35.37
CA TYR K 53 9.90 52.50 34.38
C TYR K 53 10.24 53.89 33.87
N HIS K 54 11.39 54.01 33.22
CA HIS K 54 11.86 55.29 32.73
C HIS K 54 10.96 55.89 31.65
N SER K 55 10.34 55.04 30.83
CA SER K 55 9.47 55.54 29.78
C SER K 55 8.19 56.16 30.32
N GLY K 56 7.80 55.81 31.54
CA GLY K 56 6.57 56.29 32.13
C GLY K 56 5.60 55.18 32.48
N SER K 57 5.93 53.93 32.21
CA SER K 57 5.06 52.82 32.58
C SER K 57 5.10 52.65 34.09
N THR K 58 3.93 52.68 34.71
CA THR K 58 3.82 52.64 36.15
C THR K 58 3.04 51.41 36.60
N ASN K 59 3.36 50.93 37.79
CA ASN K 59 2.59 49.92 38.46
C ASN K 59 2.25 50.41 39.85
N TYR K 60 1.19 49.85 40.43
CA TYR K 60 0.71 50.34 41.71
C TYR K 60 0.17 49.20 42.53
N ASN K 61 0.16 49.40 43.83
CA ASN K 61 -0.62 48.56 44.72
C ASN K 61 -2.10 48.71 44.34
N PRO K 62 -2.81 47.61 44.13
CA PRO K 62 -4.26 47.71 43.97
C PRO K 62 -4.95 48.15 45.24
N SER K 63 -4.38 47.82 46.40
CA SER K 63 -4.89 48.35 47.65
C SER K 63 -4.71 49.84 47.77
N LEU K 64 -3.75 50.41 47.05
CA LEU K 64 -3.50 51.84 47.06
C LEU K 64 -3.46 52.39 45.65
N LYS K 65 -4.35 51.90 44.79
CA LYS K 65 -4.38 52.41 43.42
C LYS K 65 -4.95 53.81 43.35
N SER K 66 -5.84 54.14 44.28
CA SER K 66 -6.48 55.45 44.27
C SER K 66 -5.51 56.55 44.71
N ARG K 67 -5.04 56.47 45.94
CA ARG K 67 -4.37 57.60 46.55
C ARG K 67 -2.92 57.74 46.17
N VAL K 68 -2.40 56.89 45.28
CA VAL K 68 -0.98 56.87 44.97
C VAL K 68 -0.80 57.15 43.49
N THR K 69 0.00 58.17 43.19
CA THR K 69 0.51 58.39 41.85
C THR K 69 2.00 58.69 41.94
N ILE K 70 2.72 58.30 40.90
CA ILE K 70 4.17 58.46 40.88
C ILE K 70 4.58 59.02 39.54
N SER K 71 5.76 59.64 39.53
CA SER K 71 6.36 60.10 38.30
C SER K 71 7.88 60.10 38.49
N VAL K 72 8.58 60.76 37.57
CA VAL K 72 10.03 60.78 37.57
C VAL K 72 10.48 62.12 36.99
N ASP K 73 11.50 62.69 37.61
CA ASP K 73 12.18 63.87 37.08
C ASP K 73 13.53 63.38 36.56
N LYS K 74 13.55 62.97 35.29
CA LYS K 74 14.80 62.55 34.67
C LYS K 74 15.69 63.73 34.30
N SER K 75 15.14 64.95 34.30
CA SER K 75 15.96 66.14 34.06
C SER K 75 16.93 66.38 35.20
N LYS K 76 16.59 65.93 36.40
CA LYS K 76 17.45 66.08 37.56
C LYS K 76 17.84 64.74 38.17
N ASN K 77 17.46 63.64 37.50
CA ASN K 77 17.57 62.27 38.02
C ASN K 77 16.87 62.15 39.37
N GLN K 78 15.62 62.56 39.40
CA GLN K 78 14.82 62.58 40.61
C GLN K 78 13.55 61.81 40.39
N PHE K 79 12.91 61.40 41.48
CA PHE K 79 11.69 60.62 41.40
C PHE K 79 10.53 61.44 41.93
N SER K 80 9.35 60.89 41.79
CA SER K 80 8.14 61.51 42.32
C SER K 80 7.33 60.45 43.03
N LEU K 81 7.16 60.60 44.33
CA LEU K 81 6.30 59.75 45.12
C LEU K 81 5.19 60.64 45.65
N LYS K 82 4.10 60.73 44.90
CA LYS K 82 2.99 61.59 45.28
C LYS K 82 1.88 60.79 45.93
N LEU K 83 1.10 61.46 46.75
CA LEU K 83 0.01 60.83 47.47
C LEU K 83 -1.24 61.68 47.34
N SER K 84 -2.37 61.09 47.72
CA SER K 84 -3.56 61.86 47.98
C SER K 84 -3.60 62.21 49.46
N SER K 85 -4.76 62.66 49.95
CA SER K 85 -4.90 63.04 51.35
C SER K 85 -4.90 61.78 52.20
N VAL K 86 -3.69 61.33 52.52
CA VAL K 86 -3.48 60.12 53.30
C VAL K 86 -3.47 60.51 54.77
N THR K 87 -4.19 59.74 55.58
CA THR K 87 -4.35 60.05 56.99
C THR K 87 -3.10 59.65 57.78
N ALA K 88 -3.22 59.66 59.11
CA ALA K 88 -2.15 59.22 59.99
C ALA K 88 -2.10 57.72 60.16
N ALA K 89 -2.82 56.97 59.32
CA ALA K 89 -2.73 55.52 59.32
C ALA K 89 -1.49 55.01 58.59
N ASP K 90 -0.73 55.90 57.95
CA ASP K 90 0.42 55.51 57.15
C ASP K 90 1.65 56.27 57.56
N THR K 91 1.83 56.45 58.87
CA THR K 91 3.06 57.01 59.43
C THR K 91 4.13 55.93 59.36
N ALA K 92 4.74 55.80 58.19
CA ALA K 92 5.64 54.68 57.94
C ALA K 92 6.99 55.20 57.46
N VAL K 93 8.03 54.40 57.72
CA VAL K 93 9.36 54.70 57.20
C VAL K 93 9.37 54.41 55.71
N TYR K 94 9.84 55.37 54.93
CA TYR K 94 9.74 55.29 53.48
C TYR K 94 11.10 55.02 52.88
N TYR K 95 11.12 54.18 51.84
CA TYR K 95 12.35 53.67 51.23
C TYR K 95 12.34 53.94 49.74
N CYS K 96 13.39 54.61 49.25
CA CYS K 96 13.64 54.69 47.83
C CYS K 96 14.23 53.38 47.34
N ALA K 97 13.88 52.99 46.13
CA ALA K 97 14.06 51.60 45.72
C ALA K 97 14.48 51.46 44.26
N ARG K 98 15.25 50.40 43.99
CA ARG K 98 15.77 50.10 42.66
C ARG K 98 15.53 48.64 42.28
N ASN K 99 14.49 48.39 41.49
CA ASN K 99 14.34 47.07 40.88
C ASN K 99 15.29 46.98 39.70
N ALA K 100 16.48 46.44 39.96
CA ALA K 100 17.38 46.12 38.87
C ALA K 100 16.88 44.88 38.15
N ILE K 101 17.04 44.86 36.83
CA ILE K 101 16.65 43.69 36.06
C ILE K 101 17.85 43.18 35.29
N THR K 102 17.66 42.11 34.53
CA THR K 102 18.70 41.55 33.69
C THR K 102 18.10 41.26 32.32
N ILE K 103 18.64 41.91 31.29
CA ILE K 103 18.12 41.73 29.94
C ILE K 103 18.48 40.34 29.46
N PHE K 104 17.47 39.52 29.26
CA PHE K 104 17.69 38.16 28.81
C PHE K 104 17.82 38.09 27.30
N GLY K 105 16.76 38.47 26.59
CA GLY K 105 16.75 38.43 25.14
C GLY K 105 16.33 39.74 24.53
N VAL K 106 15.27 39.72 23.73
CA VAL K 106 14.74 40.91 23.11
C VAL K 106 13.99 41.73 24.16
N VAL K 107 14.38 42.99 24.32
CA VAL K 107 13.78 43.81 25.35
C VAL K 107 12.38 44.27 24.98
N ILE K 108 12.04 44.27 23.69
CA ILE K 108 10.77 44.83 23.25
C ILE K 108 9.63 43.91 23.62
N ILE K 109 9.81 42.60 23.44
CA ILE K 109 8.82 41.63 23.89
C ILE K 109 8.86 41.42 25.39
N GLY K 110 9.78 42.08 26.10
CA GLY K 110 9.84 41.96 27.54
C GLY K 110 10.44 40.65 27.94
N GLU K 111 11.61 40.36 27.40
CA GLU K 111 12.26 39.08 27.62
C GLU K 111 13.47 39.36 28.50
N TYR K 112 13.24 39.35 29.81
CA TYR K 112 14.26 39.75 30.75
C TYR K 112 13.96 39.07 32.07
N TYR K 113 14.94 39.09 32.96
CA TYR K 113 14.76 38.55 34.29
C TYR K 113 14.73 39.70 35.26
N TYR K 114 13.73 39.71 36.14
CA TYR K 114 13.80 40.58 37.28
C TYR K 114 14.92 40.09 38.17
N TYR K 115 16.04 40.78 38.13
CA TYR K 115 17.02 40.62 39.18
C TYR K 115 16.43 41.15 40.47
N GLY K 116 17.03 40.76 41.59
CA GLY K 116 16.56 41.24 42.87
C GLY K 116 16.70 42.75 42.99
N MET K 117 15.80 43.33 43.77
CA MET K 117 15.82 44.76 44.01
C MET K 117 17.12 45.13 44.72
N ASP K 118 17.93 45.92 44.05
CA ASP K 118 19.36 45.97 44.35
C ASP K 118 19.67 46.92 45.51
N VAL K 119 19.45 48.21 45.30
CA VAL K 119 20.03 49.23 46.16
C VAL K 119 18.90 50.00 46.83
N TRP K 120 18.98 50.12 48.14
CA TRP K 120 17.94 50.74 48.94
C TRP K 120 18.16 52.23 49.11
N GLY K 121 17.13 52.90 49.63
CA GLY K 121 17.22 54.29 49.95
C GLY K 121 17.85 54.52 51.32
N GLN K 122 17.22 55.35 52.12
CA GLN K 122 17.78 55.72 53.40
C GLN K 122 16.86 55.51 54.58
N GLY K 123 15.57 55.81 54.42
CA GLY K 123 14.65 55.75 55.54
C GLY K 123 14.02 57.09 55.84
N THR K 124 12.74 57.23 55.54
CA THR K 124 12.05 58.50 55.70
C THR K 124 10.95 58.31 56.72
N THR K 125 11.25 58.69 57.96
CA THR K 125 10.30 58.58 59.05
C THR K 125 9.25 59.68 58.91
N VAL K 126 8.18 59.39 58.19
CA VAL K 126 7.11 60.35 57.98
C VAL K 126 6.15 60.27 59.16
N THR K 127 6.01 61.38 59.86
CA THR K 127 5.12 61.49 61.01
C THR K 127 3.92 62.32 60.62
N VAL K 128 2.73 61.74 60.69
CA VAL K 128 1.53 62.46 60.30
C VAL K 128 0.74 62.87 61.52
N GLU L 3 -1.66 38.77 50.81
CA GLU L 3 -1.46 38.09 49.54
C GLU L 3 -0.47 36.94 49.68
N LEU L 4 0.41 37.02 50.69
CA LEU L 4 1.42 36.01 50.91
C LEU L 4 1.46 35.62 52.39
N THR L 5 1.57 34.33 52.63
CA THR L 5 1.61 33.79 53.98
C THR L 5 3.05 33.52 54.37
N GLN L 6 3.42 33.88 55.61
CA GLN L 6 4.76 33.70 56.04
C GLN L 6 4.77 33.43 57.54
N PRO L 7 5.51 32.44 58.00
CA PRO L 7 5.59 32.16 59.44
C PRO L 7 6.31 33.29 60.17
N PRO L 8 5.70 33.82 61.23
CA PRO L 8 6.21 35.08 61.80
C PRO L 8 7.48 34.91 62.60
N SER L 9 7.66 33.78 63.28
CA SER L 9 8.83 33.61 64.13
C SER L 9 9.25 32.15 64.16
N VAL L 10 10.51 31.90 63.87
CA VAL L 10 11.11 30.58 63.99
C VAL L 10 12.41 30.74 64.74
N SER L 11 12.53 30.05 65.88
CA SER L 11 13.75 30.08 66.67
C SER L 11 14.45 28.73 66.58
N VAL L 12 15.79 28.78 66.61
CA VAL L 12 16.62 27.59 66.55
C VAL L 12 17.70 27.68 67.63
N SER L 13 18.56 26.68 67.63
CA SER L 13 19.83 26.62 68.33
C SER L 13 20.95 26.73 67.30
N PRO L 14 22.19 26.99 67.72
CA PRO L 14 23.30 27.00 66.75
C PRO L 14 23.57 25.63 66.15
N GLY L 15 24.22 25.66 64.99
CA GLY L 15 24.60 24.45 64.29
C GLY L 15 23.48 23.73 63.59
N GLN L 16 22.30 24.34 63.47
CA GLN L 16 21.16 23.69 62.89
C GLN L 16 21.01 24.05 61.42
N THR L 17 19.88 23.68 60.84
CA THR L 17 19.53 24.04 59.47
C THR L 17 18.13 24.63 59.47
N ALA L 18 18.03 25.92 59.20
CA ALA L 18 16.74 26.60 59.23
C ALA L 18 16.00 26.41 57.92
N ARG L 19 14.68 26.27 58.01
CA ARG L 19 13.82 26.12 56.85
C ARG L 19 12.64 27.07 57.01
N ILE L 20 12.58 28.08 56.15
CA ILE L 20 11.56 29.10 56.21
C ILE L 20 10.80 29.06 54.90
N THR L 21 9.48 29.05 54.99
CA THR L 21 8.63 28.92 53.82
C THR L 21 7.82 30.19 53.60
N CYS L 22 7.23 30.27 52.42
CA CYS L 22 6.14 31.20 52.16
C CYS L 22 5.12 30.45 51.31
N SER L 23 3.88 30.91 51.39
CA SER L 23 2.81 30.30 50.63
C SER L 23 2.13 31.35 49.76
N GLY L 24 1.59 30.89 48.64
CA GLY L 24 0.97 31.80 47.68
C GLY L 24 0.53 31.11 46.41
N ASP L 25 -0.58 31.59 45.85
CA ASP L 25 -1.15 30.94 44.67
C ASP L 25 -0.41 31.29 43.41
N ALA L 26 0.24 32.45 43.36
CA ALA L 26 1.03 32.81 42.20
C ALA L 26 2.38 32.11 42.17
N LEU L 27 2.75 31.44 43.27
CA LEU L 27 4.05 30.77 43.33
C LEU L 27 4.25 29.61 42.36
N PRO L 28 3.24 28.86 41.90
CA PRO L 28 3.48 28.00 40.73
C PRO L 28 3.71 28.76 39.43
N LYS L 29 3.50 30.07 39.39
CA LYS L 29 3.74 30.82 38.16
C LYS L 29 4.73 31.95 38.32
N GLN L 30 5.16 32.29 39.53
CA GLN L 30 6.05 33.41 39.73
C GLN L 30 7.29 32.98 40.52
N TYR L 31 8.38 33.69 40.30
CA TYR L 31 9.55 33.51 41.14
C TYR L 31 9.31 34.14 42.50
N ALA L 32 10.24 33.87 43.41
CA ALA L 32 10.17 34.43 44.76
C ALA L 32 11.57 34.88 45.16
N TYR L 33 11.67 36.07 45.73
CA TYR L 33 12.96 36.67 46.01
C TYR L 33 13.10 36.85 47.51
N TRP L 34 14.30 36.66 48.03
CA TRP L 34 14.53 36.61 49.46
C TRP L 34 15.44 37.73 49.93
N TYR L 35 15.09 38.33 51.06
CA TYR L 35 15.78 39.49 51.59
C TYR L 35 16.23 39.22 53.02
N GLN L 36 17.03 40.14 53.56
CA GLN L 36 17.51 40.02 54.93
C GLN L 36 17.60 41.40 55.57
N GLN L 37 16.56 41.78 56.32
CA GLN L 37 16.62 42.98 57.13
C GLN L 37 17.42 42.69 58.38
N LYS L 38 18.69 43.06 58.35
CA LYS L 38 19.44 43.19 59.59
C LYS L 38 18.96 44.47 60.31
N PRO L 39 19.07 44.52 61.64
CA PRO L 39 18.48 45.65 62.37
C PRO L 39 19.16 46.97 62.07
N GLY L 40 18.35 47.97 61.74
CA GLY L 40 18.86 49.28 61.38
C GLY L 40 19.62 49.30 60.08
N GLN L 41 19.30 48.38 59.16
CA GLN L 41 20.08 48.22 57.95
C GLN L 41 19.16 48.25 56.74
N ALA L 42 19.77 48.50 55.60
CA ALA L 42 19.10 48.25 54.35
C ALA L 42 19.02 46.74 54.12
N PRO L 43 17.85 46.20 53.84
CA PRO L 43 17.71 44.73 53.77
C PRO L 43 18.30 44.18 52.48
N VAL L 44 19.15 43.19 52.64
CA VAL L 44 20.05 42.73 51.58
C VAL L 44 19.38 41.61 50.81
N LEU L 45 19.46 41.68 49.48
CA LEU L 45 19.09 40.59 48.60
C LEU L 45 19.81 39.30 48.97
N VAL L 46 19.06 38.21 49.07
CA VAL L 46 19.64 36.95 49.50
C VAL L 46 19.53 35.91 48.39
N ILE L 47 18.32 35.58 47.97
CA ILE L 47 18.09 34.57 46.95
C ILE L 47 17.21 35.17 45.86
N TYR L 48 17.70 35.16 44.63
CA TYR L 48 16.87 35.48 43.49
C TYR L 48 16.63 34.24 42.66
N LYS L 49 15.56 34.28 41.86
CA LYS L 49 15.15 33.23 40.92
C LYS L 49 14.94 31.88 41.61
N ASP L 50 14.57 31.92 42.89
CA ASP L 50 14.14 30.81 43.74
C ASP L 50 15.26 29.85 44.11
N SER L 51 16.42 29.98 43.49
CA SER L 51 17.52 29.09 43.82
C SER L 51 18.88 29.75 43.73
N GLU L 52 18.98 31.03 43.42
CA GLU L 52 20.26 31.64 43.09
C GLU L 52 20.60 32.70 44.09
N ARG L 53 21.70 32.58 44.66
CA ARG L 53 22.22 33.70 45.42
C ARG L 53 23.13 34.54 44.53
N PRO L 54 23.25 35.83 44.79
CA PRO L 54 24.23 36.64 44.08
C PRO L 54 25.62 36.40 44.64
N SER L 55 26.58 37.12 44.06
CA SER L 55 27.95 37.05 44.54
C SER L 55 28.07 37.73 45.89
N GLY L 56 29.13 37.38 46.61
CA GLY L 56 29.31 37.91 47.94
C GLY L 56 28.38 37.33 48.97
N ILE L 57 27.81 36.15 48.69
CA ILE L 57 26.85 35.50 49.57
C ILE L 57 27.38 34.12 49.89
N PRO L 58 27.44 33.73 51.16
CA PRO L 58 27.91 32.38 51.50
C PRO L 58 26.92 31.31 51.05
N GLU L 59 27.46 30.11 50.85
CA GLU L 59 26.72 28.98 50.34
C GLU L 59 25.84 28.31 51.39
N ARG L 60 25.81 28.85 52.61
CA ARG L 60 24.90 28.35 53.64
C ARG L 60 23.45 28.56 53.24
N PHE L 61 23.19 29.59 52.44
CA PHE L 61 21.85 29.95 52.03
C PHE L 61 21.46 29.12 50.81
N SER L 62 20.37 28.38 50.94
CA SER L 62 19.83 27.61 49.83
C SER L 62 18.36 27.92 49.67
N GLY L 63 17.80 27.50 48.54
CA GLY L 63 16.41 27.80 48.26
C GLY L 63 15.78 26.88 47.24
N SER L 64 14.53 26.51 47.47
CA SER L 64 13.82 25.62 46.57
C SER L 64 12.34 25.91 46.64
N SER L 65 11.62 25.42 45.64
CA SER L 65 10.19 25.67 45.50
C SER L 65 9.44 24.36 45.47
N SER L 66 8.18 24.41 45.92
CA SER L 66 7.32 23.23 45.88
C SER L 66 5.87 23.71 45.72
N GLY L 67 5.43 23.79 44.46
CA GLY L 67 4.06 24.14 44.15
C GLY L 67 3.72 25.55 44.59
N THR L 68 2.76 25.65 45.50
CA THR L 68 2.38 26.92 46.09
C THR L 68 3.22 27.26 47.31
N THR L 69 4.23 26.44 47.62
CA THR L 69 5.10 26.67 48.76
C THR L 69 6.52 26.85 48.26
N VAL L 70 7.27 27.71 48.95
CA VAL L 70 8.68 27.87 48.66
C VAL L 70 9.43 27.51 49.93
N THR L 71 10.76 27.55 49.87
CA THR L 71 11.55 27.20 51.04
C THR L 71 12.85 27.98 51.04
N LEU L 72 13.04 28.82 52.06
CA LEU L 72 14.32 29.42 52.33
C LEU L 72 15.11 28.50 53.23
N THR L 73 16.33 28.16 52.82
CA THR L 73 17.13 27.16 53.50
C THR L 73 18.46 27.74 53.92
N ILE L 74 18.75 27.70 55.21
CA ILE L 74 20.03 28.15 55.76
C ILE L 74 20.69 26.93 56.38
N SER L 75 21.72 26.41 55.72
CA SER L 75 22.40 25.20 56.21
C SER L 75 23.59 25.60 57.06
N GLY L 76 23.65 25.05 58.27
CA GLY L 76 24.72 25.42 59.18
C GLY L 76 24.51 26.80 59.73
N VAL L 77 23.45 26.96 60.53
CA VAL L 77 23.00 28.27 60.97
C VAL L 77 23.99 28.86 61.97
N GLN L 78 24.43 30.08 61.71
CA GLN L 78 25.26 30.82 62.64
C GLN L 78 24.40 31.74 63.49
N ALA L 79 24.96 32.18 64.62
CA ALA L 79 24.22 33.04 65.53
C ALA L 79 24.11 34.47 65.01
N GLU L 80 25.01 34.88 64.14
CA GLU L 80 25.00 36.24 63.62
C GLU L 80 24.02 36.42 62.47
N ASP L 81 23.42 35.34 62.00
CA ASP L 81 22.45 35.40 60.93
C ASP L 81 21.06 35.76 61.43
N GLU L 82 20.92 36.06 62.72
CA GLU L 82 19.65 36.46 63.31
C GLU L 82 19.25 37.82 62.76
N ALA L 83 18.28 37.82 61.86
CA ALA L 83 17.79 39.04 61.24
C ALA L 83 16.39 38.74 60.72
N ASP L 84 15.76 39.75 60.13
CA ASP L 84 14.50 39.46 59.46
C ASP L 84 14.77 38.85 58.10
N TYR L 85 13.75 38.19 57.55
CA TYR L 85 13.86 37.53 56.26
C TYR L 85 12.53 37.66 55.56
N TYR L 86 12.52 38.32 54.41
CA TYR L 86 11.29 38.64 53.70
C TYR L 86 11.31 37.97 52.34
N CYS L 87 10.21 37.31 52.00
CA CYS L 87 10.03 36.78 50.65
C CYS L 87 9.19 37.76 49.84
N GLN L 88 9.52 37.88 48.56
CA GLN L 88 8.83 38.79 47.65
C GLN L 88 8.42 38.04 46.40
N SER L 89 7.17 38.22 45.98
CA SER L 89 6.75 37.77 44.67
C SER L 89 5.86 38.86 44.08
N ALA L 90 5.12 38.52 43.04
CA ALA L 90 4.29 39.49 42.36
C ALA L 90 2.93 38.86 42.09
N ASP L 91 2.15 39.54 41.25
CA ASP L 91 0.81 39.14 40.88
C ASP L 91 0.82 37.82 40.13
N SER L 92 -0.31 37.12 40.18
CA SER L 92 -0.58 36.04 39.25
C SER L 92 -0.56 36.54 37.82
N SER L 93 -1.08 37.72 37.57
CA SER L 93 -0.96 38.31 36.24
C SER L 93 0.43 38.87 35.98
N GLY L 94 1.24 39.02 37.01
CA GLY L 94 2.57 39.57 36.82
C GLY L 94 2.50 41.07 36.57
N THR L 95 1.79 41.76 37.44
CA THR L 95 1.57 43.18 37.27
C THR L 95 2.14 43.98 38.42
N TYR L 96 1.86 43.60 39.65
CA TYR L 96 2.30 44.34 40.82
C TYR L 96 2.99 43.40 41.78
N TRP L 97 3.96 43.93 42.50
CA TRP L 97 4.73 43.12 43.43
C TRP L 97 4.04 43.07 44.78
N VAL L 98 4.32 42.01 45.52
CA VAL L 98 3.80 41.87 46.87
C VAL L 98 4.93 41.41 47.77
N PHE L 99 4.73 41.56 49.07
CA PHE L 99 5.70 41.15 50.05
C PHE L 99 5.15 40.05 50.94
N GLY L 100 6.07 39.25 51.45
CA GLY L 100 5.73 38.37 52.54
C GLY L 100 5.50 39.17 53.80
N GLY L 101 4.93 38.50 54.80
CA GLY L 101 4.64 39.16 56.05
C GLY L 101 5.89 39.47 56.85
N GLY L 102 6.56 38.44 57.34
CA GLY L 102 7.73 38.64 58.15
C GLY L 102 8.26 37.35 58.72
N THR L 103 9.55 37.33 59.07
CA THR L 103 10.15 36.18 59.70
C THR L 103 11.20 36.66 60.68
N LYS L 104 11.09 36.23 61.93
CA LYS L 104 12.04 36.60 62.96
C LYS L 104 12.79 35.35 63.41
N LEU L 105 14.11 35.38 63.25
CA LEU L 105 14.98 34.30 63.70
C LEU L 105 15.40 34.55 65.14
N THR L 106 15.69 33.47 65.86
CA THR L 106 16.32 33.56 67.17
C THR L 106 17.18 32.33 67.38
N VAL L 107 18.47 32.50 67.28
CA VAL L 107 19.43 31.43 67.49
C VAL L 107 19.78 31.43 68.96
N LEU L 108 20.03 30.23 69.51
CA LEU L 108 20.44 30.00 70.90
C LEU L 108 19.40 30.48 71.90
#